data_4LCW
#
_entry.id   4LCW
#
_cell.length_a   215.915
_cell.length_b   69.361
_cell.length_c   142.829
_cell.angle_alpha   90.00
_cell.angle_beta   104.30
_cell.angle_gamma   90.00
#
_symmetry.space_group_name_H-M   'C 1 2 1'
#
loop_
_entity.id
_entity.type
_entity.pdbx_description
1 polymer 'Major histocompatibility complex class I-related gene protein'
2 polymer Beta-2-microglobulin
3 polymer 'MAIT T cell receptor alpha chain'
4 polymer 'MAIT T cell receptor beta chain'
5 non-polymer GLYCEROL
6 non-polymer 1-deoxy-1-(7-hydroxy-6-methyl-2,4-dioxo-3,4-dihydropteridin-8(2H)-yl)-D-ribitol
7 water water
#
loop_
_entity_poly.entity_id
_entity_poly.type
_entity_poly.pdbx_seq_one_letter_code
_entity_poly.pdbx_strand_id
1 'polypeptide(L)'
;MRTHSLRYFRLGVSDPIHGVPEFISVGYVDSHPITTYDSVTRQAEPRAPWMAENLAPDHWERYTQLLRGWQQMFKVELKR
LQRHYNHSGSHTYQRMIGCELLEDGSTTGFLQYAYDGQDFLIFNKDTLSWLAVDNVAHTIKQAWEANQHELLYQKNWLEE
ECIAWLKRFLEYGKDTLQRTEPPLVRVNRKETFPGVTALFCKAHGFYPPEIYMTWMKNGEEIVQEIDYGDILPSGDGTYQ
AWASIELDPQSSNLYSCHVEHSGVHMVLQVP
;
A,C
2 'polypeptide(L)'
;IQRTPKIQVYSRHPAENGKSNFLNCYVSGFHPSDIEVDLLKNGERIEKVEHSDLSFSKDWSFYLLYYTEFTPTEKDEYAC
RVNHVTLSQPKIVKWDRDM
;
B,F
3 'polypeptide(L)'
;GQNIDQPTEMTATEGAIVQINCTYQTSGFNGLFWYQQHAGEAPTFLSYNVLDGLEEKGRFSSFLSRSKGYSYLLLKELQM
KDSASYLCAVKDSNYQLIWGAGTKLIIKPDIQNPDPAVYQLRDSKSSDKSVCLFTDFDSQTNVSQSKDSDVYITDKCVLD
MRSMDFKSNSAVAWSNKSDFACANAFNNSIIPEDTFFPSPESS
;
D,G
4 'polypeptide(L)'
;NAGVTQTPKFQVLKTGQSMTLQCAQDMNHNSMYWYRQDPGMGLRLIYYSASEGTTDKGEVPNGYNVSRLNKREFSLRLES
AAPSQTSVYFCASSVWTGEGSGELFFGEGSRLTVLEDLKNVFPPEVAVFEPSEAEISHTQKATLVCLATGFYPDHVELSW
WVNGKEVHSGVCTDPQPLKEQPALNDSRYALSSRLRVSATFWQNPRNHFRCQVQFYGLSENDEWTQDRAKPVTQIVSAEA
WGRAD
;
E,H
#
loop_
_chem_comp.id
_chem_comp.type
_chem_comp.name
_chem_comp.formula
1VY non-polymer 1-deoxy-1-(7-hydroxy-6-methyl-2,4-dioxo-3,4-dihydropteridin-8(2H)-yl)-D-ribitol 'C12 H16 N4 O7'
GOL non-polymer GLYCEROL 'C3 H8 O3'
#
# COMPACT_ATOMS: atom_id res chain seq x y z
N MET A 1 32.38 -6.38 9.34
CA MET A 1 31.55 -6.38 8.14
C MET A 1 30.53 -5.24 8.14
N ARG A 2 30.14 -4.82 6.92
CA ARG A 2 29.11 -3.82 6.69
C ARG A 2 27.75 -4.52 6.90
N THR A 3 26.63 -3.82 6.72
CA THR A 3 25.33 -4.44 6.83
C THR A 3 25.07 -5.29 5.59
N HIS A 4 24.53 -6.49 5.79
CA HIS A 4 24.23 -7.40 4.71
C HIS A 4 22.85 -7.97 4.92
N SER A 5 22.23 -8.42 3.85
CA SER A 5 20.90 -8.95 3.92
C SER A 5 20.71 -10.08 2.92
N LEU A 6 19.93 -11.10 3.31
CA LEU A 6 19.51 -12.21 2.47
C LEU A 6 17.97 -12.12 2.30
N ARG A 7 17.46 -12.17 1.04
CA ARG A 7 16.01 -12.11 0.75
C ARG A 7 15.61 -13.13 -0.25
N TYR A 8 14.39 -13.67 -0.12
CA TYR A 8 13.81 -14.58 -1.09
C TYR A 8 12.44 -14.08 -1.44
N PHE A 9 12.21 -13.84 -2.75
CA PHE A 9 10.90 -13.42 -3.24
C PHE A 9 10.24 -14.50 -4.01
N ARG A 10 8.90 -14.49 -4.02
CA ARG A 10 8.03 -15.38 -4.78
C ARG A 10 6.99 -14.55 -5.50
N LEU A 11 6.78 -14.80 -6.78
CA LEU A 11 5.78 -14.12 -7.57
C LEU A 11 4.89 -15.18 -8.25
N GLY A 12 3.59 -15.07 -7.98
CA GLY A 12 2.53 -15.91 -8.51
C GLY A 12 1.62 -15.10 -9.40
N VAL A 13 1.41 -15.55 -10.64
CA VAL A 13 0.57 -14.84 -11.60
C VAL A 13 -0.57 -15.78 -12.11
N SER A 14 -1.82 -15.37 -11.87
CA SER A 14 -2.98 -16.14 -12.35
C SER A 14 -3.30 -15.70 -13.78
N ASP A 15 -3.73 -16.63 -14.67
CA ASP A 15 -4.08 -16.34 -16.09
C ASP A 15 -2.95 -15.59 -16.82
N PRO A 16 -1.71 -16.09 -16.88
CA PRO A 16 -0.66 -15.27 -17.48
C PRO A 16 -0.72 -15.23 -19.01
N ILE A 17 -0.38 -14.04 -19.56
CA ILE A 17 -0.21 -13.72 -20.97
C ILE A 17 0.93 -14.61 -21.48
N HIS A 18 0.95 -14.93 -22.79
CA HIS A 18 2.03 -15.74 -23.35
C HIS A 18 3.37 -15.09 -23.01
N GLY A 19 4.35 -15.93 -22.66
CA GLY A 19 5.70 -15.50 -22.30
C GLY A 19 5.87 -14.99 -20.88
N VAL A 20 4.85 -15.21 -20.00
CA VAL A 20 4.90 -14.79 -18.60
C VAL A 20 4.74 -16.03 -17.71
N PRO A 21 5.73 -16.32 -16.82
CA PRO A 21 5.62 -17.51 -15.96
C PRO A 21 4.54 -17.35 -14.93
N GLU A 22 3.91 -18.45 -14.55
CA GLU A 22 2.87 -18.51 -13.52
C GLU A 22 3.50 -18.30 -12.10
N PHE A 23 4.77 -18.72 -11.95
CA PHE A 23 5.53 -18.67 -10.71
C PHE A 23 7.00 -18.40 -10.96
N ILE A 24 7.55 -17.45 -10.17
CA ILE A 24 8.97 -17.09 -10.12
C ILE A 24 9.41 -17.02 -8.65
N SER A 25 10.66 -17.44 -8.37
CA SER A 25 11.28 -17.30 -7.07
C SER A 25 12.75 -16.98 -7.24
N VAL A 26 13.16 -15.84 -6.69
CA VAL A 26 14.55 -15.39 -6.79
C VAL A 26 15.04 -15.08 -5.41
N GLY A 27 16.31 -15.42 -5.17
CA GLY A 27 17.02 -15.13 -3.94
C GLY A 27 18.04 -14.05 -4.17
N TYR A 28 18.30 -13.21 -3.15
CA TYR A 28 19.26 -12.10 -3.19
C TYR A 28 20.07 -11.98 -1.95
N VAL A 29 21.35 -11.71 -2.14
CA VAL A 29 22.23 -11.34 -1.03
C VAL A 29 22.57 -9.91 -1.42
N ASP A 30 22.03 -8.94 -0.67
CA ASP A 30 22.15 -7.50 -0.96
C ASP A 30 21.49 -7.22 -2.33
N SER A 31 22.22 -6.60 -3.27
CA SER A 31 21.75 -6.28 -4.63
C SER A 31 21.96 -7.44 -5.59
N HIS A 32 22.73 -8.47 -5.18
CA HIS A 32 23.10 -9.60 -6.02
C HIS A 32 22.12 -10.77 -6.06
N PRO A 33 21.65 -11.11 -7.28
CA PRO A 33 20.85 -12.35 -7.47
C PRO A 33 21.69 -13.59 -7.12
N ILE A 34 21.10 -14.60 -6.46
CA ILE A 34 21.93 -15.76 -6.08
C ILE A 34 21.32 -17.08 -6.55
N THR A 35 19.97 -17.16 -6.60
CA THR A 35 19.21 -18.34 -7.03
C THR A 35 18.02 -17.90 -7.84
N THR A 36 17.52 -18.78 -8.71
CA THR A 36 16.32 -18.54 -9.50
C THR A 36 15.56 -19.83 -9.75
N TYR A 37 14.26 -19.69 -9.97
CA TYR A 37 13.37 -20.78 -10.28
C TYR A 37 12.14 -20.20 -10.93
N ASP A 38 11.62 -20.88 -11.94
CA ASP A 38 10.36 -20.48 -12.54
C ASP A 38 9.61 -21.72 -12.99
N SER A 39 8.29 -21.56 -13.13
CA SER A 39 7.34 -22.59 -13.52
C SER A 39 7.57 -23.07 -14.98
N VAL A 40 8.43 -22.39 -15.75
CA VAL A 40 8.75 -22.74 -17.14
C VAL A 40 9.92 -23.73 -17.15
N THR A 41 11.06 -23.39 -16.49
CA THR A 41 12.22 -24.27 -16.38
C THR A 41 11.99 -25.41 -15.38
N ARG A 42 11.29 -25.12 -14.28
CA ARG A 42 11.01 -26.01 -13.15
C ARG A 42 12.32 -26.53 -12.47
N GLN A 43 13.38 -25.73 -12.51
CA GLN A 43 14.70 -26.03 -11.95
C GLN A 43 15.24 -24.90 -11.09
N ALA A 44 15.76 -25.23 -9.90
CA ALA A 44 16.44 -24.27 -9.04
C ALA A 44 17.86 -24.13 -9.54
N GLU A 45 18.24 -22.90 -9.93
CA GLU A 45 19.54 -22.56 -10.53
C GLU A 45 20.30 -21.46 -9.81
N PRO A 46 21.65 -21.50 -9.78
CA PRO A 46 22.39 -20.37 -9.22
C PRO A 46 22.38 -19.19 -10.20
N ARG A 47 22.55 -17.96 -9.69
CA ARG A 47 22.57 -16.75 -10.51
C ARG A 47 23.82 -15.92 -10.16
N ALA A 48 24.73 -16.54 -9.40
CA ALA A 48 26.04 -16.01 -9.01
C ALA A 48 27.08 -17.13 -9.16
N PRO A 49 28.23 -16.87 -9.82
CA PRO A 49 29.24 -17.94 -9.98
C PRO A 49 29.72 -18.54 -8.65
N TRP A 50 29.82 -17.74 -7.58
CA TRP A 50 30.23 -18.21 -6.25
C TRP A 50 29.14 -19.08 -5.56
N MET A 51 27.91 -19.10 -6.08
CA MET A 51 26.83 -19.96 -5.57
C MET A 51 26.95 -21.36 -6.22
N ALA A 52 27.24 -21.34 -7.53
CA ALA A 52 27.42 -22.50 -8.40
C ALA A 52 28.62 -23.34 -7.93
N GLU A 53 29.75 -22.66 -7.62
CA GLU A 53 31.04 -23.20 -7.19
C GLU A 53 31.06 -23.76 -5.77
N ASN A 54 30.19 -23.26 -4.87
CA ASN A 54 30.22 -23.68 -3.44
C ASN A 54 28.99 -24.51 -2.98
N LEU A 55 27.98 -24.67 -3.81
CA LEU A 55 26.84 -25.49 -3.40
C LEU A 55 26.71 -26.68 -4.36
N ALA A 56 26.94 -27.87 -3.80
CA ALA A 56 26.97 -29.15 -4.48
C ALA A 56 25.63 -29.48 -5.11
N PRO A 57 25.62 -30.22 -6.26
CA PRO A 57 24.37 -30.56 -6.96
C PRO A 57 23.17 -30.98 -6.11
N ASP A 58 23.39 -31.70 -4.98
CA ASP A 58 22.33 -32.14 -4.06
C ASP A 58 21.47 -30.97 -3.53
N HIS A 59 22.10 -29.78 -3.33
CA HIS A 59 21.42 -28.56 -2.88
C HIS A 59 20.40 -28.12 -3.94
N TRP A 60 20.82 -28.09 -5.23
CA TRP A 60 19.97 -27.68 -6.36
C TRP A 60 18.85 -28.68 -6.60
N GLU A 61 19.16 -30.00 -6.51
CA GLU A 61 18.17 -31.08 -6.63
C GLU A 61 17.11 -30.98 -5.50
N ARG A 62 17.55 -30.68 -4.27
CA ARG A 62 16.66 -30.57 -3.14
C ARG A 62 15.71 -29.34 -3.28
N TYR A 63 16.26 -28.18 -3.58
CA TYR A 63 15.50 -26.95 -3.70
C TYR A 63 14.64 -26.95 -4.93
N THR A 64 15.01 -27.69 -6.00
CA THR A 64 14.13 -27.86 -7.16
C THR A 64 12.78 -28.47 -6.72
N GLN A 65 12.82 -29.47 -5.84
CA GLN A 65 11.67 -30.20 -5.34
C GLN A 65 10.80 -29.39 -4.42
N LEU A 66 11.42 -28.56 -3.57
CA LEU A 66 10.73 -27.69 -2.63
C LEU A 66 10.03 -26.58 -3.38
N LEU A 67 10.74 -26.02 -4.39
CA LEU A 67 10.19 -24.95 -5.21
C LEU A 67 9.00 -25.44 -6.06
N ARG A 68 9.03 -26.72 -6.50
CA ARG A 68 7.91 -27.34 -7.24
C ARG A 68 6.67 -27.41 -6.35
N GLY A 69 6.87 -27.71 -5.06
CA GLY A 69 5.81 -27.75 -4.07
C GLY A 69 5.34 -26.37 -3.66
N TRP A 70 6.30 -25.40 -3.56
CA TRP A 70 5.97 -24.01 -3.22
C TRP A 70 5.20 -23.39 -4.37
N GLN A 71 5.57 -23.72 -5.59
CA GLN A 71 4.83 -23.29 -6.80
C GLN A 71 3.35 -23.70 -6.66
N GLN A 72 3.10 -24.99 -6.31
CA GLN A 72 1.75 -25.54 -6.14
C GLN A 72 0.94 -24.82 -5.04
N MET A 73 1.58 -24.58 -3.90
CA MET A 73 1.05 -23.88 -2.73
C MET A 73 0.60 -22.44 -3.09
N PHE A 74 1.46 -21.72 -3.83
CA PHE A 74 1.22 -20.35 -4.27
C PHE A 74 0.03 -20.27 -5.26
N LYS A 75 -0.08 -21.23 -6.22
CA LYS A 75 -1.17 -21.27 -7.20
C LYS A 75 -2.56 -21.39 -6.52
N VAL A 76 -2.60 -22.17 -5.44
CA VAL A 76 -3.76 -22.48 -4.62
C VAL A 76 -4.10 -21.32 -3.67
N GLU A 77 -3.11 -20.70 -3.02
CA GLU A 77 -3.39 -19.53 -2.13
C GLU A 77 -3.97 -18.36 -2.94
N LEU A 78 -3.44 -18.13 -4.17
CA LEU A 78 -3.90 -17.08 -5.07
C LEU A 78 -5.38 -17.32 -5.50
N LYS A 79 -5.77 -18.58 -5.76
CA LYS A 79 -7.15 -18.97 -6.11
C LYS A 79 -8.11 -18.67 -4.94
N ARG A 80 -7.69 -19.01 -3.70
CA ARG A 80 -8.46 -18.74 -2.49
C ARG A 80 -8.62 -17.26 -2.27
N LEU A 81 -7.56 -16.47 -2.54
CA LEU A 81 -7.56 -15.00 -2.42
C LEU A 81 -8.53 -14.36 -3.39
N GLN A 82 -8.44 -14.71 -4.68
CA GLN A 82 -9.34 -14.23 -5.71
C GLN A 82 -10.80 -14.55 -5.34
N ARG A 83 -11.05 -15.77 -4.84
CA ARG A 83 -12.37 -16.18 -4.39
C ARG A 83 -12.84 -15.29 -3.24
N HIS A 84 -11.95 -14.93 -2.31
CA HIS A 84 -12.31 -14.05 -1.19
C HIS A 84 -12.71 -12.65 -1.64
N TYR A 85 -12.08 -12.14 -2.71
CA TYR A 85 -12.28 -10.81 -3.27
C TYR A 85 -13.34 -10.75 -4.40
N ASN A 86 -13.77 -11.92 -4.92
CA ASN A 86 -14.70 -12.04 -6.04
C ASN A 86 -14.04 -11.36 -7.25
N HIS A 87 -12.76 -11.76 -7.50
CA HIS A 87 -11.89 -11.27 -8.57
C HIS A 87 -11.70 -12.33 -9.64
N SER A 88 -11.61 -11.86 -10.88
CA SER A 88 -11.41 -12.71 -12.03
C SER A 88 -10.25 -12.16 -12.86
N GLY A 89 -9.72 -12.98 -13.74
CA GLY A 89 -8.63 -12.55 -14.60
C GLY A 89 -7.28 -12.74 -13.95
N SER A 90 -6.34 -11.89 -14.35
CA SER A 90 -4.97 -11.93 -13.91
C SER A 90 -4.73 -11.03 -12.72
N HIS A 91 -4.30 -11.67 -11.63
CA HIS A 91 -3.94 -11.05 -10.36
C HIS A 91 -2.58 -11.59 -9.97
N THR A 92 -1.85 -10.86 -9.09
CA THR A 92 -0.53 -11.29 -8.63
C THR A 92 -0.51 -11.52 -7.14
N TYR A 93 0.33 -12.47 -6.71
CA TYR A 93 0.59 -12.83 -5.34
C TYR A 93 2.11 -12.85 -5.16
N GLN A 94 2.60 -12.16 -4.14
CA GLN A 94 4.01 -12.05 -3.85
C GLN A 94 4.26 -12.25 -2.38
N ARG A 95 5.43 -12.79 -2.10
CA ARG A 95 5.98 -13.05 -0.79
C ARG A 95 7.40 -12.56 -0.79
N MET A 96 7.84 -12.03 0.35
CA MET A 96 9.22 -11.64 0.59
C MET A 96 9.59 -12.10 2.01
N ILE A 97 10.61 -12.93 2.09
CA ILE A 97 11.18 -13.39 3.34
C ILE A 97 12.64 -12.99 3.37
N GLY A 98 13.15 -12.65 4.55
CA GLY A 98 14.54 -12.27 4.63
C GLY A 98 15.05 -11.86 5.98
N CYS A 99 16.34 -11.50 6.01
CA CYS A 99 17.01 -11.11 7.23
C CYS A 99 18.16 -10.19 6.92
N GLU A 100 18.59 -9.44 7.94
CA GLU A 100 19.71 -8.54 7.86
C GLU A 100 20.67 -8.78 9.01
N LEU A 101 21.95 -8.75 8.73
CA LEU A 101 23.04 -8.78 9.69
C LEU A 101 23.58 -7.37 9.74
N LEU A 102 23.32 -6.61 10.83
CA LEU A 102 23.81 -5.23 10.89
C LEU A 102 25.26 -5.21 11.34
N GLU A 103 25.95 -4.07 11.11
CA GLU A 103 27.35 -3.81 11.49
C GLU A 103 27.63 -4.13 12.97
N ASP A 104 26.79 -3.63 13.91
CA ASP A 104 26.92 -3.85 15.37
C ASP A 104 26.64 -5.32 15.82
N GLY A 105 26.25 -6.17 14.88
CA GLY A 105 25.98 -7.59 15.11
C GLY A 105 24.52 -7.91 15.39
N SER A 106 23.66 -6.89 15.56
CA SER A 106 22.23 -7.15 15.78
C SER A 106 21.62 -7.66 14.45
N THR A 107 20.40 -8.20 14.50
CA THR A 107 19.75 -8.78 13.32
C THR A 107 18.29 -8.37 13.19
N THR A 108 17.78 -8.45 11.97
CA THR A 108 16.36 -8.19 11.67
C THR A 108 15.88 -9.36 10.83
N GLY A 109 14.58 -9.56 10.83
CA GLY A 109 13.94 -10.59 10.04
C GLY A 109 12.58 -10.06 9.62
N PHE A 110 12.20 -10.34 8.38
CA PHE A 110 10.91 -9.89 7.86
C PHE A 110 10.35 -10.98 6.97
N LEU A 111 9.03 -11.09 7.00
CA LEU A 111 8.26 -12.01 6.21
C LEU A 111 6.92 -11.32 5.91
N GLN A 112 6.65 -11.06 4.61
CA GLN A 112 5.43 -10.36 4.23
C GLN A 112 4.86 -10.82 2.91
N TYR A 113 3.57 -10.52 2.72
CA TYR A 113 2.78 -10.87 1.57
C TYR A 113 2.11 -9.67 0.98
N ALA A 114 1.95 -9.71 -0.36
CA ALA A 114 1.30 -8.69 -1.18
C ALA A 114 0.35 -9.33 -2.17
N TYR A 115 -0.84 -8.72 -2.33
CA TYR A 115 -1.84 -9.11 -3.29
C TYR A 115 -2.02 -7.97 -4.27
N ASP A 116 -1.71 -8.22 -5.57
CA ASP A 116 -1.77 -7.23 -6.65
C ASP A 116 -0.80 -6.06 -6.36
N GLY A 117 0.40 -6.39 -5.86
CA GLY A 117 1.47 -5.45 -5.55
C GLY A 117 1.21 -4.54 -4.38
N GLN A 118 0.18 -4.83 -3.58
CA GLN A 118 -0.15 -4.07 -2.36
C GLN A 118 -0.01 -4.93 -1.12
N ASP A 119 0.43 -4.31 0.01
CA ASP A 119 0.58 -4.92 1.32
C ASP A 119 -0.69 -5.67 1.72
N PHE A 120 -0.53 -6.93 2.12
CA PHE A 120 -1.64 -7.82 2.44
C PHE A 120 -1.49 -8.36 3.89
N LEU A 121 -0.36 -9.06 4.19
CA LEU A 121 -0.06 -9.65 5.50
C LEU A 121 1.41 -9.45 5.88
N ILE A 122 1.66 -9.06 7.14
CA ILE A 122 3.00 -8.78 7.65
C ILE A 122 3.18 -9.54 8.95
N PHE A 123 4.20 -10.39 8.99
CA PHE A 123 4.46 -11.18 10.18
C PHE A 123 5.19 -10.35 11.18
N ASN A 124 4.75 -10.48 12.44
CA ASN A 124 5.40 -9.87 13.61
C ASN A 124 6.00 -11.01 14.42
N LYS A 125 7.28 -11.30 14.20
CA LYS A 125 7.93 -12.43 14.88
C LYS A 125 8.14 -12.20 16.41
N ASP A 126 7.84 -11.02 16.94
CA ASP A 126 8.09 -10.72 18.35
C ASP A 126 6.84 -10.93 19.18
N THR A 127 5.67 -10.94 18.54
CA THR A 127 4.41 -11.23 19.21
C THR A 127 3.79 -12.50 18.59
N LEU A 128 4.49 -13.07 17.58
CA LEU A 128 4.12 -14.25 16.78
C LEU A 128 2.72 -14.05 16.26
N SER A 129 2.53 -12.95 15.54
CA SER A 129 1.22 -12.64 14.96
C SER A 129 1.39 -12.08 13.57
N TRP A 130 0.29 -12.08 12.82
CA TRP A 130 0.15 -11.53 11.48
C TRP A 130 -0.66 -10.24 11.50
N LEU A 131 -0.14 -9.20 10.81
CA LEU A 131 -0.85 -7.94 10.67
C LEU A 131 -1.54 -7.95 9.31
N ALA A 132 -2.89 -7.91 9.34
CA ALA A 132 -3.80 -7.94 8.19
C ALA A 132 -4.25 -6.55 7.78
N VAL A 133 -4.23 -6.23 6.46
CA VAL A 133 -4.65 -4.90 5.97
C VAL A 133 -6.19 -4.75 5.82
N ASP A 134 -6.94 -5.85 5.56
CA ASP A 134 -8.38 -5.77 5.40
C ASP A 134 -9.04 -7.02 5.94
N ASN A 135 -10.38 -7.15 5.72
CA ASN A 135 -11.17 -8.30 6.20
C ASN A 135 -10.73 -9.61 5.58
N VAL A 136 -10.33 -9.57 4.30
CA VAL A 136 -9.87 -10.74 3.54
C VAL A 136 -8.54 -11.21 4.14
N ALA A 137 -7.63 -10.25 4.38
CA ALA A 137 -6.34 -10.52 5.01
C ALA A 137 -6.56 -11.04 6.42
N HIS A 138 -7.58 -10.50 7.13
CA HIS A 138 -7.93 -10.88 8.51
C HIS A 138 -8.39 -12.34 8.60
N THR A 139 -9.14 -12.82 7.59
CA THR A 139 -9.65 -14.19 7.48
C THR A 139 -8.47 -15.15 7.36
N ILE A 140 -7.47 -14.81 6.52
CA ILE A 140 -6.26 -15.60 6.29
C ILE A 140 -5.42 -15.69 7.58
N LYS A 141 -5.15 -14.54 8.21
CA LYS A 141 -4.44 -14.36 9.48
C LYS A 141 -5.01 -15.31 10.57
N GLN A 142 -6.37 -15.34 10.69
CA GLN A 142 -7.07 -16.14 11.70
C GLN A 142 -6.69 -17.59 11.57
N ALA A 143 -6.62 -18.11 10.32
CA ALA A 143 -6.21 -19.47 10.02
C ALA A 143 -4.72 -19.70 10.33
N TRP A 144 -3.83 -18.80 9.86
CA TRP A 144 -2.39 -18.89 10.05
C TRP A 144 -1.95 -18.81 11.53
N GLU A 145 -2.68 -18.01 12.34
CA GLU A 145 -2.38 -17.87 13.78
C GLU A 145 -2.93 -19.05 14.64
N ALA A 146 -3.71 -19.99 14.04
CA ALA A 146 -4.22 -21.18 14.74
C ALA A 146 -3.11 -22.22 14.92
N ASN A 147 -2.13 -22.25 13.99
CA ASN A 147 -0.97 -23.15 13.97
C ASN A 147 0.20 -22.49 14.72
N GLN A 148 0.26 -22.71 16.05
CA GLN A 148 1.28 -22.14 16.94
C GLN A 148 2.70 -22.67 16.61
N HIS A 149 2.83 -23.94 16.13
CA HIS A 149 4.12 -24.55 15.78
C HIS A 149 4.70 -23.94 14.51
N GLU A 150 3.85 -23.58 13.55
CA GLU A 150 4.25 -22.89 12.32
C GLU A 150 4.85 -21.48 12.66
N LEU A 151 4.16 -20.72 13.54
CA LEU A 151 4.61 -19.40 14.01
C LEU A 151 6.01 -19.50 14.64
N LEU A 152 6.21 -20.56 15.47
CA LEU A 152 7.48 -20.79 16.17
C LEU A 152 8.56 -21.17 15.18
N TYR A 153 8.19 -21.97 14.18
CA TYR A 153 9.10 -22.40 13.13
C TYR A 153 9.56 -21.16 12.34
N GLN A 154 8.61 -20.26 11.97
CA GLN A 154 8.89 -19.04 11.22
C GLN A 154 9.86 -18.14 11.95
N LYS A 155 9.66 -17.98 13.29
CA LYS A 155 10.52 -17.16 14.11
C LYS A 155 11.93 -17.74 14.13
N ASN A 156 12.05 -19.06 14.36
CA ASN A 156 13.34 -19.73 14.40
C ASN A 156 14.08 -19.58 13.08
N TRP A 157 13.37 -19.71 11.93
CA TRP A 157 13.96 -19.57 10.60
C TRP A 157 14.46 -18.17 10.37
N LEU A 158 13.66 -17.15 10.75
CA LEU A 158 14.04 -15.73 10.57
C LEU A 158 15.23 -15.34 11.42
N GLU A 159 15.26 -15.78 12.68
CA GLU A 159 16.33 -15.41 13.62
C GLU A 159 17.62 -16.25 13.53
N GLU A 160 17.49 -17.56 13.29
CA GLU A 160 18.65 -18.44 13.30
C GLU A 160 19.05 -18.91 11.94
N GLU A 161 18.12 -19.58 11.23
CA GLU A 161 18.38 -20.21 9.94
C GLU A 161 18.78 -19.25 8.84
N CYS A 162 18.08 -18.12 8.72
CA CYS A 162 18.36 -17.11 7.71
C CYS A 162 19.72 -16.49 7.97
N ILE A 163 20.04 -16.16 9.25
CA ILE A 163 21.34 -15.52 9.56
C ILE A 163 22.51 -16.46 9.20
N ALA A 164 22.38 -17.76 9.54
CA ALA A 164 23.36 -18.79 9.28
C ALA A 164 23.58 -18.95 7.76
N TRP A 165 22.47 -18.95 6.94
CA TRP A 165 22.59 -19.03 5.48
C TRP A 165 23.37 -17.82 4.94
N LEU A 166 22.95 -16.62 5.33
CA LEU A 166 23.56 -15.36 4.95
C LEU A 166 25.09 -15.33 5.28
N LYS A 167 25.48 -15.80 6.47
CA LYS A 167 26.88 -15.83 6.89
C LYS A 167 27.68 -16.79 6.01
N ARG A 168 27.06 -17.87 5.53
CA ARG A 168 27.64 -18.84 4.61
C ARG A 168 27.88 -18.24 3.25
N PHE A 169 26.87 -17.52 2.72
CA PHE A 169 26.88 -16.86 1.41
C PHE A 169 27.84 -15.69 1.40
N LEU A 170 27.95 -14.96 2.54
CA LEU A 170 28.92 -13.85 2.66
C LEU A 170 30.34 -14.35 2.54
N GLU A 171 30.64 -15.55 3.10
CA GLU A 171 31.96 -16.17 2.98
C GLU A 171 32.17 -16.69 1.54
N TYR A 172 31.17 -17.39 0.94
CA TYR A 172 31.28 -17.88 -0.44
C TYR A 172 31.55 -16.73 -1.42
N GLY A 173 30.77 -15.67 -1.30
CA GLY A 173 30.87 -14.51 -2.20
C GLY A 173 31.68 -13.35 -1.72
N LYS A 174 32.59 -13.61 -0.77
CA LYS A 174 33.50 -12.69 -0.10
C LYS A 174 34.16 -11.69 -1.05
N ASP A 175 34.75 -12.15 -2.17
CA ASP A 175 35.48 -11.30 -3.12
C ASP A 175 34.59 -10.29 -3.84
N THR A 176 33.27 -10.54 -3.88
CA THR A 176 32.30 -9.65 -4.50
C THR A 176 31.70 -8.73 -3.46
N LEU A 177 31.07 -9.35 -2.49
CA LEU A 177 30.25 -8.74 -1.43
C LEU A 177 31.02 -7.90 -0.44
N GLN A 178 32.19 -8.35 -0.02
CA GLN A 178 32.97 -7.67 1.02
C GLN A 178 34.05 -6.74 0.43
N ARG A 179 34.05 -6.53 -0.89
CA ARG A 179 35.01 -5.65 -1.58
C ARG A 179 34.53 -4.15 -1.50
N THR A 180 35.41 -3.20 -1.83
CA THR A 180 35.10 -1.76 -1.85
C THR A 180 35.70 -1.16 -3.09
N GLU A 181 34.89 -0.44 -3.83
CA GLU A 181 35.28 0.33 -5.01
C GLU A 181 34.95 1.76 -4.66
N PRO A 182 35.95 2.59 -4.31
CA PRO A 182 35.63 3.97 -3.88
C PRO A 182 35.04 4.76 -5.02
N PRO A 183 34.15 5.74 -4.73
CA PRO A 183 33.58 6.55 -5.82
C PRO A 183 34.55 7.54 -6.49
N LEU A 184 34.23 7.86 -7.73
CA LEU A 184 34.84 8.92 -8.49
C LEU A 184 33.82 10.02 -8.42
N VAL A 185 34.17 11.14 -7.76
CA VAL A 185 33.26 12.25 -7.53
C VAL A 185 33.82 13.54 -8.10
N ARG A 186 32.98 14.26 -8.87
CA ARG A 186 33.28 15.55 -9.45
C ARG A 186 32.09 16.51 -9.28
N VAL A 187 32.38 17.81 -9.07
CA VAL A 187 31.37 18.87 -8.98
C VAL A 187 31.41 19.64 -10.30
N ASN A 188 30.27 19.73 -10.98
CA ASN A 188 30.09 20.45 -12.23
C ASN A 188 29.28 21.71 -11.98
N ARG A 189 29.75 22.83 -12.53
CA ARG A 189 29.11 24.14 -12.38
C ARG A 189 28.63 24.61 -13.77
N LYS A 190 27.42 25.21 -13.82
CA LYS A 190 26.83 25.66 -15.08
C LYS A 190 25.78 26.73 -14.86
N GLU A 191 25.84 27.81 -15.66
CA GLU A 191 24.85 28.89 -15.68
C GLU A 191 23.70 28.38 -16.55
N THR A 192 22.55 28.07 -15.93
CA THR A 192 21.38 27.49 -16.60
C THR A 192 20.46 28.65 -17.12
N PHE A 193 19.21 28.77 -16.61
CA PHE A 193 18.24 29.83 -16.91
C PHE A 193 18.87 31.17 -16.48
N PRO A 194 18.98 32.19 -17.37
CA PRO A 194 19.65 33.47 -16.98
C PRO A 194 19.55 33.89 -15.51
N GLY A 195 20.73 34.03 -14.89
CA GLY A 195 20.91 34.41 -13.49
C GLY A 195 20.84 33.27 -12.49
N VAL A 196 20.73 32.02 -13.00
CA VAL A 196 20.66 30.81 -12.20
C VAL A 196 21.89 29.95 -12.51
N THR A 197 22.60 29.54 -11.45
CA THR A 197 23.77 28.66 -11.56
C THR A 197 23.37 27.33 -10.90
N ALA A 198 23.65 26.22 -11.59
CA ALA A 198 23.34 24.87 -11.14
C ALA A 198 24.63 24.12 -10.77
N LEU A 199 24.66 23.57 -9.53
CA LEU A 199 25.78 22.79 -9.01
C LEU A 199 25.39 21.33 -8.99
N PHE A 200 26.12 20.50 -9.73
CA PHE A 200 25.88 19.06 -9.85
C PHE A 200 27.05 18.28 -9.26
N CYS A 201 26.76 17.40 -8.34
CA CYS A 201 27.78 16.56 -7.71
C CYS A 201 27.48 15.15 -8.13
N LYS A 202 28.36 14.57 -8.97
CA LYS A 202 28.18 13.25 -9.56
C LYS A 202 29.23 12.28 -9.07
N ALA A 203 28.76 11.06 -8.73
CA ALA A 203 29.59 9.96 -8.26
C ALA A 203 29.37 8.73 -9.11
N HIS A 204 30.44 8.01 -9.40
CA HIS A 204 30.36 6.78 -10.16
C HIS A 204 31.53 5.82 -9.82
N GLY A 205 31.40 4.60 -10.28
CA GLY A 205 32.38 3.55 -10.11
C GLY A 205 32.46 3.02 -8.71
N PHE A 206 31.40 3.17 -7.92
CA PHE A 206 31.45 2.74 -6.52
C PHE A 206 30.63 1.45 -6.24
N TYR A 207 31.19 0.69 -5.30
CA TYR A 207 30.64 -0.52 -4.74
C TYR A 207 31.03 -0.54 -3.25
N PRO A 208 30.10 -0.78 -2.28
CA PRO A 208 28.68 -1.14 -2.43
C PRO A 208 27.79 0.05 -2.83
N PRO A 209 26.50 -0.17 -3.24
CA PRO A 209 25.68 1.00 -3.66
C PRO A 209 25.30 1.97 -2.53
N GLU A 210 25.60 1.64 -1.29
CA GLU A 210 25.25 2.50 -0.16
C GLU A 210 26.26 3.67 -0.03
N ILE A 211 25.80 4.85 -0.43
CA ILE A 211 26.51 6.13 -0.44
C ILE A 211 25.63 7.20 0.20
N TYR A 212 26.27 8.17 0.85
CA TYR A 212 25.62 9.34 1.44
C TYR A 212 26.15 10.59 0.73
N MET A 213 25.24 11.36 0.10
CA MET A 213 25.57 12.57 -0.64
C MET A 213 24.71 13.72 -0.17
N THR A 214 25.35 14.81 0.17
CA THR A 214 24.64 16.02 0.58
C THR A 214 25.43 17.28 0.24
N TRP A 215 24.70 18.35 -0.04
CA TRP A 215 25.25 19.68 -0.27
C TRP A 215 25.18 20.50 0.99
N MET A 216 26.28 21.19 1.35
CA MET A 216 26.34 22.07 2.53
C MET A 216 26.65 23.51 2.14
N LYS A 217 26.12 24.46 2.95
CA LYS A 217 26.31 25.90 2.81
C LYS A 217 27.09 26.41 4.03
N ASN A 218 28.37 26.80 3.80
CA ASN A 218 29.30 27.35 4.79
C ASN A 218 29.55 26.38 6.01
N GLY A 219 29.57 25.08 5.75
CA GLY A 219 29.82 24.09 6.79
C GLY A 219 28.58 23.44 7.39
N GLU A 220 27.45 24.20 7.41
CA GLU A 220 26.15 23.72 7.94
C GLU A 220 25.18 23.32 6.80
N GLU A 221 24.16 22.51 7.12
CA GLU A 221 23.15 21.98 6.20
C GLU A 221 22.51 23.07 5.34
N ILE A 222 22.29 22.78 4.04
CA ILE A 222 21.71 23.70 3.05
C ILE A 222 20.17 23.61 3.12
N VAL A 223 19.53 24.52 3.89
CA VAL A 223 18.06 24.52 4.02
C VAL A 223 17.40 25.11 2.72
N GLN A 224 17.78 24.51 1.57
CA GLN A 224 17.32 24.79 0.22
C GLN A 224 16.80 23.49 -0.42
N GLU A 225 16.43 23.54 -1.71
CA GLU A 225 15.85 22.40 -2.44
C GLU A 225 16.92 21.62 -3.20
N ILE A 226 17.33 20.45 -2.67
CA ILE A 226 18.32 19.56 -3.31
C ILE A 226 17.57 18.53 -4.16
N ASP A 227 18.06 18.30 -5.37
CA ASP A 227 17.54 17.21 -6.21
C ASP A 227 18.49 16.06 -6.11
N TYR A 228 17.96 14.86 -6.01
CA TYR A 228 18.75 13.63 -5.90
C TYR A 228 18.51 12.72 -7.05
N GLY A 229 19.57 12.15 -7.57
CA GLY A 229 19.54 11.17 -8.64
C GLY A 229 19.59 9.82 -7.96
N ASP A 230 18.96 8.85 -8.58
CA ASP A 230 18.88 7.49 -8.11
C ASP A 230 20.24 6.81 -8.15
N ILE A 231 20.46 5.85 -7.26
CA ILE A 231 21.65 5.03 -7.31
C ILE A 231 21.41 4.02 -8.40
N LEU A 232 22.05 4.22 -9.56
CA LEU A 232 21.80 3.39 -10.72
C LEU A 232 22.90 2.42 -10.98
N PRO A 233 22.54 1.20 -11.46
CA PRO A 233 23.60 0.22 -11.78
C PRO A 233 24.29 0.59 -13.10
N SER A 234 25.64 0.61 -13.10
CA SER A 234 26.37 0.96 -14.30
C SER A 234 26.56 -0.26 -15.25
N GLY A 235 26.25 -1.46 -14.78
CA GLY A 235 26.32 -2.69 -15.57
C GLY A 235 27.58 -3.52 -15.43
N ASP A 236 28.56 -3.05 -14.65
CA ASP A 236 29.85 -3.71 -14.39
C ASP A 236 30.04 -4.04 -12.88
N GLY A 237 28.95 -4.10 -12.11
CA GLY A 237 29.04 -4.35 -10.67
C GLY A 237 29.15 -3.10 -9.81
N THR A 238 29.40 -1.93 -10.44
CA THR A 238 29.52 -0.66 -9.77
C THR A 238 28.26 0.19 -10.04
N TYR A 239 28.16 1.36 -9.34
CA TYR A 239 26.99 2.23 -9.33
C TYR A 239 27.34 3.70 -9.52
N GLN A 240 26.30 4.50 -9.80
CA GLN A 240 26.36 5.94 -10.01
C GLN A 240 25.15 6.63 -9.38
N ALA A 241 25.39 7.86 -8.93
CA ALA A 241 24.42 8.73 -8.29
C ALA A 241 24.88 10.14 -8.44
N TRP A 242 23.98 11.10 -8.16
CA TRP A 242 24.25 12.53 -8.17
C TRP A 242 23.31 13.27 -7.21
N ALA A 243 23.63 14.52 -6.93
CA ALA A 243 22.87 15.47 -6.11
C ALA A 243 23.08 16.86 -6.72
N SER A 244 22.02 17.66 -6.90
CA SER A 244 22.19 19.02 -7.45
C SER A 244 21.53 20.11 -6.59
N ILE A 245 22.02 21.35 -6.72
CA ILE A 245 21.51 22.55 -6.03
C ILE A 245 21.67 23.79 -6.95
N GLU A 246 21.24 24.99 -6.43
CA GLU A 246 21.37 26.33 -7.06
C GLU A 246 22.12 27.29 -6.12
N LEU A 247 22.53 28.48 -6.62
CA LEU A 247 23.21 29.48 -5.81
C LEU A 247 22.28 30.63 -5.42
N LEU A 254 31.78 28.72 -0.42
CA LEU A 254 30.55 28.71 0.37
C LEU A 254 29.77 27.39 0.23
N TYR A 255 29.77 26.77 -0.97
CA TYR A 255 29.04 25.52 -1.22
C TYR A 255 29.96 24.34 -1.33
N SER A 256 29.58 23.22 -0.70
CA SER A 256 30.43 22.04 -0.76
C SER A 256 29.63 20.74 -0.76
N CYS A 257 29.99 19.83 -1.67
CA CYS A 257 29.38 18.51 -1.76
C CYS A 257 30.07 17.59 -0.75
N HIS A 258 29.30 16.79 0.01
CA HIS A 258 29.83 15.86 1.01
C HIS A 258 29.40 14.47 0.63
N VAL A 259 30.39 13.57 0.51
CA VAL A 259 30.12 12.19 0.11
C VAL A 259 30.72 11.24 1.12
N GLU A 260 29.92 10.29 1.61
CA GLU A 260 30.32 9.25 2.53
C GLU A 260 30.14 7.90 1.86
N HIS A 261 31.21 7.12 1.77
CA HIS A 261 31.18 5.78 1.20
C HIS A 261 32.16 4.90 1.91
N SER A 262 31.69 3.76 2.46
CA SER A 262 32.47 2.73 3.18
C SER A 262 33.52 3.30 4.19
N GLY A 263 33.09 4.18 5.08
CA GLY A 263 33.96 4.75 6.11
C GLY A 263 34.95 5.81 5.67
N VAL A 264 34.77 6.32 4.47
CA VAL A 264 35.60 7.39 3.96
C VAL A 264 34.68 8.56 3.64
N HIS A 265 35.00 9.74 4.21
CA HIS A 265 34.33 11.01 4.01
C HIS A 265 35.10 11.87 3.02
N MET A 266 34.38 12.43 2.08
CA MET A 266 34.88 13.26 0.99
C MET A 266 34.14 14.57 0.93
N VAL A 267 34.87 15.68 0.76
CA VAL A 267 34.32 17.04 0.65
C VAL A 267 34.80 17.60 -0.68
N LEU A 268 33.90 18.29 -1.40
CA LEU A 268 34.21 18.92 -2.68
C LEU A 268 33.69 20.38 -2.63
N GLN A 269 34.59 21.30 -2.20
CA GLN A 269 34.38 22.77 -2.08
C GLN A 269 34.24 23.43 -3.47
N VAL A 270 33.34 24.44 -3.58
CA VAL A 270 33.09 25.19 -4.82
C VAL A 270 33.63 26.63 -4.67
N ILE B 1 -4.23 -1.68 -8.52
CA ILE B 1 -3.30 -0.57 -8.74
C ILE B 1 -2.11 -1.01 -9.63
N GLN B 2 -2.00 -0.35 -10.76
CA GLN B 2 -0.95 -0.57 -11.75
C GLN B 2 0.05 0.60 -11.66
N ARG B 3 1.33 0.26 -11.69
CA ARG B 3 2.40 1.24 -11.58
C ARG B 3 3.13 1.26 -12.87
N THR B 4 3.32 2.47 -13.43
CA THR B 4 3.94 2.62 -14.73
C THR B 4 5.47 2.70 -14.57
N PRO B 5 6.24 2.12 -15.51
CA PRO B 5 7.70 2.10 -15.34
C PRO B 5 8.39 3.45 -15.41
N LYS B 6 9.38 3.63 -14.52
CA LYS B 6 10.36 4.71 -14.52
C LYS B 6 11.44 4.21 -15.48
N ILE B 7 11.78 5.02 -16.52
CA ILE B 7 12.75 4.64 -17.56
C ILE B 7 13.93 5.60 -17.53
N GLN B 8 15.12 5.06 -17.26
CA GLN B 8 16.31 5.89 -17.18
C GLN B 8 17.34 5.35 -18.16
N VAL B 9 17.84 6.26 -19.02
CA VAL B 9 18.75 5.93 -20.10
C VAL B 9 20.02 6.72 -19.86
N TYR B 10 21.15 6.01 -19.69
CA TYR B 10 22.43 6.64 -19.31
C TYR B 10 23.62 5.79 -19.73
N SER B 11 24.80 6.40 -19.83
CA SER B 11 25.99 5.64 -20.20
C SER B 11 26.68 5.07 -18.97
N ARG B 12 27.40 3.95 -19.12
CA ARG B 12 28.17 3.32 -18.05
C ARG B 12 29.20 4.29 -17.45
N HIS B 13 29.96 4.99 -18.32
CA HIS B 13 30.98 5.98 -17.92
C HIS B 13 30.65 7.35 -18.49
N PRO B 14 31.21 8.49 -17.99
CA PRO B 14 30.99 9.78 -18.67
C PRO B 14 31.32 9.65 -20.17
N ALA B 15 30.33 9.90 -21.03
CA ALA B 15 30.46 9.69 -22.47
C ALA B 15 31.38 10.71 -23.13
N GLU B 16 31.98 10.27 -24.24
CA GLU B 16 32.88 11.02 -25.11
C GLU B 16 32.76 10.39 -26.47
N ASN B 17 32.52 11.21 -27.51
CA ASN B 17 32.37 10.68 -28.87
C ASN B 17 33.68 10.00 -29.38
N GLY B 18 33.50 8.85 -30.03
CA GLY B 18 34.61 8.06 -30.53
C GLY B 18 35.20 7.06 -29.54
N LYS B 19 34.82 7.15 -28.25
CA LYS B 19 35.30 6.26 -27.19
C LYS B 19 34.24 5.21 -26.81
N SER B 20 34.62 3.91 -26.84
CA SER B 20 33.76 2.76 -26.50
C SER B 20 33.14 2.90 -25.12
N ASN B 21 31.83 2.61 -25.04
CA ASN B 21 31.08 2.72 -23.79
C ASN B 21 29.93 1.71 -23.78
N PHE B 22 29.10 1.77 -22.74
CA PHE B 22 27.91 0.95 -22.62
C PHE B 22 26.70 1.86 -22.39
N LEU B 23 25.64 1.66 -23.15
CA LEU B 23 24.40 2.41 -23.00
C LEU B 23 23.45 1.57 -22.19
N ASN B 24 23.03 2.11 -21.04
CA ASN B 24 22.10 1.44 -20.12
C ASN B 24 20.70 2.05 -20.18
N CYS B 25 19.70 1.16 -20.00
CA CYS B 25 18.30 1.48 -19.86
C CYS B 25 17.76 0.72 -18.65
N TYR B 26 17.53 1.46 -17.56
CA TYR B 26 17.04 0.95 -16.30
C TYR B 26 15.56 1.21 -16.18
N VAL B 27 14.79 0.14 -16.20
CA VAL B 27 13.34 0.19 -16.13
C VAL B 27 12.95 -0.33 -14.76
N SER B 28 12.29 0.52 -13.97
CA SER B 28 11.94 0.18 -12.60
C SER B 28 10.59 0.75 -12.22
N GLY B 29 10.09 0.39 -11.04
CA GLY B 29 8.84 0.86 -10.44
C GLY B 29 7.56 0.34 -11.05
N PHE B 30 7.62 -0.62 -11.95
CA PHE B 30 6.43 -1.12 -12.65
C PHE B 30 5.75 -2.31 -11.96
N HIS B 31 4.44 -2.41 -12.20
CA HIS B 31 3.54 -3.45 -11.70
C HIS B 31 2.29 -3.45 -12.58
N PRO B 32 1.87 -4.59 -13.19
CA PRO B 32 2.41 -5.97 -13.08
C PRO B 32 3.78 -6.18 -13.78
N SER B 33 4.26 -7.45 -13.82
CA SER B 33 5.60 -7.90 -14.26
C SER B 33 5.90 -7.90 -15.76
N ASP B 34 4.88 -8.08 -16.64
CA ASP B 34 5.06 -8.15 -18.09
C ASP B 34 5.45 -6.79 -18.66
N ILE B 35 6.57 -6.77 -19.36
CA ILE B 35 7.21 -5.59 -19.91
C ILE B 35 8.07 -6.02 -21.11
N GLU B 36 8.19 -5.13 -22.11
CA GLU B 36 9.02 -5.36 -23.28
C GLU B 36 9.96 -4.17 -23.42
N VAL B 37 11.26 -4.42 -23.50
CA VAL B 37 12.27 -3.35 -23.60
C VAL B 37 13.16 -3.63 -24.81
N ASP B 38 13.45 -2.57 -25.62
CA ASP B 38 14.33 -2.60 -26.77
C ASP B 38 15.18 -1.36 -26.84
N LEU B 39 16.47 -1.51 -27.15
CA LEU B 39 17.35 -0.37 -27.34
C LEU B 39 17.37 -0.07 -28.84
N LEU B 40 17.36 1.21 -29.19
CA LEU B 40 17.30 1.70 -30.55
C LEU B 40 18.44 2.62 -30.92
N LYS B 41 19.02 2.41 -32.12
CA LYS B 41 20.03 3.28 -32.71
C LYS B 41 19.39 3.89 -33.93
N ASN B 42 19.09 5.21 -33.88
CA ASN B 42 18.44 5.96 -34.98
C ASN B 42 17.09 5.29 -35.42
N GLY B 43 16.25 4.95 -34.44
CA GLY B 43 14.95 4.34 -34.65
C GLY B 43 14.90 2.83 -34.81
N GLU B 44 16.03 2.20 -35.17
CA GLU B 44 16.07 0.74 -35.40
C GLU B 44 16.59 -0.02 -34.16
N ARG B 45 15.98 -1.20 -33.90
CA ARG B 45 16.30 -2.09 -32.78
C ARG B 45 17.74 -2.65 -32.88
N ILE B 46 18.44 -2.72 -31.75
CA ILE B 46 19.80 -3.27 -31.64
C ILE B 46 19.64 -4.76 -31.31
N GLU B 47 20.35 -5.62 -32.05
CA GLU B 47 20.25 -7.06 -31.90
C GLU B 47 21.09 -7.59 -30.73
N LYS B 48 22.37 -7.14 -30.63
CA LYS B 48 23.27 -7.60 -29.58
C LYS B 48 22.97 -6.80 -28.28
N VAL B 49 21.89 -7.20 -27.58
CA VAL B 49 21.46 -6.50 -26.36
C VAL B 49 21.43 -7.45 -25.16
N GLU B 50 22.19 -7.09 -24.12
CA GLU B 50 22.26 -7.82 -22.84
C GLU B 50 21.24 -7.25 -21.89
N HIS B 51 20.82 -8.07 -20.93
CA HIS B 51 19.88 -7.66 -19.89
C HIS B 51 19.93 -8.58 -18.69
N SER B 52 19.49 -8.04 -17.56
CA SER B 52 19.34 -8.72 -16.29
C SER B 52 17.98 -9.44 -16.33
N ASP B 53 17.73 -10.31 -15.38
CA ASP B 53 16.47 -11.00 -15.26
C ASP B 53 15.51 -10.08 -14.53
N LEU B 54 14.18 -10.34 -14.61
CA LEU B 54 13.25 -9.54 -13.82
C LEU B 54 13.70 -9.53 -12.34
N SER B 55 13.68 -8.36 -11.68
CA SER B 55 14.13 -8.25 -10.30
C SER B 55 13.05 -7.66 -9.40
N PHE B 56 13.17 -7.87 -8.10
CA PHE B 56 12.13 -7.50 -7.17
C PHE B 56 12.55 -6.47 -6.17
N SER B 57 11.64 -5.54 -5.90
CA SER B 57 11.82 -4.53 -4.87
C SER B 57 10.92 -4.87 -3.70
N LYS B 58 11.27 -4.36 -2.52
CA LYS B 58 10.56 -4.52 -1.24
C LYS B 58 9.19 -3.83 -1.28
N ASP B 59 8.96 -2.89 -2.23
CA ASP B 59 7.69 -2.18 -2.41
C ASP B 59 6.74 -2.97 -3.33
N TRP B 60 7.18 -4.18 -3.72
CA TRP B 60 6.49 -5.16 -4.57
C TRP B 60 6.53 -4.83 -6.07
N SER B 61 7.30 -3.80 -6.47
CA SER B 61 7.41 -3.48 -7.89
C SER B 61 8.61 -4.21 -8.44
N PHE B 62 8.84 -4.07 -9.76
CA PHE B 62 9.90 -4.76 -10.47
C PHE B 62 10.82 -3.80 -11.17
N TYR B 63 12.02 -4.31 -11.52
CA TYR B 63 13.02 -3.54 -12.23
C TYR B 63 13.86 -4.46 -13.10
N LEU B 64 14.51 -3.89 -14.12
CA LEU B 64 15.34 -4.56 -15.12
C LEU B 64 16.37 -3.62 -15.64
N LEU B 65 17.48 -4.16 -16.18
CA LEU B 65 18.55 -3.39 -16.80
C LEU B 65 18.87 -4.01 -18.15
N TYR B 66 18.84 -3.18 -19.18
CA TYR B 66 19.16 -3.50 -20.55
C TYR B 66 20.38 -2.68 -20.92
N TYR B 67 21.31 -3.28 -21.64
CA TYR B 67 22.53 -2.58 -22.02
C TYR B 67 23.11 -3.18 -23.27
N THR B 68 24.00 -2.43 -23.90
CA THR B 68 24.67 -2.80 -25.14
C THR B 68 25.96 -2.00 -25.25
N GLU B 69 26.96 -2.60 -25.91
CA GLU B 69 28.23 -1.91 -26.14
C GLU B 69 28.00 -0.97 -27.33
N PHE B 70 28.45 0.27 -27.19
CA PHE B 70 28.28 1.28 -28.24
C PHE B 70 29.42 2.29 -28.20
N THR B 71 29.67 2.96 -29.33
CA THR B 71 30.67 4.02 -29.43
C THR B 71 29.86 5.27 -29.81
N PRO B 72 29.65 6.21 -28.85
CA PRO B 72 28.83 7.38 -29.17
C PRO B 72 29.45 8.32 -30.21
N THR B 73 28.60 8.93 -31.05
CA THR B 73 28.98 9.93 -32.06
C THR B 73 27.98 11.07 -31.99
N GLU B 74 28.38 12.29 -32.42
CA GLU B 74 27.47 13.44 -32.44
C GLU B 74 26.23 13.16 -33.32
N LYS B 75 26.43 12.42 -34.42
CA LYS B 75 25.40 12.08 -35.39
C LYS B 75 24.39 11.04 -34.89
N ASP B 76 24.85 9.94 -34.25
CA ASP B 76 23.99 8.84 -33.79
C ASP B 76 23.13 9.22 -32.59
N GLU B 77 21.84 8.89 -32.68
CA GLU B 77 20.84 9.13 -31.64
C GLU B 77 20.31 7.76 -31.12
N TYR B 78 20.40 7.57 -29.79
CA TYR B 78 20.01 6.35 -29.10
C TYR B 78 18.79 6.58 -28.22
N ALA B 79 17.98 5.53 -28.08
CA ALA B 79 16.79 5.56 -27.26
C ALA B 79 16.48 4.19 -26.73
N CYS B 80 15.58 4.13 -25.75
CA CYS B 80 15.06 2.93 -25.15
C CYS B 80 13.54 2.93 -25.40
N ARG B 81 13.01 1.82 -25.93
CA ARG B 81 11.60 1.64 -26.25
C ARG B 81 11.02 0.60 -25.34
N VAL B 82 10.02 1.00 -24.56
CA VAL B 82 9.41 0.17 -23.54
C VAL B 82 7.89 0.09 -23.71
N ASN B 83 7.33 -1.08 -23.44
CA ASN B 83 5.90 -1.28 -23.43
C ASN B 83 5.53 -2.05 -22.15
N HIS B 84 4.37 -1.73 -21.60
CA HIS B 84 3.80 -2.25 -20.37
C HIS B 84 2.30 -1.97 -20.42
N VAL B 85 1.46 -2.78 -19.75
CA VAL B 85 0.00 -2.69 -19.74
C VAL B 85 -0.50 -1.26 -19.42
N THR B 86 0.28 -0.47 -18.69
CA THR B 86 -0.09 0.90 -18.33
C THR B 86 0.07 1.88 -19.51
N LEU B 87 0.73 1.44 -20.60
CA LEU B 87 1.01 2.26 -21.79
C LEU B 87 0.17 1.81 -22.99
N SER B 88 -0.53 2.79 -23.62
CA SER B 88 -1.35 2.59 -24.83
C SER B 88 -0.49 2.11 -25.97
N GLN B 89 0.62 2.80 -26.19
CA GLN B 89 1.62 2.54 -27.22
C GLN B 89 3.02 2.44 -26.58
N PRO B 90 4.02 1.81 -27.23
CA PRO B 90 5.38 1.84 -26.64
C PRO B 90 5.92 3.26 -26.48
N LYS B 91 6.66 3.48 -25.40
CA LYS B 91 7.29 4.73 -25.03
C LYS B 91 8.75 4.73 -25.47
N ILE B 92 9.13 5.72 -26.30
CA ILE B 92 10.50 5.87 -26.75
C ILE B 92 11.14 6.95 -25.87
N VAL B 93 12.15 6.56 -25.08
CA VAL B 93 12.84 7.48 -24.19
C VAL B 93 14.27 7.68 -24.72
N LYS B 94 14.58 8.92 -25.07
CA LYS B 94 15.85 9.31 -25.69
C LYS B 94 17.01 9.45 -24.72
N TRP B 95 18.22 9.04 -25.18
CA TRP B 95 19.45 9.24 -24.41
C TRP B 95 19.93 10.67 -24.66
N ASP B 96 20.29 11.38 -23.59
CA ASP B 96 20.81 12.75 -23.66
C ASP B 96 22.27 12.81 -23.19
N MET C 1 -24.53 20.62 -35.99
CA MET C 1 -23.43 21.20 -36.77
C MET C 1 -22.28 20.18 -36.98
N ARG C 2 -21.27 20.55 -37.79
CA ARG C 2 -20.11 19.69 -38.03
C ARG C 2 -19.08 19.87 -36.86
N THR C 3 -17.94 19.14 -36.90
CA THR C 3 -16.92 19.12 -35.83
C THR C 3 -16.29 20.51 -35.61
N HIS C 4 -16.18 20.92 -34.34
CA HIS C 4 -15.54 22.18 -34.00
C HIS C 4 -14.59 21.98 -32.84
N SER C 5 -13.56 22.85 -32.75
CA SER C 5 -12.63 22.75 -31.62
C SER C 5 -12.29 24.12 -31.01
N LEU C 6 -11.99 24.12 -29.70
CA LEU C 6 -11.47 25.27 -28.98
C LEU C 6 -10.08 24.91 -28.44
N ARG C 7 -9.04 25.73 -28.65
CA ARG C 7 -7.67 25.48 -28.15
C ARG C 7 -7.05 26.76 -27.59
N TYR C 8 -6.22 26.62 -26.54
CA TYR C 8 -5.44 27.68 -25.97
C TYR C 8 -3.99 27.24 -25.87
N PHE C 9 -3.11 28.07 -26.42
CA PHE C 9 -1.67 27.82 -26.46
C PHE C 9 -0.94 28.84 -25.66
N ARG C 10 0.13 28.41 -24.99
CA ARG C 10 1.05 29.26 -24.25
C ARG C 10 2.44 28.94 -24.71
N LEU C 11 3.24 29.96 -24.93
CA LEU C 11 4.62 29.85 -25.35
C LEU C 11 5.46 30.68 -24.42
N GLY C 12 6.43 30.02 -23.81
CA GLY C 12 7.40 30.61 -22.90
C GLY C 12 8.78 30.39 -23.46
N VAL C 13 9.59 31.45 -23.47
CA VAL C 13 10.96 31.44 -24.01
C VAL C 13 11.92 32.03 -22.96
N SER C 14 12.95 31.27 -22.60
CA SER C 14 14.00 31.75 -21.70
C SER C 14 15.00 32.53 -22.52
N ASP C 15 15.64 33.55 -21.94
CA ASP C 15 16.63 34.36 -22.67
C ASP C 15 16.15 34.72 -24.13
N PRO C 16 14.99 35.42 -24.32
CA PRO C 16 14.57 35.73 -25.70
C PRO C 16 15.41 36.87 -26.28
N ILE C 17 15.58 36.86 -27.63
CA ILE C 17 16.30 37.89 -28.40
C ILE C 17 15.47 39.19 -28.26
N HIS C 18 16.14 40.36 -28.03
CA HIS C 18 15.52 41.68 -27.79
C HIS C 18 14.34 41.98 -28.74
N GLY C 19 13.18 42.25 -28.14
CA GLY C 19 11.93 42.50 -28.86
C GLY C 19 10.97 41.33 -28.73
N VAL C 20 11.46 40.10 -29.08
CA VAL C 20 10.74 38.81 -28.98
C VAL C 20 10.19 38.67 -27.55
N PRO C 21 8.86 38.42 -27.36
CA PRO C 21 8.31 38.34 -26.00
C PRO C 21 8.76 37.08 -25.26
N GLU C 22 8.87 37.16 -23.93
CA GLU C 22 9.23 36.05 -23.06
C GLU C 22 8.07 35.04 -23.05
N PHE C 23 6.82 35.55 -23.11
CA PHE C 23 5.58 34.78 -23.06
C PHE C 23 4.53 35.29 -24.06
N ILE C 24 3.77 34.36 -24.63
CA ILE C 24 2.66 34.59 -25.57
C ILE C 24 1.57 33.57 -25.26
N SER C 25 0.32 33.99 -25.28
CA SER C 25 -0.81 33.04 -25.20
C SER C 25 -1.89 33.41 -26.26
N VAL C 26 -2.30 32.46 -27.09
CA VAL C 26 -3.31 32.68 -28.16
C VAL C 26 -4.36 31.57 -28.10
N GLY C 27 -5.64 31.97 -28.24
CA GLY C 27 -6.75 31.03 -28.33
C GLY C 27 -7.23 30.88 -29.76
N TYR C 28 -7.82 29.74 -30.11
CA TYR C 28 -8.37 29.44 -31.43
C TYR C 28 -9.70 28.77 -31.36
N VAL C 29 -10.56 29.06 -32.31
CA VAL C 29 -11.81 28.34 -32.55
C VAL C 29 -11.58 27.80 -33.95
N ASP C 30 -11.42 26.48 -34.08
CA ASP C 30 -11.01 25.83 -35.33
C ASP C 30 -9.67 26.49 -35.80
N SER C 31 -9.62 27.05 -36.99
CA SER C 31 -8.41 27.69 -37.53
C SER C 31 -8.36 29.21 -37.23
N HIS C 32 -9.39 29.73 -36.55
CA HIS C 32 -9.55 31.14 -36.26
C HIS C 32 -8.96 31.56 -34.94
N PRO C 33 -7.94 32.44 -34.95
CA PRO C 33 -7.45 33.02 -33.67
C PRO C 33 -8.58 33.84 -33.01
N ILE C 34 -8.78 33.74 -31.67
CA ILE C 34 -9.89 34.45 -31.03
C ILE C 34 -9.41 35.44 -29.98
N THR C 35 -8.27 35.17 -29.34
CA THR C 35 -7.70 36.00 -28.28
C THR C 35 -6.19 35.97 -28.36
N THR C 36 -5.56 37.00 -27.82
CA THR C 36 -4.10 37.07 -27.75
C THR C 36 -3.63 37.84 -26.50
N TYR C 37 -2.41 37.49 -26.08
CA TYR C 37 -1.68 38.08 -24.96
C TYR C 37 -0.21 37.87 -25.18
N ASP C 38 0.60 38.87 -24.89
CA ASP C 38 2.07 38.71 -24.85
C ASP C 38 2.62 39.50 -23.63
N SER C 39 3.82 39.13 -23.18
CA SER C 39 4.53 39.74 -22.04
C SER C 39 4.91 41.23 -22.30
N VAL C 40 4.77 41.69 -23.56
CA VAL C 40 5.08 43.04 -24.03
C VAL C 40 3.80 43.92 -23.85
N THR C 41 2.67 43.58 -24.47
CA THR C 41 1.40 44.35 -24.34
C THR C 41 0.87 44.23 -22.89
N ARG C 42 0.93 42.97 -22.32
CA ARG C 42 0.46 42.62 -20.99
C ARG C 42 -1.08 42.76 -20.89
N GLN C 43 -1.76 42.65 -22.06
CA GLN C 43 -3.21 42.78 -22.18
C GLN C 43 -3.86 41.63 -22.93
N ALA C 44 -5.04 41.20 -22.47
CA ALA C 44 -5.85 40.21 -23.18
C ALA C 44 -6.65 40.97 -24.24
N GLU C 45 -6.45 40.59 -25.50
CA GLU C 45 -7.10 41.30 -26.60
C GLU C 45 -7.81 40.36 -27.55
N PRO C 46 -8.98 40.78 -28.07
CA PRO C 46 -9.66 39.93 -29.09
C PRO C 46 -8.83 39.87 -30.37
N ARG C 47 -8.97 38.76 -31.12
CA ARG C 47 -8.31 38.54 -32.41
C ARG C 47 -9.34 38.19 -33.48
N ALA C 48 -10.62 38.27 -33.14
CA ALA C 48 -11.74 38.03 -34.03
C ALA C 48 -12.82 39.07 -33.71
N PRO C 49 -13.50 39.64 -34.73
CA PRO C 49 -14.45 40.71 -34.46
C PRO C 49 -15.66 40.28 -33.65
N TRP C 50 -16.16 39.05 -33.89
CA TRP C 50 -17.30 38.50 -33.14
C TRP C 50 -16.98 38.25 -31.64
N MET C 51 -15.68 38.17 -31.28
CA MET C 51 -15.24 38.03 -29.88
C MET C 51 -15.39 39.39 -29.17
N ALA C 52 -14.82 40.47 -29.77
CA ALA C 52 -14.86 41.85 -29.27
C ALA C 52 -16.29 42.36 -29.15
N GLU C 53 -17.19 41.90 -30.01
CA GLU C 53 -18.59 42.32 -30.06
C GLU C 53 -19.50 41.59 -29.04
N ASN C 54 -19.11 40.41 -28.55
CA ASN C 54 -19.97 39.66 -27.64
C ASN C 54 -19.45 39.55 -26.22
N LEU C 55 -18.22 39.96 -26.00
CA LEU C 55 -17.66 39.90 -24.66
C LEU C 55 -17.41 41.29 -24.14
N ALA C 56 -17.93 41.54 -22.92
CA ALA C 56 -17.85 42.82 -22.24
C ALA C 56 -16.41 43.17 -21.83
N PRO C 57 -16.09 44.46 -21.65
CA PRO C 57 -14.72 44.85 -21.21
C PRO C 57 -14.22 44.16 -19.94
N ASP C 58 -15.13 43.78 -19.04
CA ASP C 58 -14.84 43.08 -17.77
C ASP C 58 -14.31 41.65 -18.02
N HIS C 59 -14.58 41.06 -19.23
CA HIS C 59 -14.05 39.76 -19.60
C HIS C 59 -12.58 39.92 -19.88
N TRP C 60 -12.22 40.94 -20.65
CA TRP C 60 -10.86 41.29 -21.05
C TRP C 60 -10.05 41.80 -19.84
N GLU C 61 -10.70 42.51 -18.90
CA GLU C 61 -10.00 42.98 -17.70
C GLU C 61 -9.64 41.78 -16.82
N ARG C 62 -10.58 40.86 -16.66
CA ARG C 62 -10.38 39.64 -15.88
C ARG C 62 -9.27 38.75 -16.48
N TYR C 63 -9.35 38.43 -17.76
CA TYR C 63 -8.33 37.56 -18.37
C TYR C 63 -6.97 38.24 -18.47
N THR C 64 -6.92 39.58 -18.47
CA THR C 64 -5.65 40.33 -18.39
C THR C 64 -4.92 39.98 -17.08
N GLN C 65 -5.63 39.95 -15.94
CA GLN C 65 -5.03 39.62 -14.62
C GLN C 65 -4.61 38.14 -14.55
N LEU C 66 -5.50 37.24 -15.06
CA LEU C 66 -5.24 35.81 -15.10
C LEU C 66 -4.01 35.50 -15.95
N LEU C 67 -3.91 36.14 -17.14
CA LEU C 67 -2.78 35.92 -18.04
C LEU C 67 -1.50 36.55 -17.51
N ARG C 68 -1.57 37.58 -16.67
CA ARG C 68 -0.34 38.10 -16.03
C ARG C 68 0.17 37.08 -15.01
N GLY C 69 -0.75 36.46 -14.27
CA GLY C 69 -0.38 35.40 -13.33
C GLY C 69 0.15 34.17 -14.04
N TRP C 70 -0.52 33.74 -15.12
CA TRP C 70 -0.14 32.59 -15.94
C TRP C 70 1.21 32.82 -16.60
N GLN C 71 1.50 34.08 -16.99
CA GLN C 71 2.78 34.46 -17.59
C GLN C 71 3.93 34.11 -16.59
N GLN C 72 3.78 34.58 -15.33
CA GLN C 72 4.71 34.39 -14.22
C GLN C 72 4.87 32.89 -13.82
N MET C 73 3.75 32.16 -13.74
CA MET C 73 3.73 30.74 -13.40
C MET C 73 4.48 29.93 -14.44
N PHE C 74 4.28 30.26 -15.74
CA PHE C 74 4.98 29.66 -16.87
C PHE C 74 6.51 29.87 -16.81
N LYS C 75 6.95 31.08 -16.43
CA LYS C 75 8.36 31.44 -16.30
C LYS C 75 9.05 30.54 -15.25
N VAL C 76 8.41 30.41 -14.06
CA VAL C 76 8.85 29.58 -12.92
C VAL C 76 8.95 28.09 -13.35
N GLU C 77 7.96 27.61 -14.10
CA GLU C 77 7.91 26.23 -14.58
C GLU C 77 9.01 25.96 -15.59
N LEU C 78 9.30 26.93 -16.50
CA LEU C 78 10.38 26.84 -17.48
C LEU C 78 11.75 26.88 -16.77
N LYS C 79 11.92 27.79 -15.78
CA LYS C 79 13.11 27.91 -14.94
C LYS C 79 13.41 26.54 -14.22
N ARG C 80 12.36 25.84 -13.73
CA ARG C 80 12.47 24.53 -13.07
C ARG C 80 12.90 23.42 -14.07
N LEU C 81 12.32 23.36 -15.30
CA LEU C 81 12.69 22.35 -16.32
C LEU C 81 14.15 22.54 -16.79
N GLN C 82 14.56 23.80 -16.93
CA GLN C 82 15.91 24.14 -17.32
C GLN C 82 16.93 23.75 -16.22
N ARG C 83 16.50 23.71 -14.94
CA ARG C 83 17.32 23.29 -13.80
C ARG C 83 17.51 21.79 -13.86
N HIS C 84 16.39 21.02 -14.00
CA HIS C 84 16.37 19.56 -14.05
C HIS C 84 17.16 19.00 -15.25
N TYR C 85 17.11 19.69 -16.42
CA TYR C 85 17.82 19.28 -17.65
C TYR C 85 19.27 19.76 -17.66
N ASN C 86 19.61 20.71 -16.75
CA ASN C 86 20.95 21.34 -16.63
C ASN C 86 21.30 21.98 -17.99
N HIS C 87 20.33 22.74 -18.53
CA HIS C 87 20.42 23.35 -19.84
C HIS C 87 20.75 24.82 -19.76
N SER C 88 21.78 25.22 -20.50
CA SER C 88 22.19 26.61 -20.64
C SER C 88 21.59 27.13 -21.97
N GLY C 89 21.53 28.45 -22.14
CA GLY C 89 21.01 29.06 -23.34
C GLY C 89 19.54 29.42 -23.30
N SER C 90 18.88 29.35 -24.47
CA SER C 90 17.48 29.70 -24.66
C SER C 90 16.68 28.47 -25.04
N HIS C 91 15.63 28.21 -24.27
CA HIS C 91 14.79 27.05 -24.45
C HIS C 91 13.34 27.47 -24.40
N THR C 92 12.48 26.69 -25.06
CA THR C 92 11.05 27.01 -25.15
C THR C 92 10.22 26.04 -24.34
N TYR C 93 9.11 26.57 -23.83
CA TYR C 93 8.12 25.83 -23.06
C TYR C 93 6.77 26.13 -23.68
N GLN C 94 5.99 25.08 -23.92
CA GLN C 94 4.69 25.26 -24.54
C GLN C 94 3.63 24.44 -23.86
N ARG C 95 2.42 24.97 -23.90
CA ARG C 95 1.25 24.32 -23.38
C ARG C 95 0.12 24.42 -24.39
N MET C 96 -0.66 23.36 -24.52
CA MET C 96 -1.86 23.38 -25.30
C MET C 96 -2.99 22.75 -24.52
N ILE C 97 -4.12 23.43 -24.47
CA ILE C 97 -5.32 22.86 -23.86
C ILE C 97 -6.50 23.05 -24.79
N GLY C 98 -7.47 22.14 -24.75
CA GLY C 98 -8.66 22.31 -25.55
C GLY C 98 -9.63 21.17 -25.62
N CYS C 99 -10.64 21.33 -26.48
CA CYS C 99 -11.70 20.35 -26.64
C CYS C 99 -12.24 20.31 -28.07
N GLU C 100 -12.87 19.19 -28.42
CA GLU C 100 -13.57 19.04 -29.70
C GLU C 100 -15.00 18.61 -29.43
N LEU C 101 -15.94 19.31 -30.05
CA LEU C 101 -17.37 19.00 -30.08
C LEU C 101 -17.58 18.37 -31.44
N LEU C 102 -17.64 17.04 -31.50
CA LEU C 102 -17.78 16.32 -32.77
C LEU C 102 -19.20 16.40 -33.32
N GLU C 103 -19.32 16.20 -34.65
CA GLU C 103 -20.55 16.26 -35.44
C GLU C 103 -21.69 15.43 -34.82
N ASP C 104 -21.38 14.21 -34.34
CA ASP C 104 -22.32 13.24 -33.78
C ASP C 104 -22.75 13.51 -32.31
N GLY C 105 -21.99 14.34 -31.59
CA GLY C 105 -22.33 14.70 -30.21
C GLY C 105 -21.27 14.40 -29.17
N SER C 106 -20.37 13.43 -29.47
CA SER C 106 -19.27 13.04 -28.60
C SER C 106 -18.25 14.18 -28.47
N THR C 107 -17.46 14.18 -27.39
CA THR C 107 -16.48 15.20 -27.10
C THR C 107 -15.10 14.60 -26.80
N THR C 108 -14.04 15.38 -27.03
CA THR C 108 -12.64 15.08 -26.69
C THR C 108 -12.11 16.27 -25.89
N GLY C 109 -11.05 16.01 -25.15
CA GLY C 109 -10.38 16.99 -24.30
C GLY C 109 -8.92 16.62 -24.17
N PHE C 110 -8.06 17.61 -24.36
CA PHE C 110 -6.62 17.45 -24.33
C PHE C 110 -5.98 18.56 -23.51
N LEU C 111 -4.85 18.22 -22.89
CA LEU C 111 -3.94 19.03 -22.12
C LEU C 111 -2.58 18.42 -22.27
N GLN C 112 -1.64 19.17 -22.82
CA GLN C 112 -0.31 18.72 -23.18
C GLN C 112 0.71 19.80 -22.96
N TYR C 113 1.95 19.37 -22.70
CA TYR C 113 3.09 20.24 -22.52
C TYR C 113 4.23 19.80 -23.42
N ALA C 114 5.05 20.77 -23.79
CA ALA C 114 6.21 20.53 -24.65
C ALA C 114 7.40 21.30 -24.16
N TYR C 115 8.59 20.68 -24.30
CA TYR C 115 9.86 21.30 -24.00
C TYR C 115 10.70 21.23 -25.29
N ASP C 116 11.13 22.39 -25.83
CA ASP C 116 11.87 22.56 -27.08
C ASP C 116 11.12 21.92 -28.28
N GLY C 117 9.83 22.25 -28.37
CA GLY C 117 8.90 21.79 -29.40
C GLY C 117 8.69 20.31 -29.50
N GLN C 118 8.96 19.58 -28.43
CA GLN C 118 8.83 18.11 -28.34
C GLN C 118 7.92 17.79 -27.20
N ASP C 119 7.01 16.80 -27.34
CA ASP C 119 6.09 16.37 -26.26
C ASP C 119 6.86 16.21 -24.94
N PHE C 120 6.26 16.61 -23.84
CA PHE C 120 6.96 16.52 -22.56
C PHE C 120 6.07 15.78 -21.57
N LEU C 121 4.84 16.29 -21.36
CA LEU C 121 3.81 15.75 -20.49
C LEU C 121 2.47 15.77 -21.17
N ILE C 122 1.72 14.69 -21.03
CA ILE C 122 0.42 14.55 -21.68
C ILE C 122 -0.58 14.03 -20.68
N PHE C 123 -1.66 14.78 -20.48
CA PHE C 123 -2.73 14.42 -19.56
C PHE C 123 -3.72 13.42 -20.15
N ASN C 124 -4.15 12.50 -19.29
CA ASN C 124 -5.16 11.49 -19.54
C ASN C 124 -6.28 11.76 -18.53
N LYS C 125 -7.42 12.31 -19.00
CA LYS C 125 -8.53 12.68 -18.12
C LYS C 125 -9.39 11.46 -17.70
N ASP C 126 -9.13 10.30 -18.30
CA ASP C 126 -9.82 9.05 -18.00
C ASP C 126 -9.16 8.30 -16.85
N THR C 127 -7.82 8.25 -16.84
CA THR C 127 -7.08 7.58 -15.79
C THR C 127 -6.57 8.58 -14.73
N LEU C 128 -6.80 9.89 -15.00
CA LEU C 128 -6.42 11.05 -14.18
C LEU C 128 -4.97 10.94 -13.78
N SER C 129 -4.10 11.00 -14.80
CA SER C 129 -2.65 10.88 -14.69
C SER C 129 -1.93 11.54 -15.87
N TRP C 130 -0.66 11.87 -15.65
CA TRP C 130 0.23 12.47 -16.63
C TRP C 130 1.18 11.44 -17.24
N LEU C 131 1.38 11.48 -18.55
CA LEU C 131 2.34 10.61 -19.19
C LEU C 131 3.62 11.42 -19.44
N ALA C 132 4.75 10.97 -18.86
CA ALA C 132 6.08 11.56 -18.99
C ALA C 132 6.87 10.97 -20.17
N VAL C 133 7.65 11.79 -20.87
CA VAL C 133 8.43 11.32 -22.03
C VAL C 133 9.86 10.87 -21.63
N ASP C 134 10.31 11.37 -20.50
CA ASP C 134 11.61 11.09 -19.94
C ASP C 134 11.58 11.26 -18.41
N ASN C 135 12.77 11.30 -17.83
CA ASN C 135 12.96 11.32 -16.40
C ASN C 135 12.72 12.69 -15.78
N VAL C 136 12.95 13.78 -16.53
CA VAL C 136 12.69 15.13 -15.99
C VAL C 136 11.17 15.31 -15.86
N ALA C 137 10.43 14.81 -16.86
CA ALA C 137 8.97 14.85 -16.96
C ALA C 137 8.36 13.95 -15.90
N HIS C 138 9.06 12.87 -15.52
CA HIS C 138 8.66 11.94 -14.48
C HIS C 138 8.66 12.61 -13.14
N THR C 139 9.70 13.38 -12.86
CA THR C 139 9.86 14.13 -11.64
C THR C 139 8.70 15.14 -11.53
N ILE C 140 8.37 15.87 -12.63
CA ILE C 140 7.27 16.86 -12.67
C ILE C 140 5.91 16.16 -12.44
N LYS C 141 5.71 15.01 -13.09
CA LYS C 141 4.56 14.12 -12.99
C LYS C 141 4.29 13.76 -11.52
N GLN C 142 5.33 13.38 -10.74
CA GLN C 142 5.21 13.01 -9.32
C GLN C 142 4.62 14.17 -8.50
N ALA C 143 5.19 15.39 -8.66
CA ALA C 143 4.74 16.61 -8.00
C ALA C 143 3.30 17.00 -8.39
N TRP C 144 2.95 16.85 -9.69
CA TRP C 144 1.64 17.21 -10.23
C TRP C 144 0.55 16.23 -9.83
N GLU C 145 0.86 14.93 -9.85
CA GLU C 145 -0.07 13.85 -9.49
C GLU C 145 -0.36 13.78 -7.97
N ALA C 146 0.51 14.44 -7.17
CA ALA C 146 0.39 14.53 -5.71
C ALA C 146 -0.87 15.35 -5.31
N ASN C 147 -1.19 16.37 -6.14
CA ASN C 147 -2.34 17.25 -5.99
C ASN C 147 -3.49 16.69 -6.81
N GLN C 148 -4.22 15.74 -6.23
CA GLN C 148 -5.35 15.08 -6.86
C GLN C 148 -6.51 16.05 -7.24
N HIS C 149 -6.72 17.14 -6.46
CA HIS C 149 -7.83 18.07 -6.71
C HIS C 149 -7.67 18.81 -8.03
N GLU C 150 -6.42 19.10 -8.42
CA GLU C 150 -5.99 19.73 -9.65
C GLU C 150 -6.31 18.82 -10.83
N LEU C 151 -5.99 17.52 -10.72
CA LEU C 151 -6.28 16.55 -11.77
C LEU C 151 -7.76 16.49 -12.05
N LEU C 152 -8.56 16.43 -10.97
CA LEU C 152 -10.03 16.39 -11.02
C LEU C 152 -10.55 17.70 -11.60
N TYR C 153 -9.93 18.86 -11.19
CA TYR C 153 -10.26 20.18 -11.70
C TYR C 153 -10.07 20.21 -13.25
N GLN C 154 -8.93 19.69 -13.76
CA GLN C 154 -8.64 19.61 -15.19
C GLN C 154 -9.64 18.76 -15.96
N LYS C 155 -10.08 17.62 -15.38
CA LYS C 155 -11.07 16.74 -16.00
C LYS C 155 -12.41 17.47 -16.15
N ASN C 156 -12.89 18.14 -15.10
CA ASN C 156 -14.16 18.88 -15.19
C ASN C 156 -14.06 20.05 -16.21
N TRP C 157 -12.91 20.72 -16.25
CA TRP C 157 -12.71 21.82 -17.17
C TRP C 157 -12.75 21.32 -18.63
N LEU C 158 -11.94 20.30 -18.95
CA LEU C 158 -11.88 19.75 -20.30
C LEU C 158 -13.22 19.18 -20.74
N GLU C 159 -13.89 18.40 -19.88
CA GLU C 159 -15.17 17.77 -20.22
C GLU C 159 -16.36 18.72 -20.17
N GLU C 160 -16.39 19.69 -19.23
CA GLU C 160 -17.60 20.53 -19.10
C GLU C 160 -17.42 22.01 -19.47
N GLU C 161 -16.42 22.69 -18.87
CA GLU C 161 -16.20 24.13 -19.05
C GLU C 161 -15.73 24.50 -20.48
N CYS C 162 -14.75 23.76 -21.02
CA CYS C 162 -14.26 23.96 -22.37
C CYS C 162 -15.40 23.81 -23.40
N ILE C 163 -16.25 22.77 -23.28
CA ILE C 163 -17.34 22.53 -24.23
C ILE C 163 -18.37 23.66 -24.15
N ALA C 164 -18.64 24.21 -22.95
CA ALA C 164 -19.59 25.31 -22.78
C ALA C 164 -19.04 26.61 -23.40
N TRP C 165 -17.72 26.82 -23.36
CA TRP C 165 -17.10 27.99 -23.99
C TRP C 165 -17.20 27.83 -25.51
N LEU C 166 -16.93 26.62 -26.02
CA LEU C 166 -16.96 26.35 -27.45
C LEU C 166 -18.38 26.58 -28.02
N LYS C 167 -19.43 26.15 -27.30
CA LYS C 167 -20.81 26.39 -27.73
C LYS C 167 -21.14 27.85 -27.65
N ARG C 168 -20.53 28.63 -26.73
CA ARG C 168 -20.76 30.09 -26.64
C ARG C 168 -20.11 30.79 -27.82
N PHE C 169 -18.83 30.46 -28.10
CA PHE C 169 -18.06 31.05 -29.18
C PHE C 169 -18.65 30.66 -30.57
N LEU C 170 -19.17 29.43 -30.72
CA LEU C 170 -19.81 28.97 -31.97
C LEU C 170 -21.08 29.77 -32.27
N GLU C 171 -21.83 30.23 -31.24
CA GLU C 171 -23.03 31.07 -31.43
C GLU C 171 -22.61 32.50 -31.81
N TYR C 172 -21.62 33.07 -31.11
CA TYR C 172 -21.04 34.39 -31.39
C TYR C 172 -20.51 34.52 -32.84
N GLY C 173 -19.72 33.54 -33.29
CA GLY C 173 -19.09 33.55 -34.61
C GLY C 173 -19.74 32.68 -35.65
N LYS C 174 -21.03 32.37 -35.45
CA LYS C 174 -21.90 31.55 -36.29
C LYS C 174 -21.79 31.86 -37.79
N ASP C 175 -21.88 33.15 -38.18
CA ASP C 175 -21.85 33.57 -39.59
C ASP C 175 -20.51 33.33 -40.27
N THR C 176 -19.47 33.09 -39.46
CA THR C 176 -18.13 32.85 -39.93
C THR C 176 -17.85 31.35 -39.84
N LEU C 177 -18.02 30.74 -38.67
CA LEU C 177 -17.65 29.36 -38.41
C LEU C 177 -18.67 28.31 -38.88
N GLN C 178 -19.95 28.70 -39.05
CA GLN C 178 -20.94 27.70 -39.43
C GLN C 178 -21.35 27.82 -40.90
N ARG C 179 -20.67 28.67 -41.69
CA ARG C 179 -20.94 28.85 -43.12
C ARG C 179 -20.18 27.81 -43.99
N THR C 180 -20.58 27.67 -45.25
CA THR C 180 -19.96 26.77 -46.23
C THR C 180 -19.77 27.52 -47.52
N GLU C 181 -18.52 27.60 -47.99
CA GLU C 181 -18.18 28.16 -49.28
C GLU C 181 -17.69 26.96 -50.08
N PRO C 182 -18.49 26.41 -51.05
CA PRO C 182 -18.04 25.19 -51.77
C PRO C 182 -16.76 25.44 -52.60
N PRO C 183 -15.91 24.41 -52.84
CA PRO C 183 -14.67 24.69 -53.61
C PRO C 183 -14.88 24.80 -55.12
N LEU C 184 -13.97 25.56 -55.75
CA LEU C 184 -13.83 25.74 -57.19
C LEU C 184 -12.76 24.74 -57.61
N VAL C 185 -13.13 23.63 -58.28
CA VAL C 185 -12.14 22.62 -58.63
C VAL C 185 -11.91 22.56 -60.15
N ARG C 186 -10.64 22.38 -60.53
CA ARG C 186 -10.10 22.25 -61.88
C ARG C 186 -8.95 21.21 -61.92
N VAL C 187 -8.60 20.73 -63.13
CA VAL C 187 -7.49 19.78 -63.34
C VAL C 187 -6.49 20.35 -64.37
N ASN C 188 -5.23 20.55 -63.97
CA ASN C 188 -4.14 21.09 -64.82
C ASN C 188 -3.13 20.00 -65.22
N ARG C 189 -2.05 20.39 -65.95
CA ARG C 189 -0.98 19.51 -66.41
C ARG C 189 0.41 20.17 -66.27
N LYS C 190 1.38 19.41 -65.70
CA LYS C 190 2.77 19.83 -65.48
C LYS C 190 3.75 18.81 -66.06
N THR C 197 4.00 15.33 -67.47
CA THR C 197 3.46 14.00 -67.16
C THR C 197 2.84 14.00 -65.75
N ALA C 198 2.23 15.12 -65.32
CA ALA C 198 1.65 15.19 -63.98
C ALA C 198 0.29 15.87 -63.97
N LEU C 199 -0.74 15.15 -63.48
CA LEU C 199 -2.07 15.70 -63.37
C LEU C 199 -2.24 16.38 -62.01
N PHE C 200 -2.55 17.68 -62.03
CA PHE C 200 -2.76 18.49 -60.84
C PHE C 200 -4.24 18.77 -60.65
N CYS C 201 -4.75 18.49 -59.46
CA CYS C 201 -6.13 18.77 -59.11
C CYS C 201 -6.12 19.90 -58.09
N LYS C 202 -6.73 21.05 -58.42
CA LYS C 202 -6.68 22.25 -57.58
C LYS C 202 -8.06 22.79 -57.17
N ALA C 203 -8.27 22.93 -55.85
CA ALA C 203 -9.49 23.48 -55.25
C ALA C 203 -9.17 24.80 -54.56
N HIS C 204 -10.10 25.77 -54.61
CA HIS C 204 -9.91 27.08 -53.99
C HIS C 204 -11.25 27.72 -53.70
N GLY C 205 -11.23 28.71 -52.81
CA GLY C 205 -12.41 29.43 -52.37
C GLY C 205 -13.34 28.63 -51.51
N PHE C 206 -12.81 27.65 -50.77
CA PHE C 206 -13.70 26.86 -49.91
C PHE C 206 -13.51 27.18 -48.41
N TYR C 207 -14.57 26.93 -47.68
CA TYR C 207 -14.68 27.06 -46.24
C TYR C 207 -15.73 26.08 -45.80
N PRO C 208 -15.49 25.26 -44.74
CA PRO C 208 -14.31 25.24 -43.83
C PRO C 208 -13.03 24.69 -44.50
N PRO C 209 -11.82 24.85 -43.90
CA PRO C 209 -10.59 24.32 -44.54
C PRO C 209 -10.50 22.81 -44.66
N GLU C 210 -11.39 22.04 -44.01
CA GLU C 210 -11.39 20.57 -44.11
C GLU C 210 -11.91 20.12 -45.46
N ILE C 211 -11.06 19.40 -46.20
CA ILE C 211 -11.38 18.89 -47.53
C ILE C 211 -10.60 17.58 -47.83
N TYR C 212 -11.27 16.59 -48.42
CA TYR C 212 -10.61 15.35 -48.84
C TYR C 212 -10.47 15.35 -50.37
N MET C 213 -9.23 15.40 -50.87
CA MET C 213 -8.89 15.39 -52.28
C MET C 213 -8.08 14.17 -52.60
N THR C 214 -8.55 13.32 -53.52
CA THR C 214 -7.81 12.12 -53.89
C THR C 214 -7.93 11.82 -55.41
N TRP C 215 -6.99 11.00 -55.92
CA TRP C 215 -6.94 10.57 -57.30
C TRP C 215 -7.31 9.11 -57.39
N MET C 216 -8.06 8.76 -58.40
CA MET C 216 -8.46 7.38 -58.61
C MET C 216 -8.06 6.97 -60.02
N LYS C 217 -7.66 5.70 -60.20
CA LYS C 217 -7.24 5.17 -61.50
C LYS C 217 -8.21 4.09 -61.93
N ASN C 218 -9.03 4.44 -62.95
CA ASN C 218 -10.09 3.65 -63.57
C ASN C 218 -10.91 2.84 -62.52
N GLY C 219 -11.33 3.52 -61.44
CA GLY C 219 -12.14 2.95 -60.36
C GLY C 219 -11.50 2.86 -58.98
N GLU C 220 -10.18 2.60 -58.91
CA GLU C 220 -9.45 2.48 -57.65
C GLU C 220 -8.24 3.41 -57.65
N GLU C 225 1.81 6.41 -56.09
CA GLU C 225 0.87 7.00 -55.14
C GLU C 225 0.78 8.55 -55.32
N ILE C 226 -0.37 9.12 -54.89
CA ILE C 226 -0.74 10.54 -54.95
C ILE C 226 0.17 11.39 -54.05
N ASP C 227 0.54 12.57 -54.57
CA ASP C 227 1.32 13.59 -53.87
C ASP C 227 0.30 14.68 -53.39
N TYR C 228 0.12 14.80 -52.08
CA TYR C 228 -0.85 15.74 -51.50
C TYR C 228 -0.19 17.05 -51.09
N GLY C 229 -0.90 18.13 -51.34
CA GLY C 229 -0.51 19.48 -50.97
C GLY C 229 -1.26 19.91 -49.74
N ASP C 230 -0.69 20.85 -48.96
CA ASP C 230 -1.34 21.30 -47.73
C ASP C 230 -2.55 22.18 -48.01
N ILE C 231 -3.49 22.23 -47.05
CA ILE C 231 -4.64 23.11 -47.12
C ILE C 231 -4.12 24.45 -46.69
N LEU C 232 -4.05 25.40 -47.61
CA LEU C 232 -3.44 26.71 -47.39
C LEU C 232 -4.45 27.86 -47.35
N PRO C 233 -4.18 28.89 -46.47
CA PRO C 233 -5.08 30.05 -46.42
C PRO C 233 -4.87 31.00 -47.59
N SER C 234 -5.96 31.40 -48.25
CA SER C 234 -5.86 32.33 -49.38
C SER C 234 -5.69 33.80 -48.93
N GLY C 235 -6.16 34.12 -47.73
CA GLY C 235 -6.02 35.44 -47.13
C GLY C 235 -7.32 36.22 -47.05
N ASP C 236 -8.39 35.67 -47.62
CA ASP C 236 -9.70 36.30 -47.64
C ASP C 236 -10.72 35.53 -46.78
N GLY C 237 -10.22 34.62 -45.93
CA GLY C 237 -11.04 33.77 -45.07
C GLY C 237 -11.43 32.44 -45.72
N THR C 238 -10.84 32.13 -46.91
CA THR C 238 -11.09 30.89 -47.63
C THR C 238 -9.77 30.17 -47.90
N TYR C 239 -9.87 28.90 -48.30
CA TYR C 239 -8.70 28.05 -48.44
C TYR C 239 -8.55 27.46 -49.83
N GLN C 240 -7.35 27.01 -50.11
CA GLN C 240 -7.00 26.36 -51.36
C GLN C 240 -6.18 25.10 -51.04
N ALA C 241 -6.32 24.09 -51.90
CA ALA C 241 -5.58 22.84 -51.78
C ALA C 241 -5.33 22.22 -53.16
N TRP C 242 -4.45 21.22 -53.21
CA TRP C 242 -4.16 20.49 -54.42
C TRP C 242 -3.76 19.05 -54.10
N ALA C 243 -3.66 18.22 -55.16
CA ALA C 243 -3.23 16.82 -55.16
C ALA C 243 -2.75 16.46 -56.58
N SER C 244 -1.55 15.86 -56.70
CA SER C 244 -0.99 15.51 -58.01
C SER C 244 -0.65 14.03 -58.14
N ILE C 245 -0.76 13.51 -59.37
CA ILE C 245 -0.35 12.15 -59.77
C ILE C 245 0.57 12.26 -60.99
N GLU C 246 1.65 11.46 -61.01
CA GLU C 246 2.58 11.36 -62.15
C GLU C 246 1.95 10.39 -63.17
N LEU C 247 2.01 10.73 -64.48
CA LEU C 247 1.39 9.93 -65.54
C LEU C 247 2.33 8.81 -66.04
N SER C 252 -1.98 3.93 -70.60
CA SER C 252 -3.33 4.51 -70.57
C SER C 252 -4.13 4.07 -69.35
N ASN C 253 -4.78 5.04 -68.70
CA ASN C 253 -5.63 4.84 -67.53
C ASN C 253 -6.59 6.00 -67.44
N LEU C 254 -7.80 5.77 -66.94
CA LEU C 254 -8.80 6.83 -66.80
C LEU C 254 -8.74 7.44 -65.37
N TYR C 255 -8.00 8.55 -65.22
CA TYR C 255 -7.82 9.23 -63.94
C TYR C 255 -8.97 10.17 -63.61
N SER C 256 -9.44 10.15 -62.34
CA SER C 256 -10.51 11.03 -61.88
C SER C 256 -10.23 11.57 -60.48
N CYS C 257 -10.22 12.91 -60.36
CA CYS C 257 -10.04 13.60 -59.10
C CYS C 257 -11.35 13.59 -58.33
N HIS C 258 -11.27 13.14 -57.08
CA HIS C 258 -12.37 13.01 -56.14
C HIS C 258 -12.19 14.03 -55.02
N VAL C 259 -13.22 14.86 -54.81
CA VAL C 259 -13.17 15.91 -53.80
C VAL C 259 -14.40 15.79 -52.91
N GLU C 260 -14.17 15.77 -51.57
CA GLU C 260 -15.20 15.76 -50.56
C GLU C 260 -15.07 17.01 -49.74
N HIS C 261 -16.16 17.70 -49.57
CA HIS C 261 -16.25 18.93 -48.82
C HIS C 261 -17.66 19.09 -48.27
N SER C 262 -17.80 19.29 -46.95
CA SER C 262 -19.09 19.56 -46.26
C SER C 262 -20.27 18.65 -46.69
N GLY C 263 -20.03 17.36 -46.82
CA GLY C 263 -21.06 16.41 -47.19
C GLY C 263 -21.35 16.33 -48.69
N VAL C 264 -20.57 17.05 -49.49
CA VAL C 264 -20.75 17.05 -50.94
C VAL C 264 -19.50 16.41 -51.57
N HIS C 265 -19.70 15.36 -52.38
CA HIS C 265 -18.60 14.70 -53.07
C HIS C 265 -18.71 15.05 -54.56
N MET C 266 -17.58 15.35 -55.18
CA MET C 266 -17.55 15.67 -56.61
C MET C 266 -16.41 14.91 -57.33
N VAL C 267 -16.63 14.62 -58.62
CA VAL C 267 -15.67 13.86 -59.44
C VAL C 267 -15.37 14.65 -60.72
N LEU C 268 -14.07 14.72 -61.09
CA LEU C 268 -13.53 15.35 -62.29
C LEU C 268 -12.76 14.32 -63.10
N GLN C 269 -13.46 13.62 -64.04
CA GLN C 269 -12.92 12.61 -64.97
C GLN C 269 -12.08 13.29 -66.02
N VAL C 270 -10.87 12.78 -66.27
CA VAL C 270 -9.93 13.39 -67.23
C VAL C 270 -9.94 12.59 -68.54
N GLY D 1 -20.63 34.01 -11.79
CA GLY D 1 -21.71 33.49 -11.00
C GLY D 1 -22.64 34.56 -10.47
N GLN D 2 -23.84 34.15 -10.01
CA GLN D 2 -24.85 35.08 -9.51
C GLN D 2 -25.38 34.73 -8.13
N ASN D 3 -25.62 33.44 -7.79
CA ASN D 3 -26.26 33.17 -6.48
C ASN D 3 -25.83 31.88 -5.74
N ILE D 4 -25.58 32.00 -4.41
CA ILE D 4 -25.26 30.89 -3.50
C ILE D 4 -26.19 30.96 -2.30
N ASP D 5 -26.84 29.84 -2.00
CA ASP D 5 -27.72 29.77 -0.83
C ASP D 5 -27.41 28.60 0.14
N GLN D 6 -27.37 28.93 1.43
CA GLN D 6 -27.17 27.97 2.52
C GLN D 6 -28.03 28.39 3.73
N PRO D 7 -28.53 27.46 4.59
CA PRO D 7 -29.35 27.91 5.74
C PRO D 7 -28.61 28.88 6.62
N THR D 8 -29.33 29.82 7.27
CA THR D 8 -28.65 30.80 8.13
C THR D 8 -27.99 30.13 9.34
N GLU D 9 -28.70 29.19 9.94
CA GLU D 9 -28.31 28.55 11.16
C GLU D 9 -28.86 27.13 11.28
N MET D 10 -28.09 26.24 11.92
CA MET D 10 -28.55 24.89 12.22
C MET D 10 -28.20 24.53 13.62
N THR D 11 -29.07 23.73 14.26
CA THR D 11 -28.83 23.28 15.61
C THR D 11 -28.99 21.79 15.64
N ALA D 12 -28.00 21.09 16.25
CA ALA D 12 -27.98 19.65 16.42
C ALA D 12 -27.33 19.30 17.77
N THR D 13 -27.43 18.02 18.13
CA THR D 13 -26.98 17.51 19.42
C THR D 13 -25.60 16.90 19.30
N GLU D 14 -24.87 16.95 20.41
CA GLU D 14 -23.55 16.37 20.55
C GLU D 14 -23.66 14.87 20.26
N GLY D 15 -22.75 14.35 19.45
CA GLY D 15 -22.76 12.94 19.07
C GLY D 15 -23.60 12.61 17.84
N ALA D 16 -24.53 13.50 17.47
CA ALA D 16 -25.43 13.30 16.34
C ALA D 16 -24.76 13.68 14.96
N ILE D 17 -25.54 13.62 13.87
CA ILE D 17 -25.09 13.92 12.50
C ILE D 17 -25.81 15.16 12.00
N VAL D 18 -25.06 16.05 11.29
CA VAL D 18 -25.62 17.27 10.70
C VAL D 18 -25.18 17.35 9.23
N GLN D 19 -26.12 17.75 8.38
CA GLN D 19 -25.88 17.91 6.96
C GLN D 19 -26.10 19.38 6.61
N ILE D 20 -25.03 20.09 6.24
CA ILE D 20 -25.12 21.52 5.88
C ILE D 20 -25.24 21.63 4.38
N ASN D 21 -26.31 22.21 3.89
CA ASN D 21 -26.56 22.25 2.46
C ASN D 21 -26.15 23.53 1.77
N CYS D 22 -25.78 23.40 0.50
CA CYS D 22 -25.38 24.54 -0.32
C CYS D 22 -25.88 24.40 -1.76
N THR D 23 -26.74 25.31 -2.19
CA THR D 23 -27.24 25.32 -3.57
C THR D 23 -26.65 26.52 -4.25
N TYR D 24 -26.14 26.35 -5.44
CA TYR D 24 -25.53 27.44 -6.18
C TYR D 24 -26.14 27.57 -7.60
N GLN D 25 -26.23 28.80 -8.10
CA GLN D 25 -26.64 29.14 -9.48
C GLN D 25 -25.58 30.09 -9.93
N THR D 26 -24.67 29.59 -10.77
CA THR D 26 -23.50 30.38 -11.18
C THR D 26 -23.30 30.30 -12.71
N SER D 27 -22.54 31.25 -13.27
CA SER D 27 -22.19 31.21 -14.69
C SER D 27 -20.89 30.38 -14.80
N GLY D 28 -21.07 29.05 -14.99
CA GLY D 28 -19.96 28.11 -15.05
C GLY D 28 -19.62 27.57 -13.67
N PHE D 29 -18.78 26.53 -13.64
CA PHE D 29 -18.44 25.87 -12.38
C PHE D 29 -16.99 25.32 -12.45
N ASN D 30 -16.13 25.77 -11.53
CA ASN D 30 -14.73 25.33 -11.47
C ASN D 30 -14.35 24.79 -10.10
N GLY D 31 -15.35 24.45 -9.30
CA GLY D 31 -15.13 23.92 -7.97
C GLY D 31 -15.95 24.56 -6.86
N LEU D 32 -16.25 23.75 -5.86
CA LEU D 32 -16.99 24.15 -4.69
C LEU D 32 -16.09 23.95 -3.48
N PHE D 33 -15.98 24.96 -2.63
CA PHE D 33 -15.13 24.89 -1.44
C PHE D 33 -15.94 24.99 -0.17
N TRP D 34 -15.50 24.31 0.91
CA TRP D 34 -16.08 24.54 2.24
C TRP D 34 -15.00 25.08 3.13
N TYR D 35 -15.35 26.10 3.91
CA TYR D 35 -14.51 26.75 4.91
C TYR D 35 -15.18 26.75 6.25
N GLN D 36 -14.40 26.52 7.30
CA GLN D 36 -14.88 26.61 8.68
C GLN D 36 -14.42 27.92 9.25
N GLN D 37 -15.33 28.67 9.84
CA GLN D 37 -14.95 29.90 10.50
C GLN D 37 -15.50 29.92 11.92
N HIS D 38 -14.61 29.84 12.94
CA HIS D 38 -14.98 29.97 14.35
C HIS D 38 -15.28 31.43 14.64
N ALA D 39 -16.11 31.70 15.67
CA ALA D 39 -16.50 33.07 15.98
C ALA D 39 -15.25 33.97 16.31
N GLY D 40 -15.19 35.14 15.65
CA GLY D 40 -14.09 36.08 15.76
C GLY D 40 -12.76 35.60 15.19
N GLU D 41 -12.79 34.53 14.37
CA GLU D 41 -11.60 33.95 13.77
C GLU D 41 -11.68 33.98 12.26
N ALA D 42 -10.56 33.65 11.64
CA ALA D 42 -10.34 33.55 10.19
C ALA D 42 -10.99 32.28 9.62
N PRO D 43 -11.55 32.31 8.39
CA PRO D 43 -12.01 31.04 7.80
C PRO D 43 -10.82 30.13 7.49
N THR D 44 -10.98 28.82 7.68
CA THR D 44 -9.94 27.83 7.31
C THR D 44 -10.57 26.84 6.34
N PHE D 45 -9.82 26.40 5.35
CA PHE D 45 -10.23 25.45 4.32
C PHE D 45 -10.57 24.05 4.90
N LEU D 46 -11.69 23.46 4.42
CA LEU D 46 -12.15 22.14 4.80
C LEU D 46 -12.07 21.18 3.64
N SER D 47 -12.69 21.53 2.51
CA SER D 47 -12.76 20.62 1.38
C SER D 47 -12.95 21.34 0.04
N TYR D 48 -12.80 20.58 -1.03
CA TYR D 48 -12.98 21.02 -2.40
C TYR D 48 -13.62 19.91 -3.18
N ASN D 49 -14.66 20.24 -3.96
CA ASN D 49 -15.32 19.27 -4.81
C ASN D 49 -15.50 19.90 -6.16
N VAL D 50 -15.22 19.15 -7.23
CA VAL D 50 -15.33 19.60 -8.61
C VAL D 50 -16.07 18.52 -9.41
N LEU D 51 -15.91 17.24 -9.02
CA LEU D 51 -16.58 16.12 -9.67
C LEU D 51 -17.72 15.58 -8.79
N ASP D 52 -18.64 14.83 -9.37
CA ASP D 52 -19.80 14.28 -8.68
C ASP D 52 -19.47 13.25 -7.60
N GLY D 53 -20.20 13.32 -6.49
CA GLY D 53 -20.06 12.38 -5.38
C GLY D 53 -19.56 12.86 -4.04
N LEU D 54 -19.37 11.87 -3.16
CA LEU D 54 -18.97 11.96 -1.76
C LEU D 54 -17.46 11.78 -1.56
N GLU D 55 -16.88 12.61 -0.69
CA GLU D 55 -15.46 12.57 -0.35
C GLU D 55 -15.29 12.80 1.17
N GLU D 56 -14.67 11.83 1.87
CA GLU D 56 -14.41 11.85 3.31
C GLU D 56 -13.03 12.43 3.67
N LYS D 57 -12.92 13.07 4.85
CA LYS D 57 -11.72 13.68 5.45
C LYS D 57 -11.98 13.84 6.94
N GLY D 58 -11.76 12.75 7.68
CA GLY D 58 -12.02 12.70 9.12
C GLY D 58 -13.49 12.43 9.39
N ARG D 59 -14.10 13.22 10.31
CA ARG D 59 -15.54 13.15 10.64
C ARG D 59 -16.36 13.91 9.61
N PHE D 60 -15.67 14.74 8.80
CA PHE D 60 -16.26 15.55 7.74
C PHE D 60 -16.26 14.83 6.43
N SER D 61 -17.39 14.87 5.76
CA SER D 61 -17.62 14.36 4.41
C SER D 61 -18.16 15.49 3.57
N SER D 62 -17.82 15.51 2.28
CA SER D 62 -18.25 16.55 1.34
C SER D 62 -18.88 15.95 0.12
N PHE D 63 -20.10 16.37 -0.23
CA PHE D 63 -20.77 15.81 -1.41
C PHE D 63 -21.01 16.87 -2.47
N LEU D 64 -21.02 16.46 -3.75
CA LEU D 64 -21.30 17.39 -4.82
C LEU D 64 -22.12 16.74 -5.96
N SER D 65 -23.16 17.47 -6.38
CA SER D 65 -23.97 17.12 -7.54
C SER D 65 -23.94 18.31 -8.49
N ARG D 66 -23.14 18.18 -9.55
CA ARG D 66 -23.03 19.21 -10.55
C ARG D 66 -24.32 19.39 -11.36
N SER D 67 -25.04 18.31 -11.63
CA SER D 67 -26.28 18.40 -12.40
C SER D 67 -27.37 19.12 -11.61
N LYS D 68 -27.49 18.83 -10.30
CA LYS D 68 -28.50 19.41 -9.43
C LYS D 68 -28.08 20.78 -8.84
N GLY D 69 -26.80 21.13 -8.97
CA GLY D 69 -26.26 22.38 -8.45
C GLY D 69 -26.26 22.49 -6.94
N TYR D 70 -25.97 21.38 -6.25
CA TYR D 70 -25.82 21.46 -4.81
C TYR D 70 -24.66 20.62 -4.30
N SER D 71 -24.28 20.97 -3.08
CA SER D 71 -23.29 20.32 -2.28
C SER D 71 -23.76 20.30 -0.83
N TYR D 72 -23.32 19.30 -0.06
CA TYR D 72 -23.53 19.30 1.37
C TYR D 72 -22.22 18.97 2.08
N LEU D 73 -22.11 19.49 3.26
CA LEU D 73 -21.04 19.22 4.18
C LEU D 73 -21.66 18.38 5.29
N LEU D 74 -21.27 17.11 5.35
CA LEU D 74 -21.76 16.15 6.33
C LEU D 74 -20.80 16.03 7.52
N LEU D 75 -21.24 16.42 8.70
CA LEU D 75 -20.48 16.33 9.97
C LEU D 75 -21.08 15.21 10.79
N LYS D 76 -20.25 14.17 11.07
CA LYS D 76 -20.61 13.00 11.88
C LYS D 76 -20.03 13.14 13.31
N GLU D 77 -20.65 12.45 14.30
CA GLU D 77 -20.25 12.40 15.73
C GLU D 77 -19.89 13.80 16.25
N LEU D 78 -20.85 14.73 16.16
CA LEU D 78 -20.70 16.13 16.54
C LEU D 78 -20.14 16.31 17.93
N GLN D 79 -19.23 17.28 18.06
CA GLN D 79 -18.56 17.68 19.27
C GLN D 79 -18.75 19.17 19.45
N MET D 80 -18.50 19.69 20.66
CA MET D 80 -18.68 21.11 20.93
C MET D 80 -17.83 22.00 20.03
N LYS D 81 -16.55 21.63 19.76
CA LYS D 81 -15.58 22.35 18.93
C LYS D 81 -16.08 22.56 17.47
N ASP D 82 -17.08 21.75 17.02
CA ASP D 82 -17.66 21.88 15.69
C ASP D 82 -18.61 23.11 15.63
N SER D 83 -18.88 23.74 16.81
CA SER D 83 -19.63 24.98 16.87
C SER D 83 -18.85 26.06 16.14
N ALA D 84 -19.34 26.43 14.94
CA ALA D 84 -18.74 27.43 14.07
C ALA D 84 -19.71 27.76 12.94
N SER D 85 -19.28 28.67 12.04
CA SER D 85 -19.93 28.98 10.76
C SER D 85 -19.27 28.18 9.64
N TYR D 86 -20.06 27.74 8.70
CA TYR D 86 -19.56 26.95 7.59
C TYR D 86 -19.92 27.68 6.33
N LEU D 87 -18.87 28.16 5.64
CA LEU D 87 -18.94 28.95 4.43
C LEU D 87 -18.73 28.09 3.18
N CYS D 88 -19.68 28.22 2.28
CA CYS D 88 -19.73 27.61 0.97
C CYS D 88 -19.24 28.65 -0.06
N ALA D 89 -18.34 28.26 -0.99
CA ALA D 89 -17.85 29.17 -2.04
C ALA D 89 -17.69 28.44 -3.38
N VAL D 90 -18.16 29.05 -4.48
CA VAL D 90 -18.08 28.39 -5.79
C VAL D 90 -17.22 29.22 -6.77
N LYS D 91 -16.20 28.61 -7.43
CA LYS D 91 -15.45 29.27 -8.54
C LYS D 91 -16.29 29.19 -9.81
N ASP D 92 -16.64 30.33 -10.41
CA ASP D 92 -17.38 30.41 -11.68
C ASP D 92 -16.42 30.17 -12.89
N SER D 93 -16.94 30.36 -14.11
CA SER D 93 -16.24 30.22 -15.41
C SER D 93 -14.96 31.01 -15.48
N ASN D 94 -14.92 32.15 -14.75
CA ASN D 94 -13.80 33.09 -14.76
C ASN D 94 -12.94 33.03 -13.49
N TYR D 95 -13.05 31.90 -12.74
CA TYR D 95 -12.31 31.55 -11.52
C TYR D 95 -12.59 32.55 -10.39
N GLN D 96 -13.80 33.11 -10.40
CA GLN D 96 -14.22 34.07 -9.40
C GLN D 96 -15.03 33.35 -8.36
N LEU D 97 -14.69 33.60 -7.09
CA LEU D 97 -15.40 33.02 -5.97
C LEU D 97 -16.68 33.78 -5.66
N ILE D 98 -17.76 33.04 -5.56
CA ILE D 98 -19.08 33.48 -5.12
C ILE D 98 -19.22 32.84 -3.73
N TRP D 99 -19.39 33.66 -2.69
CA TRP D 99 -19.49 33.19 -1.30
C TRP D 99 -20.90 33.14 -0.78
N GLY D 100 -21.20 32.04 -0.11
CA GLY D 100 -22.46 31.90 0.61
C GLY D 100 -22.36 32.75 1.86
N ALA D 101 -23.52 33.18 2.40
CA ALA D 101 -23.61 34.05 3.59
C ALA D 101 -23.14 33.33 4.86
N GLY D 102 -23.11 32.00 4.83
CA GLY D 102 -22.67 31.22 5.98
C GLY D 102 -23.81 30.54 6.71
N THR D 103 -23.53 29.35 7.26
CA THR D 103 -24.42 28.58 8.13
C THR D 103 -23.76 28.50 9.49
N LYS D 104 -24.37 29.10 10.50
CA LYS D 104 -23.92 29.04 11.88
C LYS D 104 -24.40 27.71 12.54
N LEU D 105 -23.46 26.83 12.92
CA LEU D 105 -23.82 25.56 13.57
C LEU D 105 -23.69 25.65 15.09
N ILE D 106 -24.82 25.52 15.78
CA ILE D 106 -24.89 25.52 17.24
C ILE D 106 -25.00 24.07 17.73
N ILE D 107 -24.12 23.68 18.65
CA ILE D 107 -24.17 22.31 19.18
C ILE D 107 -24.82 22.30 20.55
N LYS D 108 -25.80 21.41 20.73
CA LYS D 108 -26.45 21.16 22.02
C LYS D 108 -25.62 20.09 22.80
N PRO D 109 -24.96 20.41 23.94
CA PRO D 109 -24.20 19.37 24.66
C PRO D 109 -25.12 18.33 25.33
N ASP D 110 -24.62 17.10 25.53
CA ASP D 110 -25.42 16.12 26.23
C ASP D 110 -25.28 16.34 27.74
N ILE D 111 -26.37 16.77 28.42
CA ILE D 111 -26.31 17.02 29.86
C ILE D 111 -26.75 15.71 30.54
N GLN D 112 -25.76 15.00 31.11
CA GLN D 112 -25.88 13.69 31.78
C GLN D 112 -26.84 13.74 32.97
N ASN D 113 -26.59 14.68 33.91
CA ASN D 113 -27.39 14.85 35.12
C ASN D 113 -27.89 16.30 35.25
N PRO D 114 -29.04 16.65 34.61
CA PRO D 114 -29.55 18.02 34.70
C PRO D 114 -29.92 18.38 36.13
N ASP D 115 -29.43 19.53 36.60
CA ASP D 115 -29.66 20.04 37.94
C ASP D 115 -30.04 21.54 37.82
N PRO D 116 -31.19 21.88 37.15
CA PRO D 116 -31.51 23.31 36.94
C PRO D 116 -31.69 24.07 38.24
N ALA D 117 -31.05 25.24 38.32
CA ALA D 117 -31.07 26.13 39.48
C ALA D 117 -30.77 27.57 39.07
N VAL D 118 -31.35 28.51 39.81
CA VAL D 118 -31.15 29.95 39.70
C VAL D 118 -30.46 30.38 40.99
N TYR D 119 -29.23 30.91 40.88
CA TYR D 119 -28.47 31.31 42.05
C TYR D 119 -28.23 32.80 42.08
N GLN D 120 -28.14 33.35 43.29
CA GLN D 120 -27.83 34.75 43.51
C GLN D 120 -26.35 34.84 43.75
N LEU D 121 -25.63 35.57 42.95
CA LEU D 121 -24.21 35.71 43.24
C LEU D 121 -24.03 36.77 44.30
N ARG D 122 -22.93 36.70 45.02
CA ARG D 122 -22.59 37.66 46.05
C ARG D 122 -22.33 39.01 45.39
N ASP D 123 -22.92 40.07 45.94
CA ASP D 123 -22.72 41.46 45.50
C ASP D 123 -21.23 41.87 45.47
N SER D 124 -20.89 42.81 44.58
CA SER D 124 -19.56 43.41 44.53
C SER D 124 -19.57 44.71 45.28
N LYS D 125 -18.51 45.01 46.05
CA LYS D 125 -18.40 46.30 46.76
C LYS D 125 -18.31 47.43 45.75
N SER D 126 -17.74 47.11 44.57
CA SER D 126 -17.52 48.04 43.46
C SER D 126 -18.66 48.11 42.45
N SER D 127 -19.81 47.43 42.68
CA SER D 127 -20.92 47.53 41.72
C SER D 127 -22.30 47.65 42.41
N ASP D 128 -23.27 48.30 41.72
CA ASP D 128 -24.66 48.44 42.18
C ASP D 128 -25.52 47.30 41.61
N LYS D 129 -24.93 46.50 40.71
CA LYS D 129 -25.60 45.39 40.05
C LYS D 129 -25.88 44.24 40.99
N SER D 130 -27.05 43.64 40.79
CA SER D 130 -27.45 42.39 41.43
C SER D 130 -27.40 41.35 40.30
N VAL D 131 -26.63 40.25 40.48
CA VAL D 131 -26.36 39.25 39.44
C VAL D 131 -26.96 37.85 39.75
N CYS D 132 -27.68 37.30 38.76
CA CYS D 132 -28.33 35.98 38.89
C CYS D 132 -27.83 35.06 37.79
N LEU D 133 -27.53 33.82 38.16
CA LEU D 133 -27.05 32.78 37.27
C LEU D 133 -28.04 31.66 37.23
N PHE D 134 -28.56 31.37 36.04
CA PHE D 134 -29.45 30.24 35.79
C PHE D 134 -28.56 29.20 35.17
N THR D 135 -28.40 28.03 35.82
CA THR D 135 -27.41 27.06 35.37
C THR D 135 -27.83 25.59 35.56
N ASP D 136 -27.04 24.69 34.94
CA ASP D 136 -27.10 23.22 34.99
C ASP D 136 -28.40 22.63 34.39
N PHE D 137 -29.07 23.41 33.53
CA PHE D 137 -30.27 22.96 32.82
C PHE D 137 -29.93 22.11 31.58
N ASP D 138 -30.88 21.28 31.09
CA ASP D 138 -30.67 20.45 29.87
C ASP D 138 -30.71 21.37 28.62
N SER D 139 -30.02 20.94 27.55
CA SER D 139 -29.88 21.71 26.30
C SER D 139 -31.19 22.04 25.57
N GLN D 140 -32.32 21.43 25.95
CA GLN D 140 -33.62 21.72 25.36
C GLN D 140 -34.20 23.08 25.83
N THR D 141 -33.70 23.62 26.96
CA THR D 141 -34.14 24.88 27.51
C THR D 141 -33.55 26.05 26.70
N ASN D 142 -34.43 26.97 26.27
CA ASN D 142 -34.04 28.22 25.59
C ASN D 142 -34.13 29.36 26.57
N VAL D 143 -33.22 30.33 26.47
CA VAL D 143 -33.23 31.50 27.35
C VAL D 143 -33.77 32.70 26.56
N SER D 144 -34.83 33.33 27.06
CA SER D 144 -35.45 34.51 26.43
C SER D 144 -34.85 35.79 26.99
N GLN D 145 -34.61 36.78 26.11
CA GLN D 145 -34.09 38.12 26.47
C GLN D 145 -35.11 38.84 27.37
N SER D 146 -34.67 39.80 28.20
CA SER D 146 -35.57 40.48 29.15
C SER D 146 -36.72 41.26 28.48
N LYS D 147 -37.83 41.37 29.20
CA LYS D 147 -39.02 42.11 28.77
C LYS D 147 -39.15 43.36 29.67
N ASP D 148 -38.02 43.71 30.34
CA ASP D 148 -37.80 44.84 31.23
C ASP D 148 -36.46 45.48 30.84
N SER D 149 -36.52 46.75 30.42
CA SER D 149 -35.43 47.61 29.93
C SER D 149 -34.20 47.67 30.86
N ASP D 150 -34.44 47.66 32.19
CA ASP D 150 -33.34 47.73 33.15
C ASP D 150 -32.88 46.33 33.61
N VAL D 151 -33.31 45.27 32.91
CA VAL D 151 -32.88 43.93 33.24
C VAL D 151 -32.10 43.42 32.04
N TYR D 152 -30.91 42.92 32.28
CA TYR D 152 -30.11 42.42 31.18
C TYR D 152 -29.96 40.95 31.34
N ILE D 153 -30.31 40.19 30.29
CA ILE D 153 -30.20 38.73 30.27
C ILE D 153 -29.39 38.28 29.03
N THR D 154 -28.33 37.50 29.26
CA THR D 154 -27.47 36.95 28.20
C THR D 154 -28.00 35.61 27.73
N ASP D 155 -27.63 35.15 26.52
CA ASP D 155 -28.10 33.84 26.04
C ASP D 155 -27.29 32.71 26.71
N LYS D 156 -27.73 31.46 26.53
CA LYS D 156 -27.06 30.30 27.11
C LYS D 156 -25.65 30.12 26.50
N CYS D 157 -24.71 29.85 27.39
CA CYS D 157 -23.27 29.66 27.18
C CYS D 157 -22.94 28.23 27.63
N VAL D 158 -22.02 27.54 26.97
CA VAL D 158 -21.67 26.18 27.39
C VAL D 158 -20.26 26.23 27.92
N LEU D 159 -20.12 25.79 29.18
CA LEU D 159 -18.87 25.74 29.92
C LEU D 159 -18.33 24.30 30.01
N ASP D 160 -17.02 24.14 29.83
CA ASP D 160 -16.35 22.85 29.92
C ASP D 160 -15.29 22.83 31.03
N MET D 161 -15.54 22.06 32.07
CA MET D 161 -14.60 21.84 33.16
C MET D 161 -13.85 20.58 32.76
N ARG D 162 -12.80 20.73 31.95
CA ARG D 162 -12.00 19.66 31.33
C ARG D 162 -11.38 18.68 32.34
N SER D 163 -11.01 19.19 33.53
CA SER D 163 -10.45 18.39 34.61
C SER D 163 -11.46 17.35 35.12
N MET D 164 -12.75 17.74 35.20
CA MET D 164 -13.84 16.90 35.68
C MET D 164 -14.64 16.26 34.54
N ASP D 165 -14.28 16.59 33.24
CA ASP D 165 -14.96 16.15 32.01
C ASP D 165 -16.48 16.54 32.13
N PHE D 166 -16.70 17.72 32.69
CA PHE D 166 -18.01 18.21 33.00
C PHE D 166 -18.41 19.36 32.09
N LYS D 167 -19.62 19.24 31.52
CA LYS D 167 -20.21 20.26 30.66
C LYS D 167 -21.46 20.81 31.31
N SER D 168 -21.65 22.14 31.27
CA SER D 168 -22.86 22.77 31.81
C SER D 168 -23.29 24.01 31.01
N ASN D 169 -24.61 24.25 30.96
CA ASN D 169 -25.29 25.41 30.35
C ASN D 169 -25.51 26.46 31.39
N SER D 170 -25.31 27.72 31.05
CA SER D 170 -25.53 28.85 31.94
C SER D 170 -25.98 30.08 31.15
N ALA D 171 -26.72 30.93 31.82
CA ALA D 171 -27.21 32.21 31.36
C ALA D 171 -27.15 33.14 32.55
N VAL D 172 -26.74 34.40 32.34
CA VAL D 172 -26.65 35.40 33.42
C VAL D 172 -27.76 36.46 33.24
N ALA D 173 -28.29 36.99 34.38
CA ALA D 173 -29.26 38.09 34.43
C ALA D 173 -28.83 39.14 35.50
N TRP D 174 -28.88 40.44 35.15
CA TRP D 174 -28.51 41.44 36.13
C TRP D 174 -29.37 42.69 36.03
N SER D 175 -29.32 43.52 37.08
CA SER D 175 -30.04 44.78 37.24
C SER D 175 -29.56 45.51 38.48
N ASN D 176 -29.81 46.83 38.53
CA ASN D 176 -29.50 47.64 39.69
C ASN D 176 -30.81 48.08 40.38
N LYS D 177 -31.98 47.71 39.79
CA LYS D 177 -33.35 47.96 40.32
C LYS D 177 -33.55 47.34 41.69
N SER D 178 -34.33 48.01 42.56
CA SER D 178 -34.64 47.53 43.91
C SER D 178 -35.53 46.27 43.85
N ASP D 179 -36.56 46.27 43.00
CA ASP D 179 -37.52 45.18 42.81
C ASP D 179 -36.91 43.88 42.21
N PHE D 180 -35.71 43.97 41.56
CA PHE D 180 -35.02 42.82 40.93
C PHE D 180 -34.69 41.72 41.95
N ALA D 181 -35.07 40.48 41.59
CA ALA D 181 -34.90 39.26 42.37
C ALA D 181 -34.63 38.07 41.45
N CYS D 182 -33.74 37.17 41.89
CA CYS D 182 -33.36 35.96 41.15
C CYS D 182 -34.56 35.09 40.87
N ALA D 183 -35.49 35.00 41.83
CA ALA D 183 -36.72 34.20 41.72
C ALA D 183 -37.53 34.64 40.51
N ASN D 184 -37.49 35.93 40.19
CA ASN D 184 -38.23 36.53 39.08
C ASN D 184 -37.35 36.85 37.84
N ALA D 185 -36.01 36.75 37.96
CA ALA D 185 -35.06 37.10 36.90
C ALA D 185 -35.38 36.45 35.56
N PHE D 186 -35.67 35.15 35.55
CA PHE D 186 -35.91 34.43 34.31
C PHE D 186 -37.40 34.04 34.08
N ASN D 187 -38.34 34.86 34.61
CA ASN D 187 -39.82 34.68 34.47
C ASN D 187 -40.29 34.66 33.00
N ASN D 188 -39.58 35.39 32.11
CA ASN D 188 -39.94 35.46 30.69
C ASN D 188 -39.42 34.25 29.90
N SER D 189 -38.62 33.39 30.54
CA SER D 189 -38.14 32.16 29.94
C SER D 189 -39.02 31.01 30.39
N ILE D 190 -39.10 29.94 29.58
CA ILE D 190 -39.77 28.71 29.96
C ILE D 190 -38.66 27.86 30.53
N ILE D 191 -38.60 27.78 31.87
CA ILE D 191 -37.56 27.05 32.57
C ILE D 191 -38.10 25.69 33.08
N PRO D 192 -37.22 24.67 33.33
CA PRO D 192 -37.71 23.37 33.88
C PRO D 192 -38.55 23.52 35.15
N GLU D 193 -39.49 22.60 35.34
CA GLU D 193 -40.37 22.56 36.53
C GLU D 193 -39.59 22.31 37.78
N ASP D 194 -38.53 21.49 37.67
CA ASP D 194 -37.67 21.07 38.78
C ASP D 194 -36.62 22.14 39.20
N THR D 195 -36.62 23.34 38.60
CA THR D 195 -35.63 24.38 38.87
C THR D 195 -35.58 24.68 40.34
N PHE D 196 -34.36 24.65 40.89
CA PHE D 196 -34.08 24.94 42.29
C PHE D 196 -33.85 26.42 42.46
N PHE D 197 -34.66 27.04 43.32
CA PHE D 197 -34.58 28.43 43.72
C PHE D 197 -34.23 28.40 45.22
N PRO D 198 -32.94 28.53 45.60
CA PRO D 198 -32.59 28.43 47.03
C PRO D 198 -33.11 29.63 47.80
N SER D 199 -33.43 29.40 49.10
CA SER D 199 -33.98 30.44 49.97
C SER D 199 -33.02 31.66 50.02
N PRO D 200 -33.57 32.89 49.87
CA PRO D 200 -32.71 34.08 49.87
C PRO D 200 -32.25 34.45 51.28
N ALA E 2 4.30 33.04 10.41
CA ALA E 2 3.65 31.91 9.75
C ALA E 2 2.25 32.32 9.24
N GLY E 3 1.96 31.94 7.99
CA GLY E 3 0.70 32.19 7.29
C GLY E 3 0.51 33.63 6.85
N VAL E 4 -0.72 34.13 7.00
CA VAL E 4 -1.06 35.51 6.65
C VAL E 4 -1.09 36.34 7.94
N THR E 5 -0.29 37.45 7.96
CA THR E 5 -0.14 38.38 9.08
C THR E 5 -0.75 39.70 8.72
N GLN E 6 -1.86 40.02 9.37
CA GLN E 6 -2.66 41.21 9.15
C GLN E 6 -2.70 42.11 10.38
N THR E 7 -2.71 43.44 10.17
CA THR E 7 -2.77 44.44 11.25
C THR E 7 -3.54 45.65 10.81
N PRO E 8 -4.22 46.38 11.74
CA PRO E 8 -4.43 46.10 13.17
C PRO E 8 -5.62 45.16 13.40
N LYS E 9 -5.79 44.61 14.62
CA LYS E 9 -6.92 43.71 14.88
C LYS E 9 -8.19 44.53 15.09
N PHE E 10 -8.04 45.75 15.66
CA PHE E 10 -9.15 46.65 15.94
C PHE E 10 -8.79 48.09 15.62
N GLN E 11 -9.81 48.89 15.19
CA GLN E 11 -9.66 50.28 14.84
C GLN E 11 -11.00 51.00 14.86
N VAL E 12 -10.98 52.18 15.48
CA VAL E 12 -12.10 53.10 15.53
C VAL E 12 -11.66 54.26 14.67
N LEU E 13 -12.58 54.78 13.86
CA LEU E 13 -12.29 55.91 12.98
C LEU E 13 -13.43 56.86 12.96
N LYS E 14 -13.10 58.13 12.85
CA LYS E 14 -14.06 59.21 12.68
C LYS E 14 -14.33 59.29 11.17
N THR E 15 -15.57 59.61 10.78
CA THR E 15 -15.96 59.82 9.38
C THR E 15 -14.96 60.79 8.73
N GLY E 16 -14.32 60.34 7.65
CA GLY E 16 -13.31 61.12 6.92
C GLY E 16 -11.86 60.80 7.23
N GLN E 17 -11.62 60.02 8.28
CA GLN E 17 -10.27 59.67 8.69
C GLN E 17 -9.64 58.63 7.71
N SER E 18 -8.30 58.57 7.72
CA SER E 18 -7.51 57.70 6.87
C SER E 18 -7.05 56.47 7.60
N MET E 19 -7.02 55.35 6.90
CA MET E 19 -6.64 54.09 7.47
C MET E 19 -5.86 53.28 6.47
N THR E 20 -4.81 52.60 6.93
CA THR E 20 -4.05 51.64 6.15
C THR E 20 -4.00 50.32 6.91
N LEU E 21 -4.52 49.25 6.28
CA LEU E 21 -4.45 47.89 6.81
C LEU E 21 -3.30 47.19 6.10
N GLN E 22 -2.46 46.54 6.89
CA GLN E 22 -1.27 45.86 6.45
C GLN E 22 -1.51 44.38 6.38
N CYS E 23 -0.85 43.74 5.44
CA CYS E 23 -0.97 42.33 5.24
C CYS E 23 0.29 41.81 4.62
N ALA E 24 0.80 40.71 5.17
CA ALA E 24 1.97 40.02 4.66
C ALA E 24 1.76 38.53 4.74
N GLN E 25 2.36 37.80 3.83
CA GLN E 25 2.33 36.35 3.86
C GLN E 25 3.75 35.87 3.61
N ASP E 26 4.16 34.83 4.32
CA ASP E 26 5.50 34.26 4.25
C ASP E 26 5.38 32.86 3.64
N MET E 27 4.43 32.65 2.74
CA MET E 27 4.17 31.34 2.15
C MET E 27 4.62 31.27 0.68
N ASN E 28 5.17 32.40 0.16
CA ASN E 28 5.64 32.54 -1.23
C ASN E 28 4.48 32.31 -2.19
N HIS E 29 3.33 32.86 -1.82
CA HIS E 29 2.11 32.80 -2.61
C HIS E 29 2.18 33.92 -3.61
N ASN E 30 1.58 33.74 -4.79
CA ASN E 30 1.52 34.77 -5.81
C ASN E 30 0.24 35.60 -5.70
N SER E 31 -0.92 35.01 -5.27
CA SER E 31 -2.18 35.78 -5.24
C SER E 31 -2.58 36.25 -3.88
N MET E 32 -3.04 37.51 -3.80
CA MET E 32 -3.43 38.11 -2.55
C MET E 32 -4.71 38.85 -2.74
N TYR E 33 -5.58 38.86 -1.71
CA TYR E 33 -6.94 39.40 -1.73
C TYR E 33 -7.24 40.19 -0.47
N TRP E 34 -8.19 41.10 -0.59
CA TRP E 34 -8.77 41.88 0.48
C TRP E 34 -10.27 41.69 0.41
N TYR E 35 -10.84 41.09 1.46
CA TYR E 35 -12.28 40.83 1.60
C TYR E 35 -12.88 41.63 2.72
N ARG E 36 -14.21 41.83 2.66
CA ARG E 36 -14.97 42.39 3.78
C ARG E 36 -16.12 41.44 4.08
N GLN E 37 -16.31 41.19 5.40
CA GLN E 37 -17.36 40.32 5.93
C GLN E 37 -18.40 41.15 6.63
N ASP E 38 -19.59 41.12 6.10
CA ASP E 38 -20.71 41.86 6.64
C ASP E 38 -21.80 40.89 7.07
N PRO E 39 -22.54 41.19 8.16
CA PRO E 39 -23.58 40.25 8.63
C PRO E 39 -24.66 39.97 7.60
N GLY E 40 -24.97 38.67 7.50
CA GLY E 40 -26.01 38.15 6.62
C GLY E 40 -25.66 38.17 5.17
N MET E 41 -24.36 38.25 4.87
CA MET E 41 -23.94 38.19 3.47
C MET E 41 -22.61 37.50 3.36
N GLY E 42 -22.37 36.98 2.16
CA GLY E 42 -21.12 36.31 1.85
C GLY E 42 -19.97 37.28 1.81
N LEU E 43 -18.74 36.79 1.96
CA LEU E 43 -17.54 37.63 1.85
C LEU E 43 -17.55 38.38 0.50
N ARG E 44 -17.17 39.66 0.48
CA ARG E 44 -17.11 40.42 -0.76
C ARG E 44 -15.70 40.88 -1.01
N LEU E 45 -15.23 40.69 -2.24
CA LEU E 45 -13.87 41.06 -2.64
C LEU E 45 -13.82 42.56 -2.90
N ILE E 46 -12.80 43.21 -2.32
CA ILE E 46 -12.56 44.66 -2.44
C ILE E 46 -11.62 44.85 -3.62
N TYR E 47 -10.45 44.20 -3.55
CA TYR E 47 -9.40 44.19 -4.57
C TYR E 47 -8.64 42.91 -4.50
N TYR E 48 -7.98 42.54 -5.58
CA TYR E 48 -7.14 41.36 -5.54
C TYR E 48 -5.85 41.66 -6.30
N SER E 49 -4.89 40.79 -6.13
CA SER E 49 -3.60 40.88 -6.78
C SER E 49 -3.21 39.49 -7.24
N ALA E 50 -3.50 39.11 -8.50
CA ALA E 50 -3.21 37.77 -9.08
C ALA E 50 -1.74 37.37 -8.97
N SER E 51 -0.82 38.33 -9.07
CA SER E 51 0.62 38.12 -8.94
C SER E 51 1.28 39.47 -8.72
N GLU E 52 2.54 39.46 -8.24
CA GLU E 52 3.37 40.64 -8.00
C GLU E 52 3.35 41.51 -9.25
N GLY E 53 3.15 42.80 -9.08
CA GLY E 53 3.13 43.74 -10.19
C GLY E 53 1.79 43.98 -10.84
N THR E 54 0.72 43.33 -10.33
CA THR E 54 -0.62 43.54 -10.90
C THR E 54 -1.70 43.50 -9.81
N THR E 55 -2.70 44.41 -9.95
CA THR E 55 -3.87 44.57 -9.07
C THR E 55 -5.10 44.89 -9.89
N ASP E 56 -6.28 44.57 -9.34
CA ASP E 56 -7.56 44.85 -9.96
C ASP E 56 -8.68 44.96 -8.90
N LYS E 57 -9.72 45.68 -9.25
CA LYS E 57 -10.96 45.92 -8.52
C LYS E 57 -11.70 44.62 -8.34
N GLY E 58 -12.29 44.47 -7.17
CA GLY E 58 -13.12 43.31 -6.85
C GLY E 58 -14.56 43.70 -7.08
N GLU E 59 -15.45 43.20 -6.22
CA GLU E 59 -16.88 43.47 -6.28
C GLU E 59 -17.24 44.83 -5.64
N VAL E 60 -16.48 45.28 -4.63
CA VAL E 60 -16.82 46.51 -3.89
C VAL E 60 -15.55 47.38 -3.69
N PRO E 61 -15.02 48.01 -4.78
CA PRO E 61 -13.77 48.77 -4.65
C PRO E 61 -13.93 50.24 -4.22
N ASN E 62 -15.15 50.81 -4.27
CA ASN E 62 -15.33 52.25 -4.00
C ASN E 62 -15.05 52.61 -2.53
N GLY E 63 -14.17 53.61 -2.36
CA GLY E 63 -13.69 54.10 -1.07
C GLY E 63 -12.43 53.41 -0.62
N TYR E 64 -11.88 52.53 -1.49
CA TYR E 64 -10.68 51.76 -1.18
C TYR E 64 -9.65 51.84 -2.27
N ASN E 65 -8.40 51.54 -1.92
CA ASN E 65 -7.29 51.40 -2.86
C ASN E 65 -6.28 50.45 -2.24
N VAL E 66 -5.51 49.75 -3.06
CA VAL E 66 -4.54 48.77 -2.55
C VAL E 66 -3.17 48.98 -3.12
N SER E 67 -2.19 48.34 -2.52
CA SER E 67 -0.85 48.38 -3.04
C SER E 67 -0.15 47.03 -2.83
N ARG E 68 0.24 46.38 -3.94
CA ARG E 68 1.01 45.14 -3.90
C ARG E 68 2.45 45.60 -3.88
N LEU E 69 2.92 45.95 -2.68
CA LEU E 69 4.24 46.53 -2.47
C LEU E 69 5.35 45.58 -2.95
N ASN E 70 5.14 44.26 -2.78
CA ASN E 70 6.07 43.22 -3.23
C ASN E 70 5.34 41.85 -3.23
N LYS E 71 6.06 40.71 -3.39
CA LYS E 71 5.43 39.38 -3.41
C LYS E 71 4.72 39.03 -2.09
N ARG E 72 5.25 39.52 -0.94
CA ARG E 72 4.71 39.23 0.38
C ARG E 72 3.60 40.17 0.86
N GLU E 73 3.73 41.47 0.57
CA GLU E 73 2.87 42.53 1.13
C GLU E 73 1.83 43.06 0.19
N PHE E 74 0.63 43.31 0.75
CA PHE E 74 -0.54 43.78 0.04
C PHE E 74 -1.39 44.62 0.98
N SER E 75 -1.19 45.93 0.95
CA SER E 75 -1.87 46.83 1.86
C SER E 75 -3.18 47.35 1.27
N LEU E 76 -4.11 47.68 2.16
CA LEU E 76 -5.42 48.19 1.83
C LEU E 76 -5.52 49.53 2.47
N ARG E 77 -5.96 50.53 1.70
CA ARG E 77 -6.08 51.91 2.14
C ARG E 77 -7.52 52.37 2.04
N LEU E 78 -7.96 53.01 3.13
CA LEU E 78 -9.24 53.72 3.29
C LEU E 78 -8.82 55.17 3.42
N GLU E 79 -8.97 55.95 2.36
CA GLU E 79 -8.51 57.32 2.40
C GLU E 79 -9.47 58.24 3.18
N SER E 80 -10.78 58.19 2.89
CA SER E 80 -11.78 59.00 3.60
C SER E 80 -12.88 58.06 4.12
N ALA E 81 -12.70 57.60 5.37
CA ALA E 81 -13.57 56.64 6.03
C ALA E 81 -15.01 57.06 6.06
N ALA E 82 -15.87 56.13 5.67
CA ALA E 82 -17.31 56.29 5.62
C ALA E 82 -17.98 55.28 6.60
N PRO E 83 -19.05 55.68 7.34
CA PRO E 83 -19.75 54.73 8.23
C PRO E 83 -20.09 53.35 7.61
N SER E 84 -20.38 53.30 6.28
CA SER E 84 -20.66 52.07 5.54
C SER E 84 -19.43 51.11 5.48
N GLN E 85 -18.20 51.61 5.78
CA GLN E 85 -16.97 50.82 5.79
C GLN E 85 -16.74 50.12 7.16
N THR E 86 -17.67 50.29 8.13
CA THR E 86 -17.67 49.55 9.39
C THR E 86 -17.89 48.11 9.02
N SER E 87 -16.87 47.27 9.22
CA SER E 87 -16.88 45.87 8.81
C SER E 87 -15.68 45.15 9.36
N VAL E 88 -15.62 43.85 9.10
CA VAL E 88 -14.49 42.98 9.45
C VAL E 88 -13.79 42.74 8.11
N TYR E 89 -12.51 43.04 8.07
CA TYR E 89 -11.67 42.95 6.88
C TYR E 89 -10.72 41.78 6.98
N PHE E 90 -10.70 40.97 5.93
CA PHE E 90 -9.84 39.81 5.83
C PHE E 90 -8.91 39.86 4.64
N CYS E 91 -7.65 39.69 4.91
CA CYS E 91 -6.66 39.52 3.90
C CYS E 91 -6.54 38.03 3.60
N ALA E 92 -6.45 37.64 2.35
CA ALA E 92 -6.25 36.23 2.05
C ALA E 92 -5.13 36.07 1.02
N SER E 93 -4.56 34.87 0.92
CA SER E 93 -3.57 34.58 -0.09
C SER E 93 -3.71 33.12 -0.61
N SER E 94 -3.43 32.93 -1.90
CA SER E 94 -3.42 31.60 -2.55
C SER E 94 -2.15 31.47 -3.39
N VAL E 95 -1.73 30.24 -3.66
CA VAL E 95 -0.50 29.97 -4.44
C VAL E 95 -0.58 30.65 -5.85
N TRP E 96 -1.72 30.50 -6.56
CA TRP E 96 -2.03 31.08 -7.86
C TRP E 96 -3.55 31.34 -8.01
N THR E 97 -3.94 32.07 -9.06
CA THR E 97 -5.32 32.30 -9.48
C THR E 97 -5.47 31.65 -10.87
N GLY E 98 -6.70 31.49 -11.34
CA GLY E 98 -6.99 30.86 -12.64
C GLY E 98 -6.68 29.37 -12.63
N GLU E 99 -6.63 28.83 -11.40
CA GLU E 99 -6.43 27.45 -10.99
C GLU E 99 -7.58 27.17 -10.06
N GLY E 100 -8.37 26.15 -10.39
CA GLY E 100 -9.59 25.84 -9.66
C GLY E 100 -9.42 25.34 -8.24
N SER E 101 -8.60 24.27 -8.06
CA SER E 101 -8.40 23.57 -6.79
C SER E 101 -7.82 24.42 -5.64
N GLY E 102 -6.99 25.43 -5.94
CA GLY E 102 -6.29 26.25 -4.95
C GLY E 102 -7.11 26.98 -3.89
N GLU E 103 -6.96 26.55 -2.60
CA GLU E 103 -7.61 27.16 -1.44
C GLU E 103 -6.99 28.52 -1.05
N LEU E 104 -7.67 29.23 -0.14
CA LEU E 104 -7.24 30.50 0.43
C LEU E 104 -6.78 30.28 1.84
N PHE E 105 -5.84 31.11 2.27
CA PHE E 105 -5.27 31.15 3.61
C PHE E 105 -5.53 32.54 4.06
N PHE E 106 -6.42 32.69 5.04
CA PHE E 106 -6.87 33.98 5.55
C PHE E 106 -6.03 34.51 6.74
N GLY E 107 -6.01 35.82 6.87
CA GLY E 107 -5.40 36.53 7.98
C GLY E 107 -6.37 36.51 9.16
N GLU E 108 -5.91 36.98 10.33
CA GLU E 108 -6.70 36.96 11.57
C GLU E 108 -7.94 37.89 11.53
N GLY E 109 -7.98 38.85 10.59
CA GLY E 109 -9.10 39.78 10.44
C GLY E 109 -8.86 41.09 11.14
N SER E 110 -9.49 42.18 10.63
CA SER E 110 -9.37 43.55 11.16
C SER E 110 -10.75 44.10 11.35
N ARG E 111 -11.17 44.36 12.60
CA ARG E 111 -12.49 44.90 12.88
C ARG E 111 -12.46 46.42 12.87
N LEU E 112 -13.19 46.99 11.95
CA LEU E 112 -13.25 48.43 11.80
C LEU E 112 -14.61 48.99 12.08
N THR E 113 -14.65 50.05 12.90
CA THR E 113 -15.84 50.79 13.23
C THR E 113 -15.58 52.23 12.84
N VAL E 114 -16.47 52.79 12.02
CA VAL E 114 -16.42 54.19 11.54
C VAL E 114 -17.61 54.93 12.11
N LEU E 115 -17.34 56.02 12.85
CA LEU E 115 -18.38 56.85 13.49
C LEU E 115 -18.39 58.28 13.02
N GLU E 116 -19.57 58.92 13.02
CA GLU E 116 -19.70 60.35 12.67
C GLU E 116 -18.91 61.21 13.68
N ASP E 117 -18.98 60.84 15.00
CA ASP E 117 -18.24 61.49 16.09
C ASP E 117 -17.89 60.47 17.17
N LEU E 118 -16.75 60.68 17.83
CA LEU E 118 -16.20 59.77 18.81
C LEU E 118 -16.81 59.88 20.22
N LYS E 119 -17.82 60.78 20.44
CA LYS E 119 -18.51 60.94 21.71
C LYS E 119 -19.28 59.69 22.12
N ASN E 120 -19.50 58.78 21.15
CA ASN E 120 -20.18 57.51 21.32
C ASN E 120 -19.23 56.41 21.81
N VAL E 121 -17.91 56.69 21.87
CA VAL E 121 -16.92 55.69 22.32
C VAL E 121 -16.88 55.69 23.84
N PHE E 122 -16.98 54.48 24.44
CA PHE E 122 -16.93 54.26 25.89
C PHE E 122 -16.10 53.03 26.25
N PRO E 123 -15.25 53.09 27.29
CA PRO E 123 -14.54 51.87 27.72
C PRO E 123 -15.48 51.00 28.58
N PRO E 124 -15.22 49.72 28.85
CA PRO E 124 -16.18 48.98 29.70
C PRO E 124 -15.97 49.22 31.20
N GLU E 125 -17.06 48.98 31.94
CA GLU E 125 -17.06 48.95 33.40
C GLU E 125 -16.93 47.47 33.75
N VAL E 126 -15.95 47.09 34.58
CA VAL E 126 -15.71 45.68 34.86
C VAL E 126 -15.97 45.40 36.34
N ALA E 127 -16.71 44.29 36.63
CA ALA E 127 -17.04 43.86 37.99
C ALA E 127 -17.05 42.34 38.09
N VAL E 128 -16.57 41.79 39.23
CA VAL E 128 -16.53 40.36 39.50
C VAL E 128 -17.48 40.07 40.65
N PHE E 129 -18.22 38.98 40.48
CA PHE E 129 -19.24 38.53 41.40
C PHE E 129 -18.88 37.14 41.86
N GLU E 130 -18.75 37.02 43.18
CA GLU E 130 -18.34 35.83 43.88
C GLU E 130 -19.44 34.75 43.87
N PRO E 131 -19.03 33.47 43.89
CA PRO E 131 -20.00 32.39 43.85
C PRO E 131 -21.03 32.40 44.96
N SER E 132 -22.22 31.94 44.61
CA SER E 132 -23.35 31.68 45.50
C SER E 132 -22.99 30.52 46.43
N GLU E 133 -23.24 30.70 47.74
CA GLU E 133 -23.05 29.73 48.82
C GLU E 133 -23.91 28.51 48.59
N ALA E 134 -25.16 28.77 48.15
CA ALA E 134 -26.13 27.74 47.82
C ALA E 134 -25.63 26.86 46.68
N GLU E 135 -24.96 27.45 45.69
CA GLU E 135 -24.40 26.68 44.57
C GLU E 135 -23.28 25.80 45.03
N ILE E 136 -22.45 26.31 45.96
CA ILE E 136 -21.29 25.58 46.49
C ILE E 136 -21.79 24.36 47.28
N SER E 137 -22.81 24.52 48.14
CA SER E 137 -23.32 23.40 48.93
C SER E 137 -24.21 22.46 48.10
N HIS E 138 -24.85 22.94 47.04
CA HIS E 138 -25.72 22.09 46.20
C HIS E 138 -24.95 21.33 45.12
N THR E 139 -23.87 21.92 44.58
CA THR E 139 -23.16 21.27 43.50
C THR E 139 -21.69 20.98 43.76
N GLN E 140 -21.11 21.56 44.84
CA GLN E 140 -19.67 21.45 45.17
C GLN E 140 -18.82 22.07 44.02
N LYS E 141 -19.39 23.09 43.36
CA LYS E 141 -18.81 23.86 42.28
C LYS E 141 -19.05 25.27 42.60
N ALA E 142 -18.24 26.16 42.05
CA ALA E 142 -18.34 27.59 42.36
C ALA E 142 -18.21 28.39 41.07
N THR E 143 -19.20 29.23 40.77
CA THR E 143 -19.14 30.03 39.56
C THR E 143 -18.97 31.49 39.88
N LEU E 144 -17.87 32.05 39.37
CA LEU E 144 -17.56 33.48 39.41
C LEU E 144 -18.08 34.06 38.11
N VAL E 145 -18.64 35.26 38.16
CA VAL E 145 -19.16 35.92 36.97
C VAL E 145 -18.49 37.29 36.84
N CYS E 146 -18.09 37.62 35.62
CA CYS E 146 -17.52 38.88 35.23
C CYS E 146 -18.46 39.56 34.28
N LEU E 147 -18.77 40.83 34.55
CA LEU E 147 -19.62 41.65 33.69
C LEU E 147 -18.85 42.86 33.21
N ALA E 148 -18.74 43.00 31.91
CA ALA E 148 -18.10 44.13 31.24
C ALA E 148 -19.26 44.89 30.57
N THR E 149 -19.59 46.10 31.05
CA THR E 149 -20.79 46.81 30.60
C THR E 149 -20.52 48.27 30.19
N GLY E 150 -21.45 48.82 29.40
CA GLY E 150 -21.44 50.19 28.91
C GLY E 150 -20.39 50.51 27.85
N PHE E 151 -19.72 49.50 27.26
CA PHE E 151 -18.66 49.74 26.25
C PHE E 151 -19.23 49.92 24.84
N TYR E 152 -18.47 50.62 24.01
CA TYR E 152 -18.76 50.94 22.61
C TYR E 152 -17.48 51.47 21.97
N PRO E 153 -17.06 50.96 20.79
CA PRO E 153 -17.69 49.88 20.01
C PRO E 153 -17.38 48.51 20.62
N ASP E 154 -17.84 47.44 19.98
CA ASP E 154 -17.59 46.10 20.50
C ASP E 154 -16.15 45.66 20.12
N HIS E 155 -15.15 46.30 20.72
CA HIS E 155 -13.71 46.02 20.48
C HIS E 155 -13.07 45.68 21.81
N VAL E 156 -13.39 44.48 22.31
CA VAL E 156 -12.97 44.03 23.64
C VAL E 156 -12.44 42.62 23.59
N GLU E 157 -11.59 42.29 24.57
CA GLU E 157 -10.97 40.98 24.82
C GLU E 157 -10.99 40.73 26.32
N LEU E 158 -11.85 39.84 26.76
CA LEU E 158 -12.00 39.49 28.15
C LEU E 158 -11.17 38.21 28.46
N SER E 159 -10.47 38.18 29.61
CA SER E 159 -9.71 37.01 30.03
C SER E 159 -9.70 36.89 31.54
N TRP E 160 -9.62 35.66 32.04
CA TRP E 160 -9.54 35.32 33.45
C TRP E 160 -8.12 34.98 33.81
N TRP E 161 -7.73 35.41 34.97
CA TRP E 161 -6.40 35.23 35.54
C TRP E 161 -6.56 34.60 36.87
N VAL E 162 -6.00 33.40 37.02
CA VAL E 162 -6.06 32.65 38.27
C VAL E 162 -4.64 32.44 38.79
N ASN E 163 -4.36 33.00 39.98
CA ASN E 163 -3.09 32.94 40.68
C ASN E 163 -1.96 33.56 39.81
N GLY E 164 -2.31 34.69 39.18
CA GLY E 164 -1.44 35.43 38.28
C GLY E 164 -1.24 34.78 36.92
N LYS E 165 -2.01 33.72 36.60
CA LYS E 165 -1.87 33.04 35.31
C LYS E 165 -3.20 32.98 34.54
N GLU E 166 -3.16 33.28 33.24
CA GLU E 166 -4.36 33.24 32.41
C GLU E 166 -4.90 31.79 32.28
N VAL E 167 -6.24 31.64 32.45
CA VAL E 167 -6.92 30.35 32.31
C VAL E 167 -7.95 30.45 31.20
N HIS E 168 -8.30 29.28 30.63
CA HIS E 168 -9.32 29.18 29.57
CA HIS E 168 -9.29 29.16 29.54
C HIS E 168 -10.21 27.98 29.85
N SER E 169 -9.78 27.08 30.75
CA SER E 169 -10.53 25.90 31.15
C SER E 169 -11.53 26.30 32.25
N GLY E 170 -12.80 25.94 32.02
CA GLY E 170 -13.88 26.25 32.94
C GLY E 170 -14.39 27.66 32.74
N VAL E 171 -14.04 28.26 31.59
CA VAL E 171 -14.40 29.62 31.24
C VAL E 171 -15.46 29.61 30.15
N CYS E 172 -16.47 30.48 30.24
CA CYS E 172 -17.42 30.71 29.18
C CYS E 172 -17.66 32.18 29.04
N THR E 173 -17.39 32.71 27.86
CA THR E 173 -17.63 34.10 27.55
C THR E 173 -18.64 34.14 26.43
N ASP E 174 -19.69 34.97 26.59
CA ASP E 174 -20.70 35.17 25.56
C ASP E 174 -20.02 35.40 24.19
N PRO E 175 -20.42 34.60 23.17
CA PRO E 175 -19.79 34.75 21.84
C PRO E 175 -20.09 36.09 21.17
N GLN E 176 -21.24 36.70 21.51
CA GLN E 176 -21.71 38.00 21.01
C GLN E 176 -22.04 38.95 22.16
N PRO E 177 -21.75 40.27 22.05
CA PRO E 177 -22.17 41.19 23.12
C PRO E 177 -23.68 41.45 23.09
N LEU E 178 -24.21 41.98 24.20
CA LEU E 178 -25.61 42.32 24.37
C LEU E 178 -25.83 43.83 24.27
N LYS E 179 -26.78 44.25 23.42
CA LYS E 179 -27.20 45.66 23.31
C LYS E 179 -27.95 46.05 24.58
N GLU E 180 -27.47 47.10 25.29
CA GLU E 180 -28.09 47.58 26.53
C GLU E 180 -29.43 48.23 26.19
N GLN E 181 -29.47 48.97 25.08
CA GLN E 181 -30.67 49.59 24.50
C GLN E 181 -30.86 48.88 23.16
N PRO E 182 -31.52 47.71 23.11
CA PRO E 182 -31.60 46.94 21.84
C PRO E 182 -32.20 47.67 20.63
N ALA E 183 -32.86 48.83 20.84
CA ALA E 183 -33.51 49.65 19.79
C ALA E 183 -32.51 50.58 19.05
N LEU E 184 -31.65 51.33 19.78
CA LEU E 184 -30.67 52.28 19.20
C LEU E 184 -29.55 51.58 18.41
N ASN E 185 -29.09 52.20 17.29
CA ASN E 185 -28.04 51.66 16.39
C ASN E 185 -26.60 51.83 16.93
N ASP E 186 -26.37 52.85 17.79
CA ASP E 186 -25.09 53.16 18.44
C ASP E 186 -25.15 52.80 19.94
N SER E 187 -25.98 51.76 20.29
CA SER E 187 -26.21 51.28 21.65
C SER E 187 -24.96 50.74 22.28
N ARG E 188 -24.70 51.14 23.52
CA ARG E 188 -23.54 50.63 24.27
C ARG E 188 -23.76 49.12 24.56
N TYR E 189 -22.66 48.41 24.82
CA TYR E 189 -22.70 46.97 24.96
C TYR E 189 -22.43 46.44 26.34
N ALA E 190 -22.85 45.18 26.53
CA ALA E 190 -22.62 44.39 27.71
C ALA E 190 -22.08 43.05 27.31
N LEU E 191 -21.13 42.54 28.07
CA LEU E 191 -20.51 41.24 27.83
C LEU E 191 -20.30 40.54 29.15
N SER E 192 -20.68 39.24 29.22
CA SER E 192 -20.54 38.43 30.42
C SER E 192 -19.65 37.21 30.18
N SER E 193 -19.02 36.77 31.26
CA SER E 193 -18.17 35.61 31.26
C SER E 193 -18.32 34.93 32.57
N ARG E 194 -18.20 33.61 32.55
CA ARG E 194 -18.25 32.77 33.74
C ARG E 194 -17.00 31.97 33.82
N LEU E 195 -16.48 31.82 35.05
CA LEU E 195 -15.38 30.95 35.40
C LEU E 195 -15.93 29.98 36.48
N ARG E 196 -15.96 28.69 36.17
CA ARG E 196 -16.46 27.73 37.15
C ARG E 196 -15.32 26.86 37.64
N VAL E 197 -15.15 26.79 38.96
CA VAL E 197 -14.08 26.01 39.59
C VAL E 197 -14.71 25.09 40.59
N SER E 198 -13.91 24.16 41.13
CA SER E 198 -14.39 23.25 42.17
C SER E 198 -14.55 24.04 43.47
N ALA E 199 -15.45 23.60 44.37
CA ALA E 199 -15.63 24.30 45.64
C ALA E 199 -14.33 24.32 46.46
N THR E 200 -13.57 23.22 46.50
CA THR E 200 -12.29 23.11 47.21
C THR E 200 -11.25 24.15 46.69
N PHE E 201 -11.28 24.45 45.36
CA PHE E 201 -10.40 25.47 44.77
C PHE E 201 -10.85 26.87 45.18
N TRP E 202 -12.17 27.12 45.14
CA TRP E 202 -12.67 28.43 45.51
C TRP E 202 -12.40 28.70 46.99
N GLN E 203 -12.59 27.69 47.82
CA GLN E 203 -12.50 27.74 49.27
C GLN E 203 -11.06 27.84 49.85
N ASN E 204 -10.03 27.82 49.00
CA ASN E 204 -8.65 28.02 49.41
C ASN E 204 -8.43 29.52 49.48
N PRO E 205 -8.10 30.07 50.67
CA PRO E 205 -7.93 31.55 50.77
C PRO E 205 -6.67 32.09 50.05
N ARG E 206 -5.72 31.20 49.68
CA ARG E 206 -4.52 31.56 48.93
C ARG E 206 -4.88 31.83 47.43
N ASN E 207 -6.00 31.26 46.94
CA ASN E 207 -6.41 31.42 45.55
C ASN E 207 -6.96 32.82 45.30
N HIS E 208 -6.49 33.40 44.18
CA HIS E 208 -6.79 34.75 43.68
C HIS E 208 -7.36 34.65 42.26
N PHE E 209 -8.45 35.38 41.99
CA PHE E 209 -9.13 35.38 40.69
C PHE E 209 -9.28 36.77 40.17
N ARG E 210 -8.97 36.99 38.90
CA ARG E 210 -9.07 38.31 38.28
C ARG E 210 -9.70 38.23 36.88
N CYS E 211 -10.53 39.21 36.57
CA CYS E 211 -11.14 39.34 35.29
C CYS E 211 -10.58 40.63 34.64
N GLN E 212 -10.07 40.53 33.42
CA GLN E 212 -9.61 41.75 32.78
C GLN E 212 -10.10 41.85 31.34
N VAL E 213 -10.44 43.08 30.98
CA VAL E 213 -10.95 43.40 29.68
C VAL E 213 -10.00 44.37 29.02
N GLN E 214 -9.52 43.99 27.82
CA GLN E 214 -8.69 44.83 27.00
C GLN E 214 -9.62 45.52 26.04
N PHE E 215 -9.67 46.85 26.12
CA PHE E 215 -10.52 47.66 25.27
C PHE E 215 -9.67 48.40 24.26
N TYR E 216 -10.12 48.37 22.99
CA TYR E 216 -9.48 49.06 21.87
C TYR E 216 -10.36 50.23 21.51
N GLY E 217 -9.83 51.43 21.80
CA GLY E 217 -10.53 52.69 21.59
C GLY E 217 -9.67 53.70 20.86
N LEU E 218 -9.67 54.95 21.36
CA LEU E 218 -8.99 56.07 20.74
C LEU E 218 -7.47 56.10 20.99
N SER E 219 -6.75 56.92 20.20
CA SER E 219 -5.30 57.15 20.31
C SER E 219 -5.07 58.64 20.51
N GLU E 220 -3.79 59.05 20.76
CA GLU E 220 -3.34 60.44 21.00
C GLU E 220 -3.82 61.44 19.93
N ASN E 221 -3.79 61.02 18.67
CA ASN E 221 -4.15 61.82 17.52
C ASN E 221 -5.65 62.11 17.46
N ASP E 222 -6.50 61.22 18.03
CA ASP E 222 -7.95 61.41 18.03
C ASP E 222 -8.31 62.61 18.92
N GLU E 223 -8.99 63.59 18.33
CA GLU E 223 -9.42 64.82 19.00
C GLU E 223 -10.58 64.53 19.94
N TRP E 224 -10.39 64.84 21.23
CA TRP E 224 -11.43 64.64 22.24
C TRP E 224 -11.87 65.98 22.79
N THR E 225 -13.19 66.20 22.91
CA THR E 225 -13.75 67.47 23.38
C THR E 225 -14.86 67.28 24.44
N GLN E 226 -15.09 66.03 24.90
CA GLN E 226 -16.14 65.78 25.89
C GLN E 226 -15.67 66.03 27.34
N ASP E 227 -16.66 66.13 28.27
CA ASP E 227 -16.42 66.37 29.71
C ASP E 227 -15.87 65.13 30.39
N ARG E 228 -16.32 63.93 29.96
CA ARG E 228 -15.83 62.69 30.52
C ARG E 228 -14.42 62.40 29.98
N ALA E 229 -13.73 61.44 30.58
CA ALA E 229 -12.37 61.06 30.19
C ALA E 229 -12.33 60.43 28.80
N LYS E 230 -11.25 60.73 28.08
CA LYS E 230 -10.96 60.22 26.74
C LYS E 230 -10.91 58.65 26.74
N PRO E 231 -11.80 58.01 25.93
CA PRO E 231 -11.88 56.55 25.90
C PRO E 231 -10.78 55.92 25.03
N VAL E 232 -9.55 55.96 25.54
CA VAL E 232 -8.33 55.44 24.94
C VAL E 232 -8.24 53.92 25.13
N THR E 233 -7.36 53.27 24.36
CA THR E 233 -7.03 51.85 24.47
C THR E 233 -6.49 51.66 25.87
N GLN E 234 -7.08 50.72 26.61
CA GLN E 234 -6.78 50.45 28.00
C GLN E 234 -7.27 49.08 28.42
N ILE E 235 -6.73 48.60 29.58
CA ILE E 235 -7.08 47.36 30.26
C ILE E 235 -7.87 47.76 31.53
N VAL E 236 -9.10 47.22 31.68
CA VAL E 236 -9.97 47.46 32.84
C VAL E 236 -10.15 46.11 33.51
N SER E 237 -9.89 46.08 34.82
CA SER E 237 -9.86 44.83 35.58
C SER E 237 -10.75 44.87 36.85
N ALA E 238 -10.96 43.68 37.45
CA ALA E 238 -11.65 43.42 38.73
C ALA E 238 -11.21 42.06 39.27
N GLU E 239 -11.06 41.93 40.58
CA GLU E 239 -10.60 40.67 41.17
C GLU E 239 -11.45 40.23 42.37
N ALA E 240 -11.12 39.01 42.85
CA ALA E 240 -11.70 38.31 44.00
C ALA E 240 -10.71 37.30 44.58
N TRP E 241 -10.76 37.12 45.89
CA TRP E 241 -9.94 36.14 46.60
C TRP E 241 -10.81 34.97 47.07
N GLY E 242 -10.19 33.79 47.20
CA GLY E 242 -10.85 32.58 47.70
C GLY E 242 -11.28 32.76 49.14
N ARG E 243 -12.51 32.33 49.47
CA ARG E 243 -13.09 32.48 50.80
C ARG E 243 -13.27 31.11 51.49
N ALA E 244 -12.57 30.93 52.63
CA ALA E 244 -12.64 29.71 53.45
C ALA E 244 -13.66 29.89 54.61
N ILE F 1 15.77 19.61 -30.88
CA ILE F 1 15.33 19.36 -32.27
C ILE F 1 14.83 20.66 -32.89
N GLN F 2 15.66 21.26 -33.78
CA GLN F 2 15.35 22.48 -34.52
C GLN F 2 14.72 22.07 -35.86
N ARG F 3 13.54 22.62 -36.16
CA ARG F 3 12.79 22.26 -37.35
C ARG F 3 12.80 23.39 -38.37
N THR F 4 13.21 23.06 -39.60
CA THR F 4 13.38 24.01 -40.71
C THR F 4 12.02 24.38 -41.36
N PRO F 5 11.79 25.68 -41.68
CA PRO F 5 10.50 26.04 -42.29
C PRO F 5 10.29 25.52 -43.70
N LYS F 6 9.03 25.14 -43.98
CA LYS F 6 8.46 24.76 -45.27
C LYS F 6 7.85 26.08 -45.85
N ILE F 7 8.34 26.52 -47.03
CA ILE F 7 7.95 27.79 -47.67
C ILE F 7 7.11 27.49 -48.91
N GLN F 8 5.95 28.15 -48.98
CA GLN F 8 4.99 27.97 -50.06
C GLN F 8 4.50 29.33 -50.54
N VAL F 9 4.86 29.65 -51.82
CA VAL F 9 4.53 30.91 -52.50
C VAL F 9 3.46 30.61 -53.53
N TYR F 10 2.32 31.28 -53.40
CA TYR F 10 1.13 31.06 -54.20
C TYR F 10 0.26 32.29 -54.28
N SER F 11 -0.68 32.32 -55.23
CA SER F 11 -1.56 33.48 -55.39
C SER F 11 -2.90 33.21 -54.71
N ARG F 12 -3.59 34.26 -54.23
CA ARG F 12 -4.90 34.13 -53.60
C ARG F 12 -5.92 33.51 -54.59
N HIS F 13 -6.02 34.11 -55.78
CA HIS F 13 -6.90 33.63 -56.85
C HIS F 13 -6.07 33.02 -57.96
N PRO F 14 -6.64 32.11 -58.81
CA PRO F 14 -5.86 31.63 -59.97
C PRO F 14 -5.52 32.86 -60.82
N ALA F 15 -4.22 33.17 -60.86
CA ALA F 15 -3.66 34.36 -61.48
C ALA F 15 -3.88 34.42 -62.99
N GLU F 16 -4.15 35.63 -63.47
CA GLU F 16 -4.33 36.02 -64.86
C GLU F 16 -3.66 37.36 -65.02
N ASN F 17 -2.61 37.46 -65.87
CA ASN F 17 -1.84 38.71 -66.08
C ASN F 17 -2.80 39.90 -66.31
N GLY F 18 -2.53 41.00 -65.62
CA GLY F 18 -3.35 42.21 -65.71
C GLY F 18 -4.44 42.35 -64.66
N LYS F 19 -4.93 41.20 -64.11
CA LYS F 19 -5.96 41.20 -63.07
C LYS F 19 -5.30 41.39 -61.68
N SER F 20 -5.99 42.11 -60.78
CA SER F 20 -5.51 42.40 -59.44
C SER F 20 -5.56 41.14 -58.54
N ASN F 21 -4.46 40.86 -57.82
CA ASN F 21 -4.35 39.68 -56.95
C ASN F 21 -3.51 39.95 -55.70
N PHE F 22 -3.27 38.88 -54.93
CA PHE F 22 -2.48 38.84 -53.71
C PHE F 22 -1.46 37.73 -53.79
N LEU F 23 -0.20 38.08 -53.53
CA LEU F 23 0.91 37.13 -53.53
C LEU F 23 1.14 36.69 -52.08
N ASN F 24 0.91 35.40 -51.82
CA ASN F 24 1.02 34.79 -50.49
C ASN F 24 2.31 33.99 -50.31
N CYS F 25 2.87 34.08 -49.10
CA CYS F 25 3.99 33.27 -48.61
C CYS F 25 3.63 32.71 -47.21
N TYR F 26 3.36 31.41 -47.18
CA TYR F 26 2.99 30.69 -45.98
C TYR F 26 4.19 29.89 -45.53
N VAL F 27 4.68 30.24 -44.32
CA VAL F 27 5.87 29.68 -43.67
C VAL F 27 5.39 28.85 -42.49
N SER F 28 5.64 27.54 -42.54
CA SER F 28 5.13 26.65 -41.53
C SER F 28 6.13 25.56 -41.12
N GLY F 29 5.75 24.79 -40.09
CA GLY F 29 6.48 23.66 -39.51
C GLY F 29 7.82 23.99 -38.91
N PHE F 30 8.04 25.26 -38.53
CA PHE F 30 9.34 25.66 -37.99
C PHE F 30 9.35 25.80 -36.45
N HIS F 31 10.53 25.53 -35.87
CA HIS F 31 10.86 25.61 -34.46
C HIS F 31 12.37 25.88 -34.30
N PRO F 32 12.80 26.90 -33.52
CA PRO F 32 12.02 27.82 -32.68
C PRO F 32 11.29 28.96 -33.45
N SER F 33 10.61 29.87 -32.72
CA SER F 33 9.70 30.95 -33.16
C SER F 33 10.29 32.11 -34.01
N ASP F 34 11.57 32.51 -33.79
CA ASP F 34 12.18 33.64 -34.51
C ASP F 34 12.35 33.31 -35.99
N ILE F 35 11.86 34.21 -36.84
CA ILE F 35 11.90 34.05 -38.28
C ILE F 35 11.95 35.44 -38.94
N GLU F 36 12.56 35.48 -40.13
CA GLU F 36 12.69 36.63 -41.02
C GLU F 36 12.07 36.27 -42.35
N VAL F 37 11.04 37.02 -42.81
CA VAL F 37 10.40 36.72 -44.07
C VAL F 37 10.29 37.98 -44.93
N ASP F 38 10.77 37.89 -46.20
CA ASP F 38 10.69 38.93 -47.22
C ASP F 38 10.02 38.41 -48.51
N LEU F 39 9.22 39.26 -49.12
CA LEU F 39 8.61 38.98 -50.44
C LEU F 39 9.45 39.76 -51.46
N LEU F 40 9.82 39.12 -52.56
CA LEU F 40 10.67 39.78 -53.55
C LEU F 40 10.03 39.88 -54.91
N LYS F 41 10.17 41.08 -55.52
CA LYS F 41 9.76 41.41 -56.88
C LYS F 41 11.06 41.67 -57.66
N ASN F 42 11.44 40.69 -58.50
CA ASN F 42 12.66 40.67 -59.32
C ASN F 42 13.94 40.86 -58.46
N GLY F 43 13.94 40.26 -57.26
CA GLY F 43 15.06 40.31 -56.33
C GLY F 43 15.02 41.44 -55.32
N GLU F 44 14.06 42.37 -55.49
CA GLU F 44 13.91 43.51 -54.58
C GLU F 44 12.79 43.24 -53.55
N ARG F 45 12.97 43.70 -52.31
CA ARG F 45 12.00 43.51 -51.24
C ARG F 45 10.81 44.48 -51.36
N ILE F 46 9.57 43.96 -51.35
CA ILE F 46 8.35 44.77 -51.41
C ILE F 46 8.22 45.54 -50.07
N GLU F 47 7.82 46.82 -50.12
CA GLU F 47 7.71 47.68 -48.94
C GLU F 47 6.49 47.36 -48.08
N LYS F 48 5.27 47.37 -48.66
CA LYS F 48 4.01 47.15 -47.96
C LYS F 48 3.64 45.65 -47.83
N VAL F 49 4.49 44.87 -47.11
CA VAL F 49 4.23 43.44 -46.90
C VAL F 49 3.46 43.25 -45.57
N GLU F 50 2.22 42.79 -45.69
CA GLU F 50 1.34 42.45 -44.56
C GLU F 50 1.62 41.00 -44.07
N HIS F 51 1.51 40.78 -42.76
CA HIS F 51 1.70 39.43 -42.22
C HIS F 51 0.75 39.16 -41.06
N SER F 52 0.34 37.90 -40.93
CA SER F 52 -0.51 37.42 -39.85
C SER F 52 0.30 37.36 -38.55
N ASP F 53 -0.35 37.19 -37.38
CA ASP F 53 0.43 37.03 -36.15
C ASP F 53 1.04 35.63 -36.13
N LEU F 54 2.08 35.41 -35.28
CA LEU F 54 2.64 34.06 -35.17
C LEU F 54 1.51 33.08 -34.76
N SER F 55 1.49 31.92 -35.38
CA SER F 55 0.44 30.94 -35.11
C SER F 55 1.02 29.62 -34.62
N PHE F 56 0.19 28.82 -33.93
CA PHE F 56 0.61 27.58 -33.30
C PHE F 56 -0.10 26.36 -33.82
N SER F 57 0.68 25.31 -34.04
CA SER F 57 0.19 24.01 -34.50
C SER F 57 0.25 23.01 -33.34
N LYS F 58 -0.61 21.98 -33.43
CA LYS F 58 -0.73 20.89 -32.47
C LYS F 58 0.62 20.18 -32.26
N ASP F 59 1.49 20.12 -33.31
CA ASP F 59 2.80 19.46 -33.26
C ASP F 59 3.91 20.36 -32.69
N TRP F 60 3.51 21.50 -32.08
CA TRP F 60 4.33 22.50 -31.37
C TRP F 60 5.12 23.41 -32.28
N SER F 61 5.05 23.19 -33.60
CA SER F 61 5.71 24.05 -34.57
C SER F 61 4.86 25.30 -34.84
N PHE F 62 5.45 26.27 -35.56
CA PHE F 62 4.77 27.52 -35.87
C PHE F 62 4.56 27.72 -37.36
N TYR F 63 3.65 28.66 -37.67
CA TYR F 63 3.28 29.07 -39.02
C TYR F 63 2.90 30.56 -39.06
N LEU F 64 3.06 31.16 -40.26
CA LEU F 64 2.86 32.57 -40.61
C LEU F 64 2.45 32.75 -42.09
N LEU F 65 1.66 33.77 -42.36
CA LEU F 65 1.24 34.11 -43.70
C LEU F 65 1.64 35.54 -43.98
N TYR F 66 2.62 35.70 -44.87
CA TYR F 66 3.12 36.96 -45.40
C TYR F 66 2.43 37.15 -46.76
N TYR F 67 1.75 38.30 -46.96
CA TYR F 67 1.02 38.58 -48.20
C TYR F 67 1.11 40.04 -48.64
N THR F 68 0.96 40.28 -49.95
CA THR F 68 0.96 41.62 -50.53
C THR F 68 0.03 41.68 -51.76
N GLU F 69 -0.64 42.82 -51.96
CA GLU F 69 -1.47 43.08 -53.14
C GLU F 69 -0.52 43.31 -54.32
N PHE F 70 -0.80 42.72 -55.49
CA PHE F 70 0.05 42.81 -56.68
C PHE F 70 -0.74 42.51 -57.96
N THR F 71 -0.15 42.88 -59.10
CA THR F 71 -0.74 42.59 -60.40
C THR F 71 0.29 41.77 -61.18
N PRO F 72 0.02 40.46 -61.43
CA PRO F 72 1.01 39.64 -62.17
C PRO F 72 1.16 40.11 -63.63
N THR F 73 2.43 40.28 -64.08
CA THR F 73 2.76 40.67 -65.46
C THR F 73 3.74 39.63 -65.99
N GLU F 74 3.47 39.05 -67.19
CA GLU F 74 4.27 38.01 -67.86
C GLU F 74 5.80 38.09 -67.60
N LYS F 75 6.39 39.30 -67.58
CA LYS F 75 7.84 39.49 -67.39
C LYS F 75 8.29 39.46 -65.91
N ASP F 76 7.45 39.97 -64.97
CA ASP F 76 7.76 40.09 -63.53
C ASP F 76 7.95 38.74 -62.79
N GLU F 77 9.07 38.65 -62.06
CA GLU F 77 9.44 37.47 -61.28
C GLU F 77 9.17 37.71 -59.78
N TYR F 78 8.53 36.73 -59.12
CA TYR F 78 8.18 36.83 -57.71
C TYR F 78 8.75 35.70 -56.87
N ALA F 79 9.20 36.04 -55.64
CA ALA F 79 9.79 35.07 -54.71
C ALA F 79 9.60 35.44 -53.23
N CYS F 80 9.81 34.46 -52.35
CA CYS F 80 9.76 34.62 -50.90
C CYS F 80 11.13 34.25 -50.33
N ARG F 81 11.67 35.12 -49.48
CA ARG F 81 12.99 34.94 -48.87
C ARG F 81 12.81 34.76 -47.37
N VAL F 82 13.28 33.62 -46.84
CA VAL F 82 13.11 33.30 -45.43
C VAL F 82 14.48 33.04 -44.72
N ASN F 83 14.65 33.61 -43.51
CA ASN F 83 15.82 33.31 -42.69
C ASN F 83 15.36 32.73 -41.33
N HIS F 84 16.08 31.66 -40.91
CA HIS F 84 15.84 30.88 -39.68
C HIS F 84 17.16 30.33 -39.12
N VAL F 85 17.20 29.97 -37.82
CA VAL F 85 18.38 29.41 -37.16
C VAL F 85 18.80 28.05 -37.82
N THR F 86 17.83 27.32 -38.42
CA THR F 86 18.03 26.03 -39.08
C THR F 86 18.66 26.18 -40.47
N LEU F 87 18.65 27.41 -41.03
CA LEU F 87 19.18 27.73 -42.35
C LEU F 87 20.49 28.52 -42.21
N SER F 88 21.55 28.05 -42.93
CA SER F 88 22.89 28.64 -42.95
C SER F 88 22.93 30.01 -43.65
N GLN F 89 22.03 30.22 -44.62
CA GLN F 89 21.87 31.45 -45.40
C GLN F 89 20.43 31.53 -45.87
N PRO F 90 19.82 32.74 -46.07
CA PRO F 90 18.40 32.80 -46.48
C PRO F 90 18.01 31.85 -47.61
N LYS F 91 16.82 31.26 -47.50
CA LYS F 91 16.27 30.36 -48.51
C LYS F 91 15.25 31.13 -49.37
N ILE F 92 15.49 31.16 -50.70
CA ILE F 92 14.60 31.82 -51.66
C ILE F 92 13.76 30.75 -52.38
N VAL F 93 12.45 31.01 -52.46
CA VAL F 93 11.47 30.14 -53.12
C VAL F 93 10.71 31.02 -54.11
N LYS F 94 10.86 30.76 -55.41
CA LYS F 94 10.24 31.54 -56.47
C LYS F 94 8.77 31.13 -56.71
N TRP F 95 7.94 32.11 -57.13
CA TRP F 95 6.51 31.90 -57.45
C TRP F 95 6.32 31.35 -58.88
N ASP F 96 5.51 30.28 -59.03
CA ASP F 96 5.16 29.63 -60.31
C ASP F 96 3.77 30.05 -60.79
N GLY G 1 21.92 -32.29 7.47
CA GLY G 1 22.16 -32.87 8.78
C GLY G 1 22.90 -34.18 8.69
N GLN G 2 23.65 -34.54 9.76
CA GLN G 2 24.46 -35.76 9.73
C GLN G 2 24.07 -36.84 10.74
N ASN G 3 24.00 -36.54 12.06
CA ASN G 3 23.77 -37.59 13.05
C ASN G 3 22.79 -37.23 14.18
N ILE G 4 21.97 -38.22 14.57
CA ILE G 4 21.04 -38.22 15.69
C ILE G 4 21.34 -39.44 16.54
N ASP G 5 21.46 -39.24 17.87
CA ASP G 5 21.72 -40.28 18.84
C ASP G 5 20.70 -40.28 19.94
N GLN G 6 20.17 -41.46 20.25
CA GLN G 6 19.22 -41.73 21.32
C GLN G 6 19.48 -43.17 21.82
N PRO G 7 19.35 -43.45 23.15
CA PRO G 7 19.64 -44.82 23.63
C PRO G 7 18.78 -45.91 22.98
N THR G 8 19.39 -47.08 22.74
CA THR G 8 18.77 -48.30 22.16
C THR G 8 17.58 -48.78 22.97
N GLU G 9 17.75 -48.79 24.30
CA GLU G 9 16.77 -49.31 25.22
C GLU G 9 16.80 -48.61 26.59
N MET G 10 15.61 -48.51 27.20
CA MET G 10 15.41 -47.96 28.53
C MET G 10 14.34 -48.75 29.26
N THR G 11 14.60 -49.02 30.54
CA THR G 11 13.71 -49.74 31.46
C THR G 11 13.53 -48.88 32.70
N ALA G 12 12.28 -48.76 33.14
CA ALA G 12 11.83 -48.06 34.34
C ALA G 12 10.63 -48.81 34.94
N THR G 13 10.23 -48.44 36.15
CA THR G 13 9.14 -49.05 36.90
C THR G 13 7.85 -48.28 36.65
N GLU G 14 6.73 -49.02 36.69
CA GLU G 14 5.37 -48.51 36.52
C GLU G 14 5.06 -47.55 37.66
N GLY G 15 4.46 -46.42 37.31
CA GLY G 15 4.11 -45.34 38.23
C GLY G 15 5.19 -44.30 38.37
N ALA G 16 6.39 -44.58 37.85
CA ALA G 16 7.52 -43.65 37.95
C ALA G 16 7.66 -42.75 36.69
N ILE G 17 8.84 -42.18 36.54
CA ILE G 17 9.23 -41.23 35.51
C ILE G 17 10.41 -41.75 34.70
N VAL G 18 10.41 -41.48 33.38
CA VAL G 18 11.52 -41.81 32.49
C VAL G 18 11.73 -40.62 31.52
N GLN G 19 13.00 -40.28 31.26
CA GLN G 19 13.46 -39.22 30.37
C GLN G 19 14.25 -39.82 29.20
N ILE G 20 13.73 -39.72 27.98
CA ILE G 20 14.40 -40.27 26.78
C ILE G 20 15.11 -39.12 26.10
N ASN G 21 16.44 -39.16 26.07
CA ASN G 21 17.27 -38.12 25.52
C ASN G 21 17.52 -38.27 24.03
N CYS G 22 17.74 -37.15 23.36
CA CYS G 22 18.03 -37.16 21.95
C CYS G 22 19.01 -36.07 21.65
N THR G 23 20.18 -36.46 21.16
CA THR G 23 21.22 -35.51 20.75
CA THR G 23 21.23 -35.53 20.76
C THR G 23 21.32 -35.52 19.24
N TYR G 24 21.45 -34.33 18.65
CA TYR G 24 21.55 -34.17 17.21
C TYR G 24 22.73 -33.29 16.84
N GLN G 25 23.37 -33.67 15.77
CA GLN G 25 24.47 -32.97 15.11
C GLN G 25 24.01 -32.85 13.69
N THR G 26 23.48 -31.68 13.33
CA THR G 26 22.94 -31.42 12.00
C THR G 26 23.43 -30.11 11.46
N SER G 27 23.32 -29.97 10.13
CA SER G 27 23.62 -28.77 9.39
C SER G 27 22.28 -28.07 9.21
N GLY G 28 21.99 -27.16 10.14
CA GLY G 28 20.73 -26.45 10.19
C GLY G 28 19.72 -27.14 11.09
N PHE G 29 18.75 -26.36 11.57
CA PHE G 29 17.76 -26.90 12.47
C PHE G 29 16.45 -26.24 12.22
N ASN G 30 15.43 -27.00 11.89
CA ASN G 30 14.11 -26.45 11.67
C ASN G 30 13.07 -27.18 12.49
N GLY G 31 13.53 -27.86 13.55
CA GLY G 31 12.63 -28.61 14.41
C GLY G 31 12.97 -30.05 14.70
N LEU G 32 12.61 -30.49 15.88
CA LEU G 32 12.77 -31.82 16.39
C LEU G 32 11.40 -32.41 16.67
N PHE G 33 11.21 -33.67 16.26
CA PHE G 33 9.96 -34.40 16.41
C PHE G 33 10.13 -35.64 17.27
N TRP G 34 9.05 -36.03 17.92
CA TRP G 34 9.00 -37.26 18.69
C TRP G 34 7.83 -38.07 18.18
N TYR G 35 8.09 -39.34 17.94
CA TYR G 35 7.07 -40.27 17.50
C TYR G 35 7.00 -41.42 18.46
N GLN G 36 5.81 -41.96 18.70
CA GLN G 36 5.63 -43.18 19.48
C GLN G 36 5.32 -44.32 18.52
N GLN G 37 6.08 -45.43 18.58
CA GLN G 37 5.83 -46.59 17.74
C GLN G 37 5.67 -47.85 18.57
N HIS G 38 4.40 -48.27 18.77
CA HIS G 38 4.06 -49.54 19.41
C HIS G 38 4.50 -50.71 18.52
N ALA G 39 4.98 -51.79 19.15
CA ALA G 39 5.51 -52.97 18.45
C ALA G 39 4.48 -53.53 17.45
N GLY G 40 4.87 -53.52 16.16
CA GLY G 40 4.02 -53.97 15.06
C GLY G 40 3.10 -52.93 14.47
N GLU G 41 3.06 -51.72 15.08
CA GLU G 41 2.20 -50.62 14.61
C GLU G 41 2.99 -49.53 13.85
N ALA G 42 2.27 -48.53 13.34
CA ALA G 42 2.90 -47.40 12.67
C ALA G 42 3.29 -46.27 13.66
N PRO G 43 4.38 -45.51 13.38
CA PRO G 43 4.70 -44.36 14.25
C PRO G 43 3.55 -43.34 14.26
N THR G 44 3.30 -42.73 15.43
CA THR G 44 2.31 -41.67 15.59
C THR G 44 2.99 -40.48 16.21
N PHE G 45 2.69 -39.29 15.69
CA PHE G 45 3.23 -38.02 16.17
C PHE G 45 2.95 -37.78 17.65
N LEU G 46 3.96 -37.33 18.38
CA LEU G 46 3.78 -36.99 19.79
C LEU G 46 3.97 -35.52 20.02
N SER G 47 5.11 -34.99 19.51
CA SER G 47 5.47 -33.62 19.77
C SER G 47 6.45 -33.01 18.74
N TYR G 48 6.46 -31.66 18.68
CA TYR G 48 7.36 -30.85 17.86
C TYR G 48 7.98 -29.75 18.73
N ASN G 49 9.27 -29.48 18.54
CA ASN G 49 9.99 -28.41 19.22
C ASN G 49 10.96 -27.80 18.25
N VAL G 50 11.03 -26.47 18.21
CA VAL G 50 11.93 -25.74 17.34
C VAL G 50 12.66 -24.64 18.17
N LEU G 51 12.00 -24.07 19.20
CA LEU G 51 12.63 -23.11 20.10
C LEU G 51 12.84 -23.71 21.49
N ASP G 52 13.72 -23.11 22.31
CA ASP G 52 14.02 -23.54 23.67
C ASP G 52 12.81 -23.48 24.59
N GLY G 53 12.66 -24.52 25.40
CA GLY G 53 11.58 -24.61 26.36
C GLY G 53 11.08 -26.02 26.48
N LEU G 54 10.03 -26.17 27.26
CA LEU G 54 9.42 -27.46 27.56
C LEU G 54 7.92 -27.37 27.33
N GLU G 55 7.37 -28.23 26.46
CA GLU G 55 5.94 -28.28 26.16
C GLU G 55 5.34 -29.59 26.74
N GLU G 56 4.13 -29.50 27.34
CA GLU G 56 3.50 -30.60 28.07
C GLU G 56 2.12 -30.99 27.49
N LYS G 57 1.98 -32.25 27.01
CA LYS G 57 0.73 -32.79 26.44
C LYS G 57 0.24 -33.96 27.32
N GLY G 58 -0.13 -33.63 28.55
CA GLY G 58 -0.59 -34.60 29.54
C GLY G 58 0.59 -35.17 30.28
N ARG G 59 0.71 -36.52 30.29
CA ARG G 59 1.81 -37.20 30.95
C ARG G 59 3.14 -37.10 30.16
N PHE G 60 3.05 -36.64 28.90
CA PHE G 60 4.18 -36.47 27.99
C PHE G 60 4.66 -35.01 27.97
N SER G 61 5.97 -34.83 28.08
CA SER G 61 6.60 -33.52 28.02
C SER G 61 7.79 -33.60 27.11
N SER G 62 8.00 -32.54 26.33
CA SER G 62 9.11 -32.45 25.39
C SER G 62 9.87 -31.18 25.63
N PHE G 63 11.19 -31.30 25.72
CA PHE G 63 12.10 -30.24 25.99
C PHE G 63 13.10 -30.07 24.88
N LEU G 64 13.48 -28.83 24.56
CA LEU G 64 14.50 -28.55 23.57
C LEU G 64 15.52 -27.51 24.07
N SER G 65 16.79 -27.82 23.87
CA SER G 65 17.92 -26.95 24.11
C SER G 65 18.63 -26.86 22.79
N ARG G 66 18.39 -25.76 22.07
CA ARG G 66 18.96 -25.57 20.75
C ARG G 66 20.47 -25.29 20.83
N SER G 67 20.95 -24.85 21.98
CA SER G 67 22.37 -24.53 22.21
C SER G 67 23.20 -25.76 22.55
N LYS G 68 22.64 -26.69 23.36
CA LYS G 68 23.27 -27.93 23.77
C LYS G 68 23.04 -29.02 22.72
N GLY G 69 22.17 -28.75 21.75
CA GLY G 69 21.84 -29.67 20.66
C GLY G 69 21.18 -30.92 21.19
N TYR G 70 20.18 -30.72 22.09
CA TYR G 70 19.55 -31.85 22.71
C TYR G 70 18.11 -31.60 23.03
N SER G 71 17.39 -32.69 23.14
CA SER G 71 16.00 -32.74 23.50
C SER G 71 15.75 -33.94 24.41
N TYR G 72 14.62 -33.94 25.11
CA TYR G 72 14.21 -35.11 25.84
C TYR G 72 12.73 -35.22 25.77
N LEU G 73 12.26 -36.47 25.79
CA LEU G 73 10.87 -36.83 25.95
C LEU G 73 10.74 -37.39 27.38
N LEU G 74 9.92 -36.71 28.19
CA LEU G 74 9.67 -37.07 29.59
C LEU G 74 8.30 -37.72 29.75
N LEU G 75 8.29 -38.91 30.33
CA LEU G 75 7.04 -39.64 30.57
C LEU G 75 6.82 -39.72 32.09
N LYS G 76 5.68 -39.23 32.59
CA LYS G 76 5.31 -39.22 34.02
C LYS G 76 4.23 -40.25 34.29
N GLU G 77 4.12 -40.72 35.56
CA GLU G 77 3.10 -41.70 36.01
C GLU G 77 3.01 -42.88 35.03
N LEU G 78 4.17 -43.49 34.73
CA LEU G 78 4.37 -44.62 33.81
C LEU G 78 3.31 -45.70 33.93
N GLN G 79 2.71 -46.02 32.80
CA GLN G 79 1.73 -47.08 32.68
C GLN G 79 2.32 -48.13 31.80
N MET G 80 1.83 -49.37 31.89
CA MET G 80 2.31 -50.48 31.07
C MET G 80 2.14 -50.19 29.56
N LYS G 81 1.06 -49.47 29.15
CA LYS G 81 0.75 -49.10 27.75
C LYS G 81 1.82 -48.19 27.11
N ASP G 82 2.70 -47.58 27.93
CA ASP G 82 3.78 -46.72 27.46
C ASP G 82 4.95 -47.55 26.93
N SER G 83 4.91 -48.91 27.11
CA SER G 83 5.88 -49.85 26.54
C SER G 83 5.73 -49.74 25.05
N ALA G 84 6.76 -49.18 24.40
CA ALA G 84 6.80 -48.87 22.97
C ALA G 84 8.18 -48.38 22.61
N SER G 85 8.40 -48.12 21.32
CA SER G 85 9.62 -47.47 20.83
C SER G 85 9.35 -45.96 20.64
N TYR G 86 10.33 -45.12 20.91
CA TYR G 86 10.23 -43.67 20.79
C TYR G 86 11.30 -43.21 19.86
N LEU G 87 10.85 -42.69 18.74
CA LEU G 87 11.67 -42.24 17.64
C LEU G 87 11.77 -40.75 17.69
N CYS G 88 12.98 -40.29 17.47
CA CYS G 88 13.41 -38.92 17.49
C CYS G 88 13.85 -38.55 16.08
N ALA G 89 13.33 -37.43 15.55
CA ALA G 89 13.68 -36.97 14.19
C ALA G 89 13.90 -35.47 14.16
N VAL G 90 14.91 -35.01 13.38
CA VAL G 90 15.25 -33.59 13.25
C VAL G 90 15.20 -33.18 11.79
N LYS G 91 14.56 -32.03 11.51
CA LYS G 91 14.47 -31.41 10.20
C LYS G 91 15.66 -30.48 10.04
N ASP G 92 16.57 -30.78 9.10
CA ASP G 92 17.80 -30.03 8.82
C ASP G 92 17.50 -28.72 8.04
N SER G 93 18.57 -27.98 7.64
CA SER G 93 18.54 -26.72 6.88
CA SER G 93 18.51 -26.71 6.89
C SER G 93 17.68 -26.80 5.61
N ASN G 94 17.68 -27.99 4.97
CA ASN G 94 17.00 -28.26 3.72
C ASN G 94 15.64 -28.97 3.89
N TYR G 95 15.15 -29.06 5.13
CA TYR G 95 13.85 -29.60 5.57
C TYR G 95 13.75 -31.12 5.45
N GLN G 96 14.90 -31.79 5.31
CA GLN G 96 15.00 -33.24 5.25
C GLN G 96 15.03 -33.83 6.65
N LEU G 97 14.19 -34.87 6.93
CA LEU G 97 14.16 -35.54 8.22
C LEU G 97 15.34 -36.51 8.38
N ILE G 98 16.03 -36.40 9.54
CA ILE G 98 17.13 -37.24 10.01
C ILE G 98 16.54 -38.03 11.19
N TRP G 99 16.50 -39.36 11.09
CA TRP G 99 15.89 -40.18 12.12
C TRP G 99 16.89 -40.87 13.00
N GLY G 100 16.57 -40.95 14.29
CA GLY G 100 17.34 -41.70 15.28
C GLY G 100 16.95 -43.17 15.15
N ALA G 101 17.78 -44.10 15.65
CA ALA G 101 17.53 -45.55 15.54
C ALA G 101 16.33 -46.04 16.39
N GLY G 102 15.81 -45.15 17.25
CA GLY G 102 14.71 -45.39 18.16
C GLY G 102 15.15 -45.88 19.53
N THR G 103 14.30 -45.66 20.57
CA THR G 103 14.48 -46.10 21.95
C THR G 103 13.35 -47.00 22.32
N LYS G 104 13.64 -48.29 22.60
CA LYS G 104 12.61 -49.20 23.07
C LYS G 104 12.46 -48.97 24.60
N LEU G 105 11.23 -48.71 25.07
CA LEU G 105 11.00 -48.47 26.47
C LEU G 105 10.25 -49.63 27.07
N ILE G 106 10.84 -50.22 28.12
CA ILE G 106 10.33 -51.41 28.83
C ILE G 106 9.96 -50.98 30.26
N ILE G 107 8.71 -51.20 30.59
CA ILE G 107 8.12 -50.87 31.87
C ILE G 107 8.03 -52.12 32.72
N LYS G 108 8.57 -52.04 33.95
CA LYS G 108 8.52 -53.11 34.92
C LYS G 108 7.24 -52.93 35.74
N PRO G 109 6.31 -53.91 35.81
CA PRO G 109 5.10 -53.70 36.61
C PRO G 109 5.38 -53.69 38.12
N ASP G 110 4.48 -53.10 38.91
CA ASP G 110 4.59 -53.12 40.39
C ASP G 110 4.00 -54.47 40.87
N ILE G 111 4.86 -55.41 41.33
CA ILE G 111 4.38 -56.74 41.76
C ILE G 111 4.01 -56.67 43.26
N GLN G 112 2.68 -56.57 43.52
CA GLN G 112 2.09 -56.44 44.86
C GLN G 112 2.41 -57.68 45.74
N ASN G 113 2.18 -58.90 45.21
CA ASN G 113 2.44 -60.15 45.94
C ASN G 113 3.20 -61.15 45.07
N PRO G 114 4.56 -61.18 45.11
CA PRO G 114 5.30 -62.15 44.29
C PRO G 114 5.17 -63.58 44.84
N ASP G 115 4.92 -64.54 43.94
CA ASP G 115 4.76 -65.98 44.22
C ASP G 115 5.59 -66.79 43.22
N PRO G 116 6.94 -66.60 43.13
CA PRO G 116 7.72 -67.32 42.09
C PRO G 116 7.49 -68.82 42.07
N ALA G 117 7.27 -69.40 40.86
CA ALA G 117 6.96 -70.82 40.65
C ALA G 117 7.13 -71.26 39.20
N VAL G 118 7.44 -72.56 39.00
CA VAL G 118 7.58 -73.17 37.69
C VAL G 118 6.56 -74.30 37.62
N TYR G 119 5.60 -74.22 36.69
CA TYR G 119 4.57 -75.23 36.55
C TYR G 119 4.67 -75.97 35.24
N GLN G 120 4.20 -77.23 35.21
CA GLN G 120 4.14 -78.02 33.99
C GLN G 120 2.71 -78.00 33.44
N LEU G 121 2.57 -77.68 32.15
CA LEU G 121 1.31 -77.65 31.42
C LEU G 121 1.23 -78.80 30.39
N ARG G 122 0.01 -79.34 30.13
CA ARG G 122 -0.20 -80.42 29.14
C ARG G 122 -1.15 -79.97 28.03
N SER G 130 6.21 -81.43 26.49
CA SER G 130 5.23 -80.38 26.72
C SER G 130 5.91 -79.07 27.22
N VAL G 131 5.12 -78.14 27.78
CA VAL G 131 5.50 -76.80 28.22
C VAL G 131 5.70 -76.64 29.77
N CYS G 132 6.63 -75.74 30.14
CA CYS G 132 6.96 -75.30 31.50
C CYS G 132 6.77 -73.79 31.57
N LEU G 133 6.10 -73.33 32.62
CA LEU G 133 5.81 -71.90 32.80
C LEU G 133 6.41 -71.37 34.10
N PHE G 134 7.28 -70.35 33.97
CA PHE G 134 7.86 -69.62 35.09
C PHE G 134 7.00 -68.39 35.24
N THR G 135 6.28 -68.29 36.35
CA THR G 135 5.34 -67.19 36.55
C THR G 135 5.38 -66.65 37.98
N ASP G 136 4.72 -65.49 38.16
CA ASP G 136 4.47 -64.74 39.40
C ASP G 136 5.77 -64.27 40.11
N PHE G 137 6.87 -64.18 39.36
CA PHE G 137 8.12 -63.67 39.90
C PHE G 137 8.12 -62.12 39.88
N ASP G 138 8.97 -61.49 40.71
CA ASP G 138 9.13 -60.03 40.81
C ASP G 138 9.79 -59.51 39.52
N SER G 139 9.49 -58.25 39.15
CA SER G 139 9.98 -57.61 37.91
C SER G 139 11.52 -57.43 37.89
N GLN G 140 12.20 -57.65 39.04
CA GLN G 140 13.65 -57.58 39.13
C GLN G 140 14.26 -58.79 38.43
N THR G 141 13.65 -59.99 38.60
CA THR G 141 14.10 -61.27 38.01
C THR G 141 14.20 -61.16 36.48
N ASN G 142 15.33 -61.65 35.93
CA ASN G 142 15.61 -61.63 34.50
C ASN G 142 15.66 -63.06 33.96
N VAL G 143 15.01 -63.29 32.80
CA VAL G 143 14.93 -64.58 32.13
C VAL G 143 16.00 -64.64 31.04
N SER G 144 16.84 -65.69 31.08
CA SER G 144 17.91 -65.92 30.10
C SER G 144 17.50 -66.99 29.10
N GLN G 145 17.70 -66.71 27.80
CA GLN G 145 17.39 -67.67 26.73
C GLN G 145 18.38 -68.82 26.81
N SER G 146 17.91 -70.03 26.46
CA SER G 146 18.65 -71.30 26.51
C SER G 146 19.91 -71.34 25.60
N LYS G 147 20.83 -72.27 25.94
CA LYS G 147 22.06 -72.56 25.20
C LYS G 147 21.91 -73.90 24.45
N ASP G 148 20.99 -74.79 24.92
CA ASP G 148 20.70 -76.09 24.31
C ASP G 148 20.03 -75.92 22.93
N SER G 149 20.26 -76.90 22.05
CA SER G 149 19.84 -76.93 20.65
C SER G 149 18.30 -76.94 20.47
N ASP G 150 17.61 -78.02 20.90
CA ASP G 150 16.16 -78.15 20.74
C ASP G 150 15.39 -77.71 22.01
N VAL G 151 15.91 -76.71 22.79
CA VAL G 151 15.27 -76.16 24.00
C VAL G 151 14.93 -74.69 23.72
N TYR G 152 13.63 -74.34 23.84
CA TYR G 152 13.15 -72.99 23.54
C TYR G 152 12.57 -72.26 24.74
N ILE G 153 13.19 -71.13 25.11
CA ILE G 153 12.74 -70.25 26.20
C ILE G 153 12.44 -68.86 25.64
N THR G 154 11.27 -68.31 25.99
CA THR G 154 10.81 -66.97 25.60
C THR G 154 11.18 -65.91 26.62
N ASP G 155 11.15 -64.63 26.21
CA ASP G 155 11.39 -63.49 27.10
C ASP G 155 10.20 -63.30 28.07
N LYS G 156 10.42 -62.59 29.17
CA LYS G 156 9.34 -62.38 30.15
C LYS G 156 8.25 -61.48 29.56
N CYS G 157 7.01 -61.83 29.85
CA CYS G 157 5.80 -61.18 29.36
C CYS G 157 4.94 -60.74 30.55
N VAL G 158 4.25 -59.61 30.41
CA VAL G 158 3.40 -59.06 31.47
C VAL G 158 1.94 -59.12 31.08
N LEU G 159 1.11 -59.83 31.85
CA LEU G 159 -0.32 -59.85 31.57
C LEU G 159 -1.07 -59.11 32.67
N ASP G 160 -2.21 -58.51 32.30
CA ASP G 160 -3.06 -57.76 33.22
C ASP G 160 -4.47 -58.35 33.26
N MET G 161 -4.86 -58.74 34.46
CA MET G 161 -6.21 -59.21 34.77
C MET G 161 -6.96 -57.95 35.19
N ARG G 162 -7.57 -57.27 34.21
CA ARG G 162 -8.24 -55.99 34.44
C ARG G 162 -9.33 -56.07 35.54
N SER G 163 -10.25 -57.07 35.43
CA SER G 163 -11.36 -57.32 36.35
C SER G 163 -10.94 -57.55 37.82
N MET G 164 -9.69 -58.03 38.05
CA MET G 164 -9.14 -58.30 39.38
C MET G 164 -8.02 -57.32 39.79
N ASP G 165 -7.72 -56.28 38.95
CA ASP G 165 -6.64 -55.29 39.13
C ASP G 165 -5.30 -56.00 39.49
N PHE G 166 -4.99 -57.06 38.71
CA PHE G 166 -3.84 -57.94 38.91
C PHE G 166 -2.90 -58.00 37.70
N LYS G 167 -1.59 -57.87 37.97
CA LYS G 167 -0.52 -57.97 36.99
C LYS G 167 0.44 -59.12 37.36
N SER G 168 0.96 -59.84 36.36
CA SER G 168 1.90 -60.92 36.60
C SER G 168 2.90 -61.07 35.45
N ASN G 169 4.14 -61.46 35.81
CA ASN G 169 5.26 -61.77 34.92
C ASN G 169 5.25 -63.27 34.58
N SER G 170 5.71 -63.63 33.39
CA SER G 170 5.75 -65.04 32.96
C SER G 170 6.68 -65.26 31.79
N ALA G 171 7.27 -66.44 31.75
CA ALA G 171 8.16 -66.94 30.70
C ALA G 171 7.84 -68.42 30.47
N VAL G 172 7.75 -68.82 29.20
CA VAL G 172 7.50 -70.20 28.80
C VAL G 172 8.83 -70.87 28.36
N ALA G 173 8.92 -72.20 28.60
CA ALA G 173 10.02 -73.08 28.20
C ALA G 173 9.45 -74.40 27.67
N TRP G 174 10.01 -74.95 26.58
CA TRP G 174 9.55 -76.23 26.00
C TRP G 174 10.65 -76.89 25.17
N SER G 175 10.58 -78.24 25.03
CA SER G 175 11.55 -79.04 24.30
C SER G 175 11.08 -80.46 24.04
N ASN G 176 11.82 -81.17 23.12
CA ASN G 176 11.66 -82.58 22.74
C ASN G 176 12.91 -83.37 23.13
N PHE G 180 13.72 -83.43 28.59
CA PHE G 180 13.58 -82.08 29.13
C PHE G 180 12.88 -82.11 30.49
N ALA G 181 13.59 -81.64 31.53
CA ALA G 181 13.09 -81.59 32.90
C ALA G 181 12.65 -80.18 33.27
N CYS G 182 11.46 -80.06 33.90
CA CYS G 182 10.85 -78.80 34.33
C CYS G 182 11.66 -78.13 35.46
N ALA G 183 12.43 -78.93 36.23
CA ALA G 183 13.28 -78.44 37.32
C ALA G 183 14.61 -77.91 36.78
N ASN G 184 14.97 -78.32 35.54
CA ASN G 184 16.20 -77.93 34.85
C ASN G 184 15.93 -76.82 33.82
N ALA G 185 14.63 -76.57 33.51
CA ALA G 185 14.10 -75.62 32.52
C ALA G 185 14.77 -74.24 32.52
N PHE G 186 14.85 -73.56 33.68
CA PHE G 186 15.43 -72.21 33.77
C PHE G 186 16.76 -72.20 34.55
N ASN G 187 17.63 -73.22 34.31
CA ASN G 187 18.93 -73.36 34.99
C ASN G 187 19.96 -72.32 34.48
N ASN G 188 19.73 -71.72 33.30
CA ASN G 188 20.62 -70.70 32.71
C ASN G 188 20.27 -69.28 33.24
N SER G 189 19.14 -69.15 33.96
CA SER G 189 18.67 -67.87 34.52
C SER G 189 18.79 -67.86 36.05
N ILE G 190 19.12 -66.69 36.63
CA ILE G 190 19.21 -66.53 38.09
C ILE G 190 17.77 -66.28 38.59
N ILE G 191 17.17 -67.29 39.26
CA ILE G 191 15.77 -67.29 39.73
C ILE G 191 15.66 -67.15 41.27
N PRO G 192 14.51 -66.66 41.84
CA PRO G 192 14.41 -66.56 43.31
C PRO G 192 14.59 -67.89 44.06
N GLU G 193 15.10 -67.83 45.32
CA GLU G 193 15.30 -69.02 46.16
C GLU G 193 13.92 -69.57 46.61
N ASP G 194 12.93 -68.67 46.76
CA ASP G 194 11.56 -68.99 47.15
C ASP G 194 10.70 -69.56 45.97
N THR G 195 11.32 -69.86 44.78
CA THR G 195 10.60 -70.39 43.58
C THR G 195 10.04 -71.79 43.87
N PHE G 196 8.70 -71.90 43.85
CA PHE G 196 7.96 -73.12 44.09
C PHE G 196 8.08 -74.11 42.91
N PHE G 197 8.39 -75.38 43.22
CA PHE G 197 8.51 -76.47 42.25
C PHE G 197 7.65 -77.67 42.68
N PRO G 198 6.44 -77.85 42.13
CA PRO G 198 5.60 -78.97 42.56
C PRO G 198 5.95 -80.28 41.84
N GLY H 3 -5.60 -41.46 8.48
CA GLY H 3 -6.12 -41.12 7.15
C GLY H 3 -5.25 -41.56 5.98
N VAL H 4 -4.22 -42.39 6.23
CA VAL H 4 -3.34 -42.95 5.20
C VAL H 4 -3.67 -44.46 5.12
N THR H 5 -3.90 -44.97 3.90
CA THR H 5 -4.24 -46.39 3.67
C THR H 5 -3.20 -47.01 2.76
N GLN H 6 -2.45 -48.02 3.24
CA GLN H 6 -1.43 -48.67 2.41
C GLN H 6 -1.70 -50.20 2.35
N THR H 7 -1.46 -50.77 1.17
CA THR H 7 -1.71 -52.19 0.91
C THR H 7 -0.56 -52.79 0.11
N PRO H 8 -0.23 -54.10 0.25
CA PRO H 8 -0.80 -55.12 1.19
C PRO H 8 -0.11 -55.10 2.56
N LYS H 9 -0.80 -55.57 3.62
CA LYS H 9 -0.20 -55.59 4.96
C LYS H 9 0.97 -56.61 5.00
N PHE H 10 0.86 -57.69 4.23
CA PHE H 10 1.85 -58.76 4.18
C PHE H 10 2.06 -59.25 2.76
N GLN H 11 3.28 -59.68 2.43
CA GLN H 11 3.55 -60.22 1.11
C GLN H 11 4.80 -61.06 1.12
N VAL H 12 4.72 -62.24 0.47
CA VAL H 12 5.85 -63.15 0.27
C VAL H 12 6.23 -63.02 -1.20
N LEU H 13 7.52 -62.86 -1.48
CA LEU H 13 7.99 -62.72 -2.84
C LEU H 13 9.16 -63.63 -3.11
N LYS H 14 9.28 -64.08 -4.35
CA LYS H 14 10.42 -64.87 -4.83
C LYS H 14 11.35 -63.90 -5.54
N THR H 15 12.67 -64.08 -5.37
CA THR H 15 13.71 -63.26 -5.98
C THR H 15 13.42 -63.08 -7.48
N GLY H 16 13.52 -61.84 -7.95
CA GLY H 16 13.26 -61.48 -9.34
C GLY H 16 11.82 -61.12 -9.64
N GLN H 17 10.92 -61.27 -8.66
CA GLN H 17 9.52 -60.92 -8.84
C GLN H 17 9.31 -59.42 -8.66
N SER H 18 8.38 -58.88 -9.43
CA SER H 18 8.00 -57.48 -9.34
C SER H 18 6.88 -57.34 -8.29
N MET H 19 6.75 -56.14 -7.72
CA MET H 19 5.77 -55.83 -6.67
C MET H 19 5.41 -54.37 -6.71
N THR H 20 4.14 -54.05 -6.54
CA THR H 20 3.70 -52.66 -6.40
C THR H 20 2.98 -52.56 -5.06
N LEU H 21 3.39 -51.57 -4.26
CA LEU H 21 2.83 -51.23 -2.97
C LEU H 21 1.92 -49.99 -3.17
N GLN H 22 0.69 -50.01 -2.65
CA GLN H 22 -0.26 -48.91 -2.87
C GLN H 22 -0.37 -48.02 -1.65
N CYS H 23 -0.58 -46.73 -1.88
CA CYS H 23 -0.78 -45.79 -0.78
C CYS H 23 -1.70 -44.67 -1.18
N ALA H 24 -2.73 -44.45 -0.35
CA ALA H 24 -3.69 -43.39 -0.56
C ALA H 24 -3.95 -42.62 0.74
N GLN H 25 -4.18 -41.32 0.61
CA GLN H 25 -4.54 -40.47 1.74
C GLN H 25 -5.67 -39.54 1.30
N ASP H 26 -6.66 -39.40 2.17
CA ASP H 26 -7.81 -38.55 1.90
C ASP H 26 -7.79 -37.39 2.90
N MET H 27 -6.64 -36.74 2.99
CA MET H 27 -6.42 -35.67 3.96
C MET H 27 -6.08 -34.34 3.30
N ASN H 28 -5.93 -34.34 1.96
CA ASN H 28 -5.57 -33.20 1.10
C ASN H 28 -4.09 -32.82 1.31
N HIS H 29 -3.26 -33.84 1.55
CA HIS H 29 -1.84 -33.62 1.74
C HIS H 29 -1.15 -33.53 0.40
N ASN H 30 -0.08 -32.75 0.34
CA ASN H 30 0.66 -32.58 -0.89
C ASN H 30 1.90 -33.43 -0.92
N SER H 31 2.54 -33.65 0.24
CA SER H 31 3.78 -34.43 0.32
C SER H 31 3.52 -35.87 0.65
N MET H 32 4.25 -36.81 0.01
CA MET H 32 4.10 -38.27 0.27
C MET H 32 5.47 -38.91 0.24
N TYR H 33 5.65 -39.93 1.07
CA TYR H 33 6.95 -40.57 1.29
C TYR H 33 6.85 -42.06 1.35
N TRP H 34 7.93 -42.73 0.95
CA TRP H 34 8.07 -44.18 1.13
C TRP H 34 9.31 -44.43 1.93
N TYR H 35 9.12 -45.00 3.14
CA TYR H 35 10.16 -45.38 4.10
C TYR H 35 10.28 -46.89 4.25
N ARG H 36 11.46 -47.32 4.67
CA ARG H 36 11.65 -48.70 5.05
C ARG H 36 12.29 -48.72 6.45
N GLN H 37 11.75 -49.56 7.32
CA GLN H 37 12.21 -49.74 8.69
C GLN H 37 12.89 -51.10 8.82
N ASP H 38 14.16 -51.06 9.16
CA ASP H 38 15.02 -52.21 9.34
C ASP H 38 15.54 -52.20 10.75
N PRO H 39 15.64 -53.36 11.39
CA PRO H 39 16.07 -53.39 12.81
C PRO H 39 17.45 -52.79 13.06
N GLY H 40 17.54 -51.98 14.14
CA GLY H 40 18.78 -51.35 14.59
C GLY H 40 19.17 -50.05 13.90
N MET H 41 18.28 -49.47 13.12
CA MET H 41 18.55 -48.18 12.47
C MET H 41 17.29 -47.35 12.35
N GLY H 42 17.46 -46.07 12.09
CA GLY H 42 16.35 -45.16 11.88
C GLY H 42 15.71 -45.37 10.52
N LEU H 43 14.48 -44.86 10.36
CA LEU H 43 13.73 -44.96 9.11
C LEU H 43 14.58 -44.45 7.98
N ARG H 44 14.55 -45.16 6.84
CA ARG H 44 15.30 -44.75 5.66
C ARG H 44 14.34 -44.50 4.54
N LEU H 45 14.40 -43.27 4.03
CA LEU H 45 13.58 -42.76 2.95
C LEU H 45 14.05 -43.34 1.63
N ILE H 46 13.14 -44.01 0.92
CA ILE H 46 13.40 -44.59 -0.39
C ILE H 46 13.16 -43.51 -1.47
N TYR H 47 11.93 -43.00 -1.50
CA TYR H 47 11.48 -41.98 -2.42
C TYR H 47 10.47 -41.11 -1.74
N TYR H 48 10.34 -39.88 -2.21
CA TYR H 48 9.37 -38.95 -1.70
C TYR H 48 8.79 -38.18 -2.89
N SER H 49 7.64 -37.57 -2.66
CA SER H 49 6.89 -36.77 -3.62
C SER H 49 6.46 -35.46 -2.90
N ALA H 50 7.23 -34.36 -3.06
CA ALA H 50 6.98 -33.07 -2.37
C ALA H 50 5.55 -32.52 -2.66
N SER H 51 5.05 -32.73 -3.90
CA SER H 51 3.71 -32.34 -4.33
C SER H 51 3.32 -33.17 -5.54
N GLU H 52 2.05 -33.04 -5.96
CA GLU H 52 1.55 -33.70 -7.17
C GLU H 52 2.34 -33.18 -8.38
N GLY H 53 2.85 -34.09 -9.18
CA GLY H 53 3.59 -33.73 -10.38
C GLY H 53 5.09 -33.82 -10.27
N THR H 54 5.60 -34.26 -9.10
CA THR H 54 7.03 -34.41 -8.87
C THR H 54 7.31 -35.47 -7.81
N THR H 55 8.45 -36.14 -7.99
CA THR H 55 9.01 -37.20 -7.15
C THR H 55 10.51 -37.06 -7.17
N ASP H 56 11.20 -37.56 -6.11
CA ASP H 56 12.65 -37.61 -6.06
C ASP H 56 13.13 -38.74 -5.17
N LYS H 57 14.37 -39.17 -5.42
CA LYS H 57 15.09 -40.20 -4.69
C LYS H 57 15.35 -39.74 -3.28
N GLY H 58 15.41 -40.69 -2.37
CA GLY H 58 15.72 -40.44 -0.98
C GLY H 58 17.10 -41.00 -0.70
N GLU H 59 17.28 -41.53 0.52
CA GLU H 59 18.54 -42.11 0.97
C GLU H 59 18.83 -43.45 0.27
N VAL H 60 17.79 -44.31 0.05
CA VAL H 60 17.98 -45.68 -0.49
C VAL H 60 17.07 -46.00 -1.71
N PRO H 61 17.24 -45.33 -2.87
CA PRO H 61 16.33 -45.59 -4.00
C PRO H 61 16.62 -46.84 -4.87
N ASN H 62 17.84 -47.44 -4.81
CA ASN H 62 18.23 -48.59 -5.67
C ASN H 62 17.39 -49.83 -5.41
N GLY H 63 16.73 -50.29 -6.47
CA GLY H 63 15.83 -51.46 -6.45
C GLY H 63 14.37 -51.04 -6.49
N TYR H 64 14.13 -49.72 -6.47
CA TYR H 64 12.78 -49.18 -6.44
C TYR H 64 12.58 -48.09 -7.44
N ASN H 65 11.32 -47.76 -7.63
CA ASN H 65 10.80 -46.68 -8.47
C ASN H 65 9.43 -46.34 -7.90
N VAL H 66 8.98 -45.09 -8.08
CA VAL H 66 7.69 -44.65 -7.53
C VAL H 66 6.86 -43.94 -8.52
N SER H 67 5.57 -43.91 -8.30
CA SER H 67 4.72 -43.15 -9.18
C SER H 67 3.74 -42.34 -8.37
N ARG H 68 3.76 -41.00 -8.54
CA ARG H 68 2.78 -40.12 -7.91
C ARG H 68 1.62 -40.02 -8.91
N LEU H 69 0.67 -40.95 -8.83
CA LEU H 69 -0.47 -41.07 -9.75
C LEU H 69 -1.35 -39.81 -9.74
N ASN H 70 -1.58 -39.24 -8.55
CA ASN H 70 -2.36 -38.01 -8.34
C ASN H 70 -2.08 -37.47 -6.92
N LYS H 71 -2.88 -36.48 -6.45
CA LYS H 71 -2.71 -35.90 -5.12
C LYS H 71 -2.89 -36.97 -4.02
N ARG H 72 -3.78 -37.92 -4.25
CA ARG H 72 -4.09 -38.95 -3.26
C ARG H 72 -3.13 -40.14 -3.24
N GLU H 73 -2.65 -40.61 -4.41
CA GLU H 73 -1.89 -41.86 -4.46
C GLU H 73 -0.44 -41.75 -4.88
N PHE H 74 0.37 -42.58 -4.24
CA PHE H 74 1.81 -42.69 -4.41
C PHE H 74 2.17 -44.15 -4.21
N SER H 75 2.48 -44.83 -5.30
CA SER H 75 2.78 -46.25 -5.25
C SER H 75 4.28 -46.50 -5.33
N LEU H 76 4.73 -47.60 -4.74
CA LEU H 76 6.13 -47.97 -4.70
C LEU H 76 6.29 -49.26 -5.50
N ARG H 77 7.24 -49.30 -6.41
CA ARG H 77 7.41 -50.51 -7.16
C ARG H 77 8.80 -51.08 -6.91
N LEU H 78 8.87 -52.42 -6.75
CA LEU H 78 10.07 -53.27 -6.65
C LEU H 78 10.17 -53.98 -8.01
N GLU H 79 11.18 -53.66 -8.84
CA GLU H 79 11.28 -54.18 -10.22
C GLU H 79 11.62 -55.68 -10.27
N SER H 80 12.71 -56.04 -9.58
CA SER H 80 13.23 -57.38 -9.48
C SER H 80 13.56 -57.54 -8.03
N ALA H 81 12.60 -58.07 -7.24
CA ALA H 81 12.76 -58.21 -5.79
C ALA H 81 14.02 -58.99 -5.43
N ALA H 82 14.71 -58.51 -4.39
CA ALA H 82 15.95 -59.07 -3.89
C ALA H 82 15.83 -59.33 -2.39
N PRO H 83 16.44 -60.40 -1.83
CA PRO H 83 16.32 -60.66 -0.39
C PRO H 83 16.63 -59.47 0.56
N SER H 84 17.53 -58.55 0.15
CA SER H 84 17.90 -57.35 0.96
C SER H 84 16.71 -56.36 1.07
N GLN H 85 15.68 -56.56 0.21
CA GLN H 85 14.46 -55.76 0.16
C GLN H 85 13.38 -56.34 1.14
N THR H 86 13.72 -57.40 1.91
CA THR H 86 12.87 -57.98 2.95
C THR H 86 12.91 -56.96 4.08
N SER H 87 11.78 -56.32 4.34
CA SER H 87 11.67 -55.23 5.31
C SER H 87 10.22 -54.90 5.64
N VAL H 88 10.04 -53.85 6.45
CA VAL H 88 8.75 -53.25 6.81
C VAL H 88 8.72 -51.90 6.15
N TYR H 89 7.78 -51.70 5.26
CA TYR H 89 7.64 -50.48 4.48
C TYR H 89 6.55 -49.61 5.01
N PHE H 90 6.84 -48.31 5.07
CA PHE H 90 5.86 -47.35 5.53
C PHE H 90 5.69 -46.25 4.54
N CYS H 91 4.44 -45.93 4.31
CA CYS H 91 4.04 -44.79 3.52
C CYS H 91 3.60 -43.74 4.48
N ALA H 92 3.84 -42.47 4.15
CA ALA H 92 3.47 -41.34 4.98
C ALA H 92 3.09 -40.14 4.17
N SER H 93 2.31 -39.23 4.76
CA SER H 93 1.92 -38.00 4.14
C SER H 93 2.04 -36.86 5.15
N SER H 94 2.29 -35.67 4.66
CA SER H 94 2.34 -34.41 5.41
C SER H 94 1.71 -33.37 4.52
N VAL H 95 1.12 -32.31 5.08
CA VAL H 95 0.41 -31.25 4.35
C VAL H 95 1.34 -30.64 3.28
N TRP H 96 2.58 -30.29 3.63
CA TRP H 96 3.63 -29.75 2.74
C TRP H 96 5.02 -30.15 3.23
N THR H 97 6.06 -29.89 2.42
CA THR H 97 7.46 -29.96 2.81
C THR H 97 7.91 -28.49 2.69
N GLY H 98 9.12 -28.15 3.16
CA GLY H 98 9.61 -26.77 3.16
C GLY H 98 8.90 -25.96 4.23
N GLU H 99 8.28 -26.71 5.16
CA GLU H 99 7.52 -26.33 6.34
C GLU H 99 8.16 -27.11 7.49
N GLY H 100 8.52 -26.42 8.55
CA GLY H 100 9.20 -27.07 9.66
C GLY H 100 8.36 -27.92 10.57
N SER H 101 7.20 -27.38 11.02
CA SER H 101 6.32 -27.96 12.04
C SER H 101 5.43 -29.14 11.64
N GLY H 102 5.02 -29.22 10.36
CA GLY H 102 4.13 -30.23 9.82
C GLY H 102 4.62 -31.66 9.99
N GLU H 103 3.88 -32.44 10.79
CA GLU H 103 4.17 -33.84 11.11
C GLU H 103 3.82 -34.82 10.00
N LEU H 104 4.32 -36.05 10.16
CA LEU H 104 4.07 -37.16 9.25
C LEU H 104 2.93 -38.01 9.75
N PHE H 105 2.08 -38.45 8.83
CA PHE H 105 0.95 -39.35 9.09
C PHE H 105 1.29 -40.64 8.40
N PHE H 106 1.50 -41.73 9.17
CA PHE H 106 1.91 -43.02 8.58
C PHE H 106 0.78 -43.98 8.28
N GLY H 107 1.02 -44.83 7.27
CA GLY H 107 0.14 -45.94 6.94
C GLY H 107 0.41 -47.09 7.89
N GLU H 108 -0.39 -48.15 7.85
CA GLU H 108 -0.23 -49.29 8.76
C GLU H 108 1.08 -50.11 8.55
N GLY H 109 1.74 -49.99 7.40
CA GLY H 109 2.96 -50.75 7.13
C GLY H 109 2.73 -52.00 6.30
N SER H 110 3.73 -52.38 5.47
CA SER H 110 3.73 -53.53 4.60
C SER H 110 4.89 -54.43 4.94
N ARG H 111 4.61 -55.62 5.50
CA ARG H 111 5.66 -56.58 5.85
C ARG H 111 5.94 -57.45 4.62
N LEU H 112 7.13 -57.25 4.05
CA LEU H 112 7.60 -57.91 2.85
C LEU H 112 8.72 -58.90 3.10
N THR H 113 8.55 -60.13 2.59
CA THR H 113 9.58 -61.15 2.67
C THR H 113 9.91 -61.59 1.24
N VAL H 114 11.20 -61.57 0.95
CA VAL H 114 11.77 -61.99 -0.33
C VAL H 114 12.64 -63.19 -0.04
N LEU H 115 12.41 -64.26 -0.82
CA LEU H 115 13.10 -65.54 -0.69
C LEU H 115 13.52 -66.06 -2.05
N GLU H 116 14.66 -66.80 -2.13
CA GLU H 116 15.17 -67.44 -3.38
C GLU H 116 14.13 -68.43 -3.96
N ASP H 117 13.52 -69.24 -3.07
CA ASP H 117 12.46 -70.20 -3.41
C ASP H 117 11.35 -70.11 -2.35
N LEU H 118 10.22 -70.75 -2.60
CA LEU H 118 9.12 -70.70 -1.64
C LEU H 118 8.98 -72.00 -0.87
N LYS H 119 9.93 -72.94 -1.09
CA LYS H 119 9.95 -74.27 -0.48
C LYS H 119 10.01 -74.22 1.07
N ASN H 120 10.62 -73.17 1.69
CA ASN H 120 10.69 -73.11 3.16
C ASN H 120 9.47 -72.40 3.80
N VAL H 121 8.46 -72.01 3.01
CA VAL H 121 7.28 -71.36 3.62
C VAL H 121 6.38 -72.44 4.24
N PHE H 122 6.16 -72.35 5.57
CA PHE H 122 5.38 -73.29 6.37
C PHE H 122 4.37 -72.57 7.27
N PRO H 123 3.11 -73.08 7.37
CA PRO H 123 2.16 -72.44 8.30
C PRO H 123 2.42 -72.93 9.72
N PRO H 124 1.90 -72.32 10.80
CA PRO H 124 2.24 -72.85 12.12
C PRO H 124 1.39 -74.06 12.50
N GLU H 125 1.90 -74.81 13.48
CA GLU H 125 1.25 -75.90 14.16
C GLU H 125 0.87 -75.29 15.49
N VAL H 126 -0.44 -75.18 15.76
CA VAL H 126 -0.95 -74.55 16.98
C VAL H 126 -1.33 -75.60 18.03
N ALA H 127 -0.90 -75.39 19.28
CA ALA H 127 -1.24 -76.27 20.38
C ALA H 127 -1.58 -75.48 21.65
N VAL H 128 -2.65 -75.90 22.37
CA VAL H 128 -3.09 -75.29 23.62
C VAL H 128 -2.66 -76.23 24.75
N PHE H 129 -2.16 -75.63 25.84
CA PHE H 129 -1.68 -76.30 27.03
C PHE H 129 -2.55 -75.83 28.17
N GLU H 130 -3.25 -76.79 28.81
CA GLU H 130 -4.21 -76.58 29.90
C GLU H 130 -3.50 -76.23 31.23
N PRO H 131 -4.16 -75.43 32.12
CA PRO H 131 -3.52 -75.03 33.39
C PRO H 131 -3.09 -76.19 34.27
N SER H 132 -1.98 -75.98 35.01
CA SER H 132 -1.46 -76.95 35.97
C SER H 132 -2.40 -77.03 37.17
N GLU H 133 -2.67 -78.26 37.69
CA GLU H 133 -3.51 -78.48 38.87
C GLU H 133 -2.89 -77.82 40.09
N ALA H 134 -1.53 -77.82 40.12
CA ALA H 134 -0.67 -77.21 41.13
C ALA H 134 -0.91 -75.70 41.22
N GLU H 135 -1.02 -75.02 40.07
CA GLU H 135 -1.24 -73.58 39.95
C GLU H 135 -2.63 -73.16 40.45
N ILE H 136 -3.65 -73.99 40.20
CA ILE H 136 -5.04 -73.74 40.58
C ILE H 136 -5.16 -73.79 42.12
N SER H 137 -4.40 -74.71 42.75
CA SER H 137 -4.32 -74.86 44.21
C SER H 137 -3.53 -73.70 44.85
N HIS H 138 -2.37 -73.37 44.26
CA HIS H 138 -1.46 -72.35 44.77
C HIS H 138 -1.93 -70.90 44.63
N THR H 139 -2.61 -70.52 43.52
CA THR H 139 -2.99 -69.12 43.26
C THR H 139 -4.51 -68.86 43.03
N GLN H 140 -5.32 -69.93 42.89
CA GLN H 140 -6.76 -69.88 42.57
C GLN H 140 -6.96 -69.20 41.17
N LYS H 141 -5.91 -69.33 40.30
CA LYS H 141 -5.82 -68.78 38.94
C LYS H 141 -5.33 -69.86 37.98
N ALA H 142 -5.81 -69.81 36.74
CA ALA H 142 -5.47 -70.81 35.73
C ALA H 142 -4.81 -70.18 34.48
N THR H 143 -3.57 -70.61 34.14
CA THR H 143 -2.86 -70.10 32.95
C THR H 143 -2.85 -71.12 31.80
N LEU H 144 -3.47 -70.71 30.69
CA LEU H 144 -3.52 -71.40 29.41
C LEU H 144 -2.39 -70.85 28.54
N VAL H 145 -1.54 -71.72 28.01
CA VAL H 145 -0.42 -71.33 27.16
C VAL H 145 -0.68 -71.82 25.75
N CYS H 146 -0.44 -70.97 24.76
CA CYS H 146 -0.59 -71.38 23.38
C CYS H 146 0.74 -71.31 22.65
N LEU H 147 1.11 -72.39 21.95
CA LEU H 147 2.30 -72.39 21.12
C LEU H 147 1.93 -72.50 19.67
N ALA H 148 2.59 -71.69 18.84
CA ALA H 148 2.56 -71.70 17.41
C ALA H 148 3.98 -71.93 17.03
N THR H 149 4.30 -73.08 16.41
CA THR H 149 5.67 -73.45 16.08
C THR H 149 5.83 -73.80 14.59
N GLY H 150 7.09 -73.85 14.13
CA GLY H 150 7.47 -74.23 12.78
C GLY H 150 7.01 -73.36 11.63
N PHE H 151 6.60 -72.10 11.87
CA PHE H 151 6.17 -71.28 10.74
C PHE H 151 7.32 -70.45 10.14
N TYR H 152 7.15 -70.14 8.87
CA TYR H 152 8.03 -69.33 8.07
C TYR H 152 7.22 -68.71 6.90
N PRO H 153 7.31 -67.39 6.64
CA PRO H 153 8.12 -66.39 7.34
C PRO H 153 7.43 -65.97 8.63
N ASP H 154 8.03 -65.05 9.36
CA ASP H 154 7.48 -64.54 10.63
C ASP H 154 6.28 -63.56 10.32
N HIS H 155 5.15 -64.09 9.86
CA HIS H 155 3.96 -63.32 9.46
C HIS H 155 2.71 -63.86 10.19
N VAL H 156 2.66 -63.74 11.54
CA VAL H 156 1.52 -64.27 12.32
C VAL H 156 0.85 -63.21 13.20
N GLU H 157 -0.38 -63.51 13.62
CA GLU H 157 -1.20 -62.73 14.52
C GLU H 157 -1.94 -63.69 15.44
N LEU H 158 -1.54 -63.76 16.71
CA LEU H 158 -2.17 -64.62 17.70
C LEU H 158 -3.26 -63.86 18.44
N SER H 159 -4.40 -64.50 18.70
CA SER H 159 -5.55 -63.96 19.43
C SER H 159 -6.31 -65.09 20.16
N TRP H 160 -6.86 -64.75 21.35
CA TRP H 160 -7.62 -65.67 22.20
C TRP H 160 -9.10 -65.35 22.13
N TRP H 161 -9.91 -66.40 22.03
CA TRP H 161 -11.36 -66.29 21.93
C TRP H 161 -11.98 -67.16 23.00
N VAL H 162 -12.74 -66.54 23.92
CA VAL H 162 -13.41 -67.29 24.97
C VAL H 162 -14.90 -67.21 24.70
N ASN H 163 -15.51 -68.39 24.43
CA ASN H 163 -16.94 -68.62 24.11
C ASN H 163 -17.36 -67.80 22.85
N GLY H 164 -16.47 -67.82 21.84
CA GLY H 164 -16.68 -67.15 20.55
C GLY H 164 -16.42 -65.65 20.51
N LYS H 165 -16.10 -65.01 21.65
CA LYS H 165 -15.80 -63.58 21.74
C LYS H 165 -14.31 -63.40 22.04
N GLU H 166 -13.66 -62.39 21.41
CA GLU H 166 -12.22 -62.15 21.55
C GLU H 166 -11.89 -61.44 22.87
N VAL H 167 -11.09 -62.11 23.75
CA VAL H 167 -10.64 -61.57 25.06
C VAL H 167 -9.26 -60.90 24.92
N HIS H 168 -9.01 -59.85 25.72
CA HIS H 168 -7.74 -59.12 25.74
C HIS H 168 -7.17 -59.08 27.15
N SER H 169 -8.04 -59.11 28.16
CA SER H 169 -7.71 -59.15 29.58
C SER H 169 -7.12 -60.53 29.92
N GLY H 170 -6.04 -60.53 30.69
CA GLY H 170 -5.31 -61.75 31.07
C GLY H 170 -4.53 -62.37 29.93
N VAL H 171 -4.25 -61.59 28.87
CA VAL H 171 -3.52 -62.07 27.69
C VAL H 171 -2.12 -61.43 27.61
N CYS H 172 -1.14 -62.26 27.25
CA CYS H 172 0.21 -61.88 26.95
C CYS H 172 0.75 -62.71 25.81
N THR H 173 1.01 -62.07 24.68
CA THR H 173 1.61 -62.69 23.51
C THR H 173 2.99 -62.07 23.35
N ASP H 174 4.01 -62.92 23.06
CA ASP H 174 5.38 -62.50 22.79
C ASP H 174 5.37 -61.46 21.70
N PRO H 175 6.06 -60.31 21.88
CA PRO H 175 6.07 -59.30 20.79
C PRO H 175 6.79 -59.82 19.54
N GLN H 176 7.88 -60.60 19.73
CA GLN H 176 8.65 -61.19 18.63
C GLN H 176 8.75 -62.73 18.79
N PRO H 177 8.66 -63.51 17.68
CA PRO H 177 8.83 -64.96 17.82
C PRO H 177 10.29 -65.35 17.99
N LEU H 178 10.54 -66.57 18.45
CA LEU H 178 11.91 -66.98 18.58
C LEU H 178 12.28 -67.85 17.37
N LYS H 179 13.58 -68.01 17.13
CA LYS H 179 14.13 -68.82 16.04
C LYS H 179 14.32 -70.24 16.54
N GLU H 180 13.71 -71.21 15.84
CA GLU H 180 13.82 -72.63 16.19
C GLU H 180 15.21 -73.17 15.88
N GLN H 181 15.84 -72.68 14.82
CA GLN H 181 17.19 -73.10 14.45
C GLN H 181 18.06 -71.81 14.45
N PRO H 182 18.48 -71.30 15.66
CA PRO H 182 19.18 -69.99 15.72
C PRO H 182 20.36 -69.80 14.76
N ALA H 183 21.11 -70.87 14.46
CA ALA H 183 22.28 -70.82 13.59
C ALA H 183 21.93 -70.87 12.07
N LEU H 184 20.67 -71.20 11.69
CA LEU H 184 20.22 -71.27 10.29
C LEU H 184 19.66 -69.93 9.77
N ASN H 185 19.95 -69.61 8.50
CA ASN H 185 19.53 -68.36 7.83
C ASN H 185 18.01 -68.35 7.54
N ASP H 186 17.44 -69.50 7.24
CA ASP H 186 16.03 -69.62 6.95
C ASP H 186 15.33 -70.36 8.09
N SER H 187 15.72 -70.06 9.33
CA SER H 187 15.18 -70.65 10.55
C SER H 187 13.69 -70.42 10.66
N ARG H 188 12.96 -71.46 11.08
CA ARG H 188 11.51 -71.36 11.26
C ARG H 188 11.22 -70.71 12.64
N TYR H 189 9.95 -70.35 12.88
CA TYR H 189 9.63 -69.62 14.10
C TYR H 189 8.63 -70.30 15.02
N ALA H 190 8.69 -69.86 16.29
CA ALA H 190 7.81 -70.26 17.37
C ALA H 190 7.29 -69.01 18.10
N LEU H 191 6.00 -68.96 18.37
CA LEU H 191 5.35 -67.87 19.08
C LEU H 191 4.52 -68.45 20.22
N SER H 192 4.63 -67.84 21.40
CA SER H 192 3.84 -68.29 22.53
C SER H 192 2.90 -67.19 23.01
N SER H 193 1.85 -67.60 23.71
CA SER H 193 0.86 -66.70 24.27
C SER H 193 0.28 -67.30 25.52
N ARG H 194 -0.11 -66.45 26.46
CA ARG H 194 -0.69 -66.87 27.73
C ARG H 194 -2.02 -66.20 27.94
N LEU H 195 -2.97 -66.97 28.44
CA LEU H 195 -4.28 -66.51 28.85
C LEU H 195 -4.50 -66.96 30.30
N ARG H 196 -4.68 -66.00 31.19
CA ARG H 196 -4.93 -66.29 32.60
C ARG H 196 -6.36 -65.88 32.95
N VAL H 197 -7.10 -66.83 33.49
CA VAL H 197 -8.49 -66.67 33.93
C VAL H 197 -8.58 -67.05 35.43
N SER H 198 -9.78 -66.87 36.04
CA SER H 198 -10.01 -67.29 37.43
C SER H 198 -10.14 -68.81 37.46
N ALA H 199 -9.74 -69.46 38.57
CA ALA H 199 -9.86 -70.92 38.72
C ALA H 199 -11.29 -71.40 38.44
N THR H 200 -12.29 -70.69 39.01
CA THR H 200 -13.72 -70.95 38.86
C THR H 200 -14.09 -70.97 37.38
N PHE H 201 -13.66 -69.93 36.62
CA PHE H 201 -13.90 -69.79 35.19
C PHE H 201 -13.40 -71.00 34.41
N TRP H 202 -12.12 -71.39 34.63
CA TRP H 202 -11.53 -72.56 33.99
C TRP H 202 -12.25 -73.84 34.42
N GLN H 203 -12.71 -73.89 35.69
CA GLN H 203 -13.37 -75.06 36.29
C GLN H 203 -14.78 -75.27 35.72
N ASN H 204 -15.39 -74.21 35.13
CA ASN H 204 -16.70 -74.28 34.49
C ASN H 204 -16.54 -75.00 33.12
N PRO H 205 -17.14 -76.21 32.93
CA PRO H 205 -16.94 -76.93 31.65
C PRO H 205 -17.79 -76.40 30.49
N ARG H 206 -18.55 -75.29 30.70
CA ARG H 206 -19.36 -74.65 29.68
C ARG H 206 -18.52 -73.57 28.95
N ASN H 207 -17.32 -73.25 29.50
CA ASN H 207 -16.41 -72.25 28.94
C ASN H 207 -15.42 -72.88 27.95
N HIS H 208 -15.49 -72.43 26.68
CA HIS H 208 -14.66 -72.86 25.56
C HIS H 208 -13.57 -71.83 25.32
N PHE H 209 -12.32 -72.31 25.28
CA PHE H 209 -11.12 -71.49 25.04
C PHE H 209 -10.47 -71.86 23.72
N ARG H 210 -10.32 -70.87 22.84
CA ARG H 210 -9.70 -71.11 21.56
C ARG H 210 -8.55 -70.15 21.32
N CYS H 211 -7.44 -70.72 20.88
CA CYS H 211 -6.28 -69.97 20.49
C CYS H 211 -6.24 -69.92 18.96
N GLN H 212 -6.28 -68.72 18.38
CA GLN H 212 -6.28 -68.53 16.93
C GLN H 212 -5.03 -67.81 16.45
N VAL H 213 -4.40 -68.36 15.44
CA VAL H 213 -3.24 -67.80 14.80
C VAL H 213 -3.57 -67.57 13.32
N GLN H 214 -3.50 -66.30 12.89
CA GLN H 214 -3.62 -65.94 11.49
C GLN H 214 -2.22 -66.01 10.90
N PHE H 215 -2.05 -66.74 9.81
CA PHE H 215 -0.77 -66.87 9.11
C PHE H 215 -0.87 -66.23 7.75
N TYR H 216 0.14 -65.42 7.44
CA TYR H 216 0.21 -64.75 6.14
C TYR H 216 1.29 -65.44 5.32
N GLY H 217 0.85 -66.21 4.32
CA GLY H 217 1.73 -66.99 3.46
C GLY H 217 1.62 -66.67 2.00
N LEU H 218 1.44 -67.71 1.17
CA LEU H 218 1.34 -67.58 -0.29
C LEU H 218 -0.08 -67.18 -0.73
N SER H 219 -0.18 -66.65 -1.98
CA SER H 219 -1.44 -66.20 -2.58
C SER H 219 -1.99 -67.25 -3.56
N GLU H 220 -3.14 -66.95 -4.22
CA GLU H 220 -3.81 -67.81 -5.21
C GLU H 220 -2.88 -68.11 -6.39
N ASN H 221 -2.24 -67.06 -6.95
CA ASN H 221 -1.33 -67.14 -8.11
C ASN H 221 0.15 -67.34 -7.67
N ASP H 222 0.46 -68.55 -7.18
CA ASP H 222 1.80 -68.94 -6.77
C ASP H 222 1.99 -70.41 -7.17
N GLU H 223 3.02 -70.68 -8.00
CA GLU H 223 3.33 -72.02 -8.53
C GLU H 223 3.83 -72.94 -7.41
N TRP H 224 2.98 -73.89 -6.99
CA TRP H 224 3.28 -74.86 -5.95
C TRP H 224 3.25 -76.28 -6.52
N THR H 225 4.37 -77.01 -6.38
CA THR H 225 4.56 -78.37 -6.91
C THR H 225 4.84 -79.42 -5.81
N GLN H 226 5.21 -79.00 -4.58
CA GLN H 226 5.56 -79.90 -3.47
C GLN H 226 4.38 -80.78 -3.02
N ASP H 227 4.70 -82.00 -2.52
CA ASP H 227 3.74 -83.02 -2.04
C ASP H 227 2.91 -82.49 -0.86
N ARG H 228 3.47 -81.55 -0.08
CA ARG H 228 2.74 -80.93 1.03
C ARG H 228 1.78 -79.89 0.46
N ALA H 229 0.64 -79.67 1.14
CA ALA H 229 -0.34 -78.68 0.72
C ALA H 229 0.26 -77.28 0.71
N LYS H 230 -0.17 -76.44 -0.26
CA LYS H 230 0.27 -75.05 -0.45
C LYS H 230 0.21 -74.24 0.88
N PRO H 231 1.35 -73.65 1.33
CA PRO H 231 1.34 -72.91 2.61
C PRO H 231 0.77 -71.50 2.43
N VAL H 232 -0.53 -71.47 2.18
CA VAL H 232 -1.29 -70.27 1.90
C VAL H 232 -1.63 -69.54 3.18
N THR H 233 -2.18 -68.33 3.03
CA THR H 233 -2.70 -67.51 4.11
C THR H 233 -3.85 -68.34 4.68
N GLN H 234 -3.78 -68.64 5.98
CA GLN H 234 -4.76 -69.49 6.65
C GLN H 234 -4.82 -69.22 8.16
N ILE H 235 -5.96 -69.59 8.76
CA ILE H 235 -6.17 -69.54 10.20
C ILE H 235 -5.98 -70.96 10.70
N VAL H 236 -5.08 -71.12 11.69
CA VAL H 236 -4.75 -72.39 12.34
C VAL H 236 -5.10 -72.19 13.83
N SER H 237 -5.97 -73.06 14.38
CA SER H 237 -6.41 -72.93 15.77
C SER H 237 -6.19 -74.19 16.60
N ALA H 238 -6.25 -74.01 17.92
CA ALA H 238 -6.22 -75.05 18.94
C ALA H 238 -7.23 -74.67 20.02
N GLU H 239 -7.87 -75.67 20.62
CA GLU H 239 -8.92 -75.41 21.60
C GLU H 239 -8.81 -76.35 22.79
N ALA H 240 -9.50 -75.97 23.87
CA ALA H 240 -9.62 -76.70 25.13
C ALA H 240 -10.87 -76.23 25.86
N TRP H 241 -11.51 -77.15 26.60
CA TRP H 241 -12.71 -76.86 27.40
C TRP H 241 -12.39 -76.90 28.91
N GLY H 242 -13.28 -76.31 29.72
CA GLY H 242 -13.16 -76.24 31.17
C GLY H 242 -13.35 -77.57 31.88
C1 GOL I . 37.92 2.20 -8.31
O1 GOL I . 37.05 3.26 -7.96
C2 GOL I . 37.19 1.06 -8.99
O2 GOL I . 38.07 -0.07 -9.17
C3 GOL I . 36.56 1.41 -10.32
O3 GOL I . 35.66 2.49 -10.22
O7 1VY J . 16.42 -21.29 2.08
C7 1VY J . 15.74 -20.96 0.91
C6 1VY J . 16.40 -21.28 -0.30
C9 1VY J . 17.69 -21.86 -0.31
N5 1VY J . 15.78 -20.98 -1.47
C4A 1VY J . 14.54 -20.41 -1.48
C4 1VY J . 13.91 -20.02 -2.68
O4 1VY J . 14.54 -20.05 -3.75
N3 1VY J . 12.73 -19.36 -2.65
C2 1VY J . 12.11 -19.12 -1.48
O2 1VY J . 11.01 -18.54 -1.46
N1 1VY J . 12.68 -19.49 -0.32
C8A 1VY J . 13.90 -20.10 -0.27
N8 1VY J . 14.49 -20.44 0.92
C1' 1VY J . 13.97 -19.86 2.18
C2' 1VY J . 13.02 -20.64 3.06
O2' 1VY J . 13.56 -21.91 3.39
C3' 1VY J . 11.59 -20.64 2.48
O3' 1VY J . 11.25 -19.36 1.90
C4' 1VY J . 10.53 -21.09 3.50
O4' 1VY J . 9.30 -21.22 2.80
C5' 1VY J . 10.37 -20.04 4.59
O5' 1VY J . 10.70 -20.57 5.86
O7 1VY K . -10.77 30.19 -20.93
C7 1VY K . -9.54 30.67 -21.28
C6 1VY K . -9.48 31.99 -21.77
C9 1VY K . -10.66 32.74 -21.91
N5 1VY K . -8.28 32.52 -22.15
C4A 1VY K . -7.16 31.76 -22.06
C4 1VY K . -5.91 32.25 -22.47
O4 1VY K . -5.81 33.35 -23.00
N3 1VY K . -4.83 31.44 -22.42
C2 1VY K . -4.89 30.18 -21.93
O2 1VY K . -3.90 29.44 -21.92
N1 1VY K . -6.08 29.69 -21.54
C8A 1VY K . -7.23 30.42 -21.59
N8 1VY K . -8.43 29.91 -21.17
C1' 1VY K . -8.58 28.45 -20.83
C2' 1VY K . -8.42 27.99 -19.39
O2' 1VY K . -9.21 28.81 -18.50
C3' 1VY K . -6.93 27.90 -19.01
O3' 1VY K . -6.14 27.39 -20.11
C4' 1VY K . -6.67 27.12 -17.69
O4' 1VY K . -5.31 27.37 -17.33
C5' 1VY K . -6.82 25.61 -17.88
O5' 1VY K . -7.53 25.00 -16.80
#